data_1Z7D
#
_entry.id   1Z7D
#
_cell.length_a   55.489
_cell.length_b   221.829
_cell.length_c   114.484
_cell.angle_alpha   90.00
_cell.angle_beta   100.89
_cell.angle_gamma   90.00
#
_symmetry.space_group_name_H-M   'P 1 21 1'
#
loop_
_entity.id
_entity.type
_entity.pdbx_description
1 polymer 'ornithine aminotransferase'
2 water water
#
_entity_poly.entity_id   1
_entity_poly.type   'polypeptide(L)'
_entity_poly.pdbx_seq_one_letter_code
;MGSSHHHHHHSSGLVPRGSMEFVKDLKTPEDYINNELKYGAHNYDPIPVVLKRAKGVFVYDVNDKRYYDFLSAYSSVNQG
HCHPNILNAMINQAKNLTICSRAFFSVPLGICERYLTNLLGYDKVLMMNTGAEANETAYKLCRKWGYEVKKIPENMAKIV
VCKNNFSGRTLGCISASTTKKCTSNFGPFAPQFSKVPYDDLEALEEELKDPNVCAFIVEPIQGEAGVIVPSDNYLQGVYD
ICKKYNVLFVADEVQTGLGRTGKLLCVHHYNVKPDVILLGKALSGGHYPISAVLANDDIMLVIKPGEHGSTYGGNPLAAS
ICVEALNVLINEKLCENAEKLGGPFLENLKRELKDSKIVRDVRGKGLLCAIEFKNELVNVLDICLKLKENGLITRDVHDK
TIRLTPPLCITKEQLDECTEIIVKTVKFFDERF
;
_entity_poly.pdbx_strand_id   A,B,C,D,E,F
#
# COMPACT_ATOMS: atom_id res chain seq x y z
N LYS A 27 -13.08 -53.85 -11.45
CA LYS A 27 -12.68 -54.73 -10.32
C LYS A 27 -12.78 -53.99 -8.95
N THR A 28 -12.10 -54.48 -7.91
CA THR A 28 -12.07 -53.79 -6.61
C THR A 28 -10.86 -52.84 -6.56
N PRO A 29 -10.80 -51.93 -5.55
CA PRO A 29 -9.60 -51.12 -5.33
C PRO A 29 -8.31 -51.94 -5.22
N GLU A 30 -8.36 -53.05 -4.45
CA GLU A 30 -7.21 -53.91 -4.27
C GLU A 30 -6.80 -54.57 -5.59
N ASP A 31 -7.77 -54.94 -6.41
CA ASP A 31 -7.46 -55.57 -7.69
C ASP A 31 -6.64 -54.65 -8.60
N TYR A 32 -7.00 -53.37 -8.65
CA TYR A 32 -6.27 -52.39 -9.46
C TYR A 32 -4.87 -52.17 -8.95
N ILE A 33 -4.78 -51.99 -7.63
CA ILE A 33 -3.51 -51.80 -6.96
C ILE A 33 -2.56 -52.96 -7.20
N ASN A 34 -3.08 -54.18 -7.05
CA ASN A 34 -2.26 -55.38 -7.24
C ASN A 34 -1.86 -55.57 -8.68
N ASN A 35 -2.76 -55.21 -9.59
CA ASN A 35 -2.44 -55.28 -11.01
C ASN A 35 -1.30 -54.29 -11.38
N GLU A 36 -1.19 -53.20 -10.62
CA GLU A 36 -0.12 -52.23 -10.87
C GLU A 36 1.18 -52.73 -10.27
N LEU A 37 1.07 -53.39 -9.12
CA LEU A 37 2.21 -54.00 -8.48
C LEU A 37 2.81 -55.10 -9.36
N LYS A 38 1.96 -55.80 -10.10
CA LYS A 38 2.44 -56.88 -10.96
C LYS A 38 3.09 -56.34 -12.23
N TYR A 39 2.40 -55.43 -12.92
CA TYR A 39 2.81 -55.00 -14.28
C TYR A 39 3.61 -53.70 -14.39
N GLY A 40 3.72 -52.97 -13.28
CA GLY A 40 4.35 -51.67 -13.30
C GLY A 40 5.47 -51.60 -12.31
N ALA A 41 6.48 -50.77 -12.62
CA ALA A 41 7.60 -50.56 -11.73
C ALA A 41 7.10 -50.03 -10.39
N HIS A 42 7.82 -50.31 -9.31
CA HIS A 42 7.42 -49.87 -7.97
C HIS A 42 8.14 -48.57 -7.57
N ASN A 43 8.05 -47.55 -8.44
CA ASN A 43 8.68 -46.26 -8.18
C ASN A 43 7.84 -45.33 -7.31
N TYR A 44 6.57 -45.66 -7.09
CA TYR A 44 5.74 -44.86 -6.16
C TYR A 44 5.06 -45.71 -5.09
N ASP A 45 4.81 -45.11 -3.93
CA ASP A 45 3.99 -45.74 -2.87
C ASP A 45 2.72 -44.88 -2.64
N PRO A 46 1.72 -44.99 -3.55
CA PRO A 46 0.60 -44.03 -3.45
C PRO A 46 -0.33 -44.29 -2.26
N ILE A 47 -1.09 -43.27 -1.86
CA ILE A 47 -2.27 -43.47 -1.01
C ILE A 47 -3.19 -44.44 -1.74
N PRO A 48 -3.64 -45.51 -1.06
CA PRO A 48 -4.46 -46.50 -1.79
C PRO A 48 -5.93 -46.08 -2.00
N VAL A 49 -6.13 -45.08 -2.85
CA VAL A 49 -7.43 -44.76 -3.42
C VAL A 49 -7.24 -44.93 -4.91
N VAL A 50 -8.22 -45.53 -5.58
CA VAL A 50 -8.11 -45.79 -7.01
C VAL A 50 -9.15 -44.95 -7.73
N LEU A 51 -8.67 -43.90 -8.39
CA LEU A 51 -9.54 -42.90 -9.02
C LEU A 51 -9.96 -43.25 -10.43
N LYS A 52 -11.20 -42.92 -10.77
CA LYS A 52 -11.68 -43.16 -12.14
C LYS A 52 -12.33 -41.93 -12.77
N ARG A 53 -12.74 -40.98 -11.94
CA ARG A 53 -13.39 -39.77 -12.46
C ARG A 53 -13.15 -38.58 -11.55
N ALA A 54 -13.31 -37.39 -12.11
CA ALA A 54 -13.06 -36.15 -11.39
C ALA A 54 -13.72 -35.01 -12.10
N LYS A 55 -14.14 -34.02 -11.34
CA LYS A 55 -14.80 -32.84 -11.91
C LYS A 55 -14.68 -31.76 -10.86
N GLY A 56 -14.09 -30.62 -11.22
CA GLY A 56 -14.00 -29.50 -10.29
C GLY A 56 -13.10 -29.84 -9.11
N VAL A 57 -13.64 -29.66 -7.90
CA VAL A 57 -12.92 -29.97 -6.65
C VAL A 57 -12.97 -31.44 -6.24
N PHE A 58 -13.77 -32.25 -6.93
CA PHE A 58 -14.03 -33.62 -6.48
C PHE A 58 -13.38 -34.67 -7.34
N VAL A 59 -13.01 -35.80 -6.71
CA VAL A 59 -12.61 -37.02 -7.42
C VAL A 59 -13.45 -38.21 -6.93
N TYR A 60 -13.59 -39.22 -7.77
CA TYR A 60 -14.43 -40.39 -7.49
C TYR A 60 -13.67 -41.67 -7.68
N ASP A 61 -13.68 -42.52 -6.67
CA ASP A 61 -13.01 -43.80 -6.79
C ASP A 61 -13.86 -44.90 -7.44
N VAL A 62 -13.27 -46.08 -7.56
CA VAL A 62 -13.91 -47.20 -8.23
C VAL A 62 -15.16 -47.70 -7.47
N ASN A 63 -15.26 -47.38 -6.19
CA ASN A 63 -16.45 -47.69 -5.37
C ASN A 63 -17.47 -46.57 -5.40
N ASP A 64 -17.23 -45.59 -6.28
CA ASP A 64 -18.08 -44.40 -6.43
C ASP A 64 -18.06 -43.46 -5.22
N LYS A 65 -17.12 -43.67 -4.30
CA LYS A 65 -16.85 -42.69 -3.21
C LYS A 65 -16.25 -41.39 -3.72
N ARG A 66 -16.77 -40.29 -3.19
CA ARG A 66 -16.36 -38.95 -3.60
C ARG A 66 -15.41 -38.38 -2.56
N TYR A 67 -14.37 -37.72 -3.03
CA TYR A 67 -13.41 -37.06 -2.14
C TYR A 67 -13.17 -35.67 -2.60
N TYR A 68 -12.96 -34.77 -1.65
CA TYR A 68 -12.35 -33.48 -1.93
C TYR A 68 -10.85 -33.68 -2.26
N ASP A 69 -10.44 -33.29 -3.45
CA ASP A 69 -9.02 -33.33 -3.83
C ASP A 69 -8.30 -32.10 -3.28
N PHE A 70 -7.47 -32.30 -2.26
CA PHE A 70 -6.69 -31.20 -1.68
C PHE A 70 -5.20 -31.21 -2.09
N LEU A 71 -4.93 -31.80 -3.25
CA LEU A 71 -3.60 -31.80 -3.82
C LEU A 71 -3.63 -31.01 -5.14
N SER A 72 -4.77 -31.08 -5.83
CA SER A 72 -4.92 -30.49 -7.17
C SER A 72 -3.79 -30.98 -8.12
N ALA A 73 -3.37 -32.23 -7.98
CA ALA A 73 -2.26 -32.75 -8.78
C ALA A 73 -1.09 -31.77 -8.73
N TYR A 74 -0.73 -31.30 -7.53
CA TYR A 74 0.33 -30.29 -7.34
C TYR A 74 0.13 -29.02 -8.16
N SER A 75 -1.11 -28.52 -8.17
CA SER A 75 -1.55 -27.31 -8.92
C SER A 75 -1.81 -27.43 -10.43
N SER A 76 -1.68 -28.62 -10.99
CA SER A 76 -1.97 -28.75 -12.41
C SER A 76 -3.47 -28.48 -12.66
N VAL A 77 -4.33 -28.84 -11.70
CA VAL A 77 -5.77 -28.63 -11.87
C VAL A 77 -6.29 -27.48 -11.01
N ASN A 78 -5.54 -26.38 -11.00
CA ASN A 78 -6.01 -25.14 -10.39
C ASN A 78 -7.41 -24.76 -10.90
N GLN A 79 -7.68 -25.01 -12.18
CA GLN A 79 -8.95 -24.66 -12.85
C GLN A 79 -10.10 -25.62 -12.49
N GLY A 80 -9.80 -26.64 -11.70
CA GLY A 80 -10.68 -27.75 -11.43
C GLY A 80 -10.38 -28.92 -12.34
N HIS A 81 -10.64 -30.13 -11.87
CA HIS A 81 -10.51 -31.31 -12.74
C HIS A 81 -11.45 -31.27 -13.94
N CYS A 82 -10.91 -31.66 -15.10
CA CYS A 82 -11.70 -31.86 -16.32
C CYS A 82 -12.56 -30.67 -16.73
N HIS A 83 -11.95 -29.49 -16.75
CA HIS A 83 -12.65 -28.30 -17.22
C HIS A 83 -13.08 -28.41 -18.69
N PRO A 84 -14.41 -28.32 -18.95
CA PRO A 84 -14.91 -28.57 -20.29
C PRO A 84 -14.39 -27.58 -21.33
N ASN A 85 -14.15 -26.34 -20.95
CA ASN A 85 -13.64 -25.37 -21.90
C ASN A 85 -12.20 -25.72 -22.32
N ILE A 86 -11.44 -26.31 -21.41
CA ILE A 86 -10.07 -26.75 -21.74
C ILE A 86 -10.07 -28.02 -22.60
N LEU A 87 -10.92 -29.00 -22.28
CA LEU A 87 -11.15 -30.14 -23.16
C LEU A 87 -11.53 -29.70 -24.59
N ASN A 88 -12.48 -28.76 -24.68
CA ASN A 88 -12.94 -28.28 -25.99
C ASN A 88 -11.83 -27.65 -26.83
N ALA A 89 -10.96 -26.86 -26.20
CA ALA A 89 -9.78 -26.34 -26.92
C ALA A 89 -8.86 -27.47 -27.34
N MET A 90 -8.67 -28.43 -26.45
CA MET A 90 -7.90 -29.64 -26.77
C MET A 90 -8.49 -30.40 -27.96
N ILE A 91 -9.79 -30.74 -27.93
CA ILE A 91 -10.47 -31.33 -29.11
C ILE A 91 -10.38 -30.48 -30.37
N ASN A 92 -10.71 -29.18 -30.29
CA ASN A 92 -10.70 -28.36 -31.51
C ASN A 92 -9.34 -28.32 -32.20
N GLN A 93 -8.26 -28.34 -31.40
CA GLN A 93 -6.91 -28.37 -31.94
C GLN A 93 -6.50 -29.75 -32.37
N ALA A 94 -6.78 -30.75 -31.54
CA ALA A 94 -6.31 -32.11 -31.86
C ALA A 94 -6.93 -32.71 -33.13
N LYS A 95 -8.09 -32.19 -33.54
CA LYS A 95 -8.76 -32.60 -34.78
C LYS A 95 -8.01 -32.07 -36.00
N ASN A 96 -7.32 -30.94 -35.84
CA ASN A 96 -6.55 -30.31 -36.92
C ASN A 96 -5.09 -30.70 -36.98
N LEU A 97 -4.38 -30.71 -35.84
CA LEU A 97 -2.91 -30.93 -35.82
C LEU A 97 -2.44 -31.06 -34.37
N THR A 98 -1.71 -32.12 -34.06
CA THR A 98 -1.22 -32.33 -32.69
C THR A 98 0.28 -32.15 -32.57
N ILE A 99 1.05 -32.58 -33.58
CA ILE A 99 2.52 -32.46 -33.56
C ILE A 99 3.10 -32.52 -34.97
N CYS A 100 4.10 -31.69 -35.24
CA CYS A 100 4.82 -31.78 -36.53
C CYS A 100 6.32 -31.80 -36.27
N SER A 101 6.68 -31.50 -35.02
CA SER A 101 8.08 -31.34 -34.56
C SER A 101 8.61 -29.93 -34.87
N ARG A 102 9.71 -29.54 -34.23
CA ARG A 102 10.21 -28.17 -34.36
C ARG A 102 11.09 -28.03 -35.63
N ALA A 103 11.08 -29.06 -36.47
CA ALA A 103 11.68 -28.99 -37.81
C ALA A 103 10.89 -28.03 -38.69
N PHE A 104 9.63 -27.77 -38.32
CA PHE A 104 8.72 -26.89 -39.06
C PHE A 104 8.03 -25.98 -38.06
N PHE A 105 7.29 -24.98 -38.54
CA PHE A 105 6.50 -24.10 -37.68
C PHE A 105 5.04 -24.55 -37.65
N SER A 106 4.35 -24.25 -36.57
CA SER A 106 2.92 -24.50 -36.53
C SER A 106 2.26 -23.20 -36.19
N VAL A 107 1.03 -23.05 -36.64
CA VAL A 107 0.25 -21.82 -36.32
C VAL A 107 0.10 -21.54 -34.83
N PRO A 108 -0.33 -22.52 -34.02
CA PRO A 108 -0.68 -22.25 -32.62
C PRO A 108 0.45 -21.79 -31.66
N LEU A 109 1.69 -22.25 -31.88
CA LEU A 109 2.80 -21.83 -31.01
C LEU A 109 2.97 -20.30 -30.87
N GLY A 110 3.05 -19.58 -31.98
CA GLY A 110 3.23 -18.13 -31.88
C GLY A 110 2.03 -17.43 -31.25
N ILE A 111 0.85 -17.99 -31.46
CA ILE A 111 -0.36 -17.51 -30.80
C ILE A 111 -0.18 -17.60 -29.30
N CYS A 112 0.33 -18.75 -28.82
CA CYS A 112 0.56 -18.95 -27.40
C CYS A 112 1.65 -18.02 -26.85
N GLU A 113 2.79 -17.96 -27.58
CA GLU A 113 3.92 -17.12 -27.17
C GLU A 113 3.50 -15.66 -27.05
N ARG A 114 2.84 -15.13 -28.09
CA ARG A 114 2.29 -13.76 -28.00
C ARG A 114 1.34 -13.60 -26.80
N TYR A 115 0.40 -14.54 -26.63
CA TYR A 115 -0.56 -14.48 -25.51
C TYR A 115 0.13 -14.44 -24.14
N LEU A 116 1.06 -15.35 -23.91
CA LEU A 116 1.74 -15.46 -22.60
C LEU A 116 2.61 -14.28 -22.29
N THR A 117 3.38 -13.83 -23.28
CA THR A 117 4.29 -12.73 -23.06
C THR A 117 3.52 -11.42 -22.81
N ASN A 118 2.42 -11.21 -23.53
CA ASN A 118 1.57 -10.02 -23.33
C ASN A 118 0.99 -10.11 -21.91
N LEU A 119 0.46 -11.27 -21.53
CA LEU A 119 -0.16 -11.47 -20.21
C LEU A 119 0.78 -11.15 -19.06
N LEU A 120 2.04 -11.61 -19.14
CA LEU A 120 2.91 -11.58 -17.97
C LEU A 120 3.90 -10.45 -18.04
N GLY A 121 3.99 -9.80 -19.19
CA GLY A 121 4.88 -8.66 -19.35
C GLY A 121 6.36 -9.01 -19.49
N TYR A 122 6.64 -9.99 -20.31
CA TYR A 122 8.03 -10.30 -20.69
C TYR A 122 8.10 -10.31 -22.19
N ASP A 123 9.28 -10.07 -22.75
CA ASP A 123 9.45 -10.03 -24.18
C ASP A 123 9.24 -11.38 -24.83
N LYS A 124 9.75 -12.44 -24.18
CA LYS A 124 9.81 -13.74 -24.83
C LYS A 124 9.52 -14.90 -23.88
N VAL A 125 9.06 -16.00 -24.47
CA VAL A 125 8.83 -17.22 -23.74
C VAL A 125 9.47 -18.39 -24.48
N LEU A 126 9.81 -19.41 -23.72
CA LEU A 126 10.33 -20.65 -24.29
C LEU A 126 9.50 -21.78 -23.71
N MET A 127 8.73 -22.48 -24.57
CA MET A 127 7.74 -23.48 -24.13
C MET A 127 8.39 -24.86 -24.08
N MET A 128 8.13 -25.58 -23.00
CA MET A 128 8.60 -26.95 -22.83
C MET A 128 7.48 -27.78 -22.27
N ASN A 129 7.80 -28.98 -21.77
CA ASN A 129 6.79 -29.95 -21.31
C ASN A 129 6.71 -30.07 -19.81
N THR A 130 7.86 -30.29 -19.15
CA THR A 130 7.88 -30.60 -17.72
C THR A 130 8.60 -29.52 -16.89
N GLY A 131 8.34 -29.54 -15.59
CA GLY A 131 8.97 -28.64 -14.64
C GLY A 131 10.48 -28.80 -14.64
N ALA A 132 10.96 -30.05 -14.71
CA ALA A 132 12.42 -30.28 -14.72
C ALA A 132 13.05 -29.72 -15.96
N GLU A 133 12.30 -29.74 -17.08
CA GLU A 133 12.82 -29.19 -18.32
C GLU A 133 12.93 -27.67 -18.24
N ALA A 134 11.95 -27.04 -17.58
CA ALA A 134 11.98 -25.59 -17.40
C ALA A 134 13.20 -25.19 -16.53
N ASN A 135 13.46 -25.96 -15.47
CA ASN A 135 14.60 -25.76 -14.57
C ASN A 135 15.93 -25.87 -15.31
N GLU A 136 16.13 -26.94 -16.09
CA GLU A 136 17.36 -27.14 -16.86
C GLU A 136 17.54 -26.11 -17.95
N THR A 137 16.46 -25.75 -18.61
CA THR A 137 16.48 -24.65 -19.56
C THR A 137 16.87 -23.32 -18.90
N ALA A 138 16.32 -23.04 -17.73
CA ALA A 138 16.68 -21.84 -16.98
C ALA A 138 18.18 -21.88 -16.60
N TYR A 139 18.67 -23.04 -16.18
CA TYR A 139 20.10 -23.16 -15.78
C TYR A 139 21.01 -22.79 -16.92
N LYS A 140 20.74 -23.36 -18.09
CA LYS A 140 21.49 -23.10 -19.30
C LYS A 140 21.41 -21.65 -19.77
N LEU A 141 20.20 -21.06 -19.68
CA LEU A 141 19.98 -19.68 -20.07
C LEU A 141 20.78 -18.78 -19.17
N CYS A 142 20.73 -19.06 -17.89
CA CYS A 142 21.38 -18.23 -16.91
C CYS A 142 22.89 -18.24 -17.13
N ARG A 143 23.47 -19.41 -17.33
CA ARG A 143 24.93 -19.52 -17.53
C ARG A 143 25.38 -18.92 -18.85
N LYS A 144 24.58 -19.08 -19.90
CA LYS A 144 24.97 -18.51 -21.15
C LYS A 144 24.90 -16.98 -21.08
N TRP A 145 23.93 -16.46 -20.36
CA TRP A 145 23.88 -15.02 -20.14
C TRP A 145 25.11 -14.61 -19.29
N GLY A 146 25.43 -15.43 -18.29
CA GLY A 146 26.63 -15.25 -17.47
C GLY A 146 27.90 -15.11 -18.31
N TYR A 147 28.14 -16.08 -19.19
CA TYR A 147 29.25 -16.01 -20.13
C TYR A 147 29.17 -14.88 -21.18
N GLU A 148 28.03 -14.74 -21.85
CA GLU A 148 27.91 -13.89 -23.04
C GLU A 148 27.73 -12.41 -22.68
N VAL A 149 27.10 -12.15 -21.55
CA VAL A 149 26.74 -10.78 -21.19
C VAL A 149 27.52 -10.33 -19.97
N LYS A 150 27.56 -11.14 -18.92
CA LYS A 150 28.31 -10.76 -17.74
C LYS A 150 29.80 -10.96 -17.93
N LYS A 151 30.18 -11.69 -18.97
CA LYS A 151 31.58 -11.98 -19.30
C LYS A 151 32.29 -12.76 -18.18
N ILE A 152 31.56 -13.64 -17.51
CA ILE A 152 32.13 -14.61 -16.58
C ILE A 152 33.04 -15.56 -17.37
N PRO A 153 34.27 -15.83 -16.86
CA PRO A 153 35.20 -16.73 -17.58
C PRO A 153 34.61 -18.13 -17.72
N GLU A 154 34.98 -18.79 -18.80
CA GLU A 154 34.38 -20.06 -19.15
C GLU A 154 34.45 -21.07 -18.01
N ASN A 155 33.37 -21.84 -17.92
CA ASN A 155 33.20 -22.86 -16.90
C ASN A 155 32.88 -22.34 -15.50
N MET A 156 33.02 -21.04 -15.26
CA MET A 156 32.88 -20.47 -13.90
C MET A 156 31.45 -20.02 -13.49
N ALA A 157 30.49 -20.03 -14.39
CA ALA A 157 29.16 -19.46 -14.08
C ALA A 157 28.44 -20.25 -12.99
N LYS A 158 28.18 -19.59 -11.88
CA LYS A 158 27.63 -20.24 -10.70
C LYS A 158 26.15 -19.86 -10.55
N ILE A 159 25.31 -20.86 -10.31
CA ILE A 159 23.94 -20.58 -9.91
C ILE A 159 23.74 -20.78 -8.43
N VAL A 160 23.17 -19.78 -7.76
CA VAL A 160 22.79 -19.94 -6.36
C VAL A 160 21.33 -20.41 -6.22
N VAL A 161 21.11 -21.34 -5.29
CA VAL A 161 19.82 -21.94 -5.04
C VAL A 161 19.60 -21.96 -3.50
N CYS A 162 18.37 -22.13 -3.05
CA CYS A 162 18.06 -22.24 -1.62
C CYS A 162 18.09 -23.66 -1.10
N LYS A 163 18.55 -23.83 0.15
CA LYS A 163 18.48 -25.13 0.85
C LYS A 163 17.03 -25.62 0.92
N ASN A 164 16.85 -26.94 0.78
CA ASN A 164 15.51 -27.58 0.70
C ASN A 164 14.66 -27.13 -0.51
N ASN A 165 15.33 -26.85 -1.63
CA ASN A 165 14.72 -26.28 -2.84
C ASN A 165 13.73 -27.21 -3.57
N GLN A 192 28.17 -26.04 -11.64
CA GLN A 192 28.55 -25.20 -10.50
C GLN A 192 27.34 -24.54 -9.78
N PHE A 193 26.98 -25.05 -8.61
CA PHE A 193 25.90 -24.52 -7.78
C PHE A 193 26.41 -24.20 -6.39
N SER A 194 25.70 -23.34 -5.68
CA SER A 194 25.91 -23.12 -4.27
C SER A 194 24.55 -22.93 -3.62
N LYS A 195 24.45 -23.18 -2.33
CA LYS A 195 23.18 -23.10 -1.61
C LYS A 195 23.23 -22.08 -0.50
N VAL A 196 22.07 -21.48 -0.25
CA VAL A 196 21.91 -20.51 0.82
C VAL A 196 20.64 -20.90 1.57
N PRO A 197 20.54 -20.59 2.88
CA PRO A 197 19.25 -20.85 3.48
C PRO A 197 18.21 -19.92 2.89
N TYR A 198 16.97 -20.41 2.82
CA TYR A 198 15.82 -19.63 2.39
C TYR A 198 15.50 -18.52 3.39
N ASP A 199 15.00 -17.40 2.88
CA ASP A 199 14.55 -16.27 3.71
C ASP A 199 15.72 -15.65 4.49
N ASP A 200 16.86 -15.53 3.83
CA ASP A 200 18.09 -15.06 4.46
C ASP A 200 18.89 -14.10 3.55
N LEU A 201 18.67 -12.79 3.73
CA LEU A 201 19.28 -11.78 2.87
C LEU A 201 20.79 -11.60 3.05
N GLU A 202 21.27 -11.84 4.27
CA GLU A 202 22.70 -11.71 4.63
C GLU A 202 23.48 -12.80 3.92
N ALA A 203 23.00 -14.02 4.08
CA ALA A 203 23.58 -15.15 3.40
C ALA A 203 23.53 -14.96 1.88
N LEU A 204 22.46 -14.33 1.38
CA LEU A 204 22.32 -14.15 -0.07
C LEU A 204 23.36 -13.19 -0.60
N GLU A 205 23.46 -12.04 0.06
CA GLU A 205 24.41 -10.98 -0.33
C GLU A 205 25.86 -11.45 -0.28
N GLU A 206 26.16 -12.32 0.68
CA GLU A 206 27.50 -12.90 0.82
C GLU A 206 27.86 -13.74 -0.40
N GLU A 207 26.91 -14.55 -0.88
CA GLU A 207 27.15 -15.38 -2.08
C GLU A 207 27.29 -14.57 -3.36
N LEU A 208 26.44 -13.56 -3.51
CA LEU A 208 26.37 -12.78 -4.76
C LEU A 208 27.52 -11.78 -4.96
N LYS A 209 28.25 -11.48 -3.87
CA LYS A 209 29.53 -10.77 -3.91
C LYS A 209 30.50 -11.42 -4.87
N ASP A 210 30.40 -12.74 -5.00
CA ASP A 210 31.21 -13.49 -5.95
C ASP A 210 30.78 -13.04 -7.35
N PRO A 211 31.73 -12.46 -8.12
CA PRO A 211 31.47 -11.97 -9.45
C PRO A 211 31.07 -13.05 -10.45
N ASN A 212 31.21 -14.32 -10.08
CA ASN A 212 30.95 -15.40 -11.02
C ASN A 212 29.53 -16.00 -10.89
N VAL A 213 28.79 -15.51 -9.91
CA VAL A 213 27.36 -15.80 -9.78
C VAL A 213 26.60 -15.20 -10.96
N CYS A 214 25.95 -16.07 -11.74
CA CYS A 214 25.10 -15.64 -12.86
C CYS A 214 23.59 -15.49 -12.49
N ALA A 215 23.12 -16.24 -11.49
CA ALA A 215 21.68 -16.26 -11.17
C ALA A 215 21.43 -16.72 -9.78
N PHE A 216 20.31 -16.26 -9.24
CA PHE A 216 19.73 -16.81 -8.04
C PHE A 216 18.32 -17.31 -8.39
N ILE A 217 18.07 -18.57 -8.11
CA ILE A 217 16.71 -19.08 -8.27
C ILE A 217 16.02 -19.50 -6.98
N VAL A 218 14.79 -19.04 -6.81
CA VAL A 218 14.08 -19.10 -5.55
C VAL A 218 12.57 -19.25 -5.84
N GLU A 219 11.87 -20.07 -5.07
CA GLU A 219 10.42 -20.17 -5.17
C GLU A 219 9.89 -19.13 -4.19
N PRO A 220 8.87 -18.37 -4.59
CA PRO A 220 8.24 -17.38 -3.70
C PRO A 220 7.67 -17.97 -2.39
N ILE A 221 7.31 -19.24 -2.40
CA ILE A 221 6.93 -19.98 -1.20
C ILE A 221 7.50 -21.34 -1.50
N GLN A 222 8.37 -21.86 -0.63
CA GLN A 222 8.93 -23.21 -0.85
C GLN A 222 7.85 -24.24 -0.65
N GLY A 223 7.64 -25.08 -1.67
CA GLY A 223 6.64 -26.15 -1.61
C GLY A 223 7.14 -27.43 -0.99
N GLU A 224 8.17 -28.03 -1.58
CA GLU A 224 8.71 -29.30 -1.13
C GLU A 224 9.22 -29.26 0.31
N ALA A 225 9.69 -28.09 0.74
CA ALA A 225 10.16 -27.89 2.12
C ALA A 225 9.00 -27.97 3.14
N GLY A 226 7.78 -27.74 2.67
CA GLY A 226 6.59 -27.82 3.50
C GLY A 226 5.82 -26.52 3.54
N VAL A 227 5.54 -25.96 2.36
CA VAL A 227 4.88 -24.63 2.25
C VAL A 227 5.50 -23.60 3.20
N ILE A 228 6.72 -23.16 2.88
CA ILE A 228 7.41 -22.17 3.70
C ILE A 228 7.28 -20.79 3.09
N VAL A 229 6.59 -19.91 3.81
CA VAL A 229 6.26 -18.55 3.37
C VAL A 229 7.34 -17.64 3.93
N PRO A 230 8.01 -16.86 3.06
CA PRO A 230 9.11 -16.04 3.54
C PRO A 230 8.56 -14.79 4.25
N SER A 231 9.39 -14.05 4.96
CA SER A 231 8.90 -12.83 5.58
C SER A 231 8.53 -11.89 4.45
N ASP A 232 7.57 -10.99 4.71
CA ASP A 232 7.35 -9.86 3.83
C ASP A 232 8.70 -9.19 3.75
N ASN A 233 9.00 -8.50 2.66
CA ASN A 233 10.33 -7.87 2.53
C ASN A 233 11.49 -8.80 2.08
N TYR A 234 11.31 -10.12 2.15
CA TYR A 234 12.31 -11.04 1.60
C TYR A 234 12.51 -10.82 0.10
N LEU A 235 11.43 -10.95 -0.67
CA LEU A 235 11.54 -10.85 -2.14
C LEU A 235 11.96 -9.49 -2.66
N GLN A 236 11.60 -8.41 -1.94
CA GLN A 236 12.17 -7.08 -2.24
C GLN A 236 13.66 -7.08 -1.95
N GLY A 237 14.06 -7.73 -0.87
CA GLY A 237 15.48 -7.91 -0.59
C GLY A 237 16.19 -8.67 -1.70
N VAL A 238 15.57 -9.74 -2.19
CA VAL A 238 16.17 -10.55 -3.25
C VAL A 238 16.33 -9.68 -4.48
N TYR A 239 15.27 -8.98 -4.82
CA TYR A 239 15.27 -8.14 -6.00
C TYR A 239 16.38 -7.12 -5.91
N ASP A 240 16.53 -6.49 -4.74
CA ASP A 240 17.58 -5.45 -4.52
C ASP A 240 19.01 -5.98 -4.59
N ILE A 241 19.25 -7.13 -3.98
CA ILE A 241 20.60 -7.69 -3.94
C ILE A 241 21.04 -8.17 -5.31
N CYS A 242 20.12 -8.84 -6.02
CA CYS A 242 20.37 -9.30 -7.37
C CYS A 242 20.62 -8.15 -8.29
N LYS A 243 19.92 -7.05 -8.11
CA LYS A 243 20.19 -5.85 -8.94
C LYS A 243 21.58 -5.24 -8.63
N LYS A 244 21.88 -5.12 -7.34
CA LYS A 244 23.18 -4.63 -6.86
C LYS A 244 24.33 -5.31 -7.57
N TYR A 245 24.28 -6.64 -7.60
CA TYR A 245 25.42 -7.45 -8.08
C TYR A 245 25.31 -7.93 -9.51
N ASN A 246 24.32 -7.43 -10.24
CA ASN A 246 24.12 -7.82 -11.64
C ASN A 246 23.99 -9.35 -11.75
N VAL A 247 23.03 -9.91 -11.02
CA VAL A 247 22.72 -11.34 -10.96
C VAL A 247 21.25 -11.53 -11.40
N LEU A 248 20.99 -12.49 -12.26
CA LEU A 248 19.62 -12.78 -12.68
C LEU A 248 18.80 -13.26 -11.50
N PHE A 249 17.67 -12.58 -11.27
CA PHE A 249 16.66 -12.98 -10.28
C PHE A 249 15.66 -13.89 -11.02
N VAL A 250 15.71 -15.19 -10.72
CA VAL A 250 14.80 -16.16 -11.36
C VAL A 250 13.76 -16.57 -10.34
N ALA A 251 12.48 -16.30 -10.62
CA ALA A 251 11.40 -16.79 -9.74
C ALA A 251 10.82 -18.07 -10.30
N ASP A 252 10.85 -19.12 -9.49
CA ASP A 252 10.25 -20.39 -9.85
C ASP A 252 8.78 -20.39 -9.39
N GLU A 253 7.87 -20.16 -10.32
CA GLU A 253 6.43 -20.07 -10.04
C GLU A 253 5.66 -21.25 -10.61
N VAL A 254 6.39 -22.34 -10.88
CA VAL A 254 5.77 -23.60 -11.33
C VAL A 254 4.62 -24.09 -10.39
N GLN A 255 4.81 -23.93 -9.08
CA GLN A 255 3.80 -24.26 -8.08
C GLN A 255 3.00 -23.05 -7.58
N THR A 256 3.64 -21.91 -7.43
CA THR A 256 3.03 -20.78 -6.72
C THR A 256 2.26 -19.90 -7.68
N GLY A 257 2.48 -20.10 -8.98
CA GLY A 257 1.91 -19.22 -9.99
C GLY A 257 0.46 -19.51 -10.33
N LEU A 258 -0.09 -18.68 -11.20
CA LEU A 258 -1.33 -18.98 -11.91
C LEU A 258 -2.50 -19.20 -10.94
N GLY A 259 -2.64 -18.24 -10.01
CA GLY A 259 -3.79 -18.19 -9.10
C GLY A 259 -3.68 -18.86 -7.73
N ARG A 260 -2.73 -19.78 -7.59
CA ARG A 260 -2.60 -20.60 -6.39
C ARG A 260 -2.48 -19.81 -5.08
N THR A 261 -1.74 -18.71 -5.10
CA THR A 261 -1.65 -17.88 -3.89
C THR A 261 -2.58 -16.64 -3.98
N GLY A 262 -3.38 -16.57 -5.04
CA GLY A 262 -4.28 -15.43 -5.22
C GLY A 262 -3.87 -14.44 -6.28
N LYS A 263 -2.76 -14.72 -6.99
CA LYS A 263 -2.30 -13.82 -8.07
C LYS A 263 -1.84 -14.67 -9.25
N LEU A 264 -1.72 -14.04 -10.43
CA LEU A 264 -1.10 -14.68 -11.59
C LEU A 264 0.33 -15.14 -11.33
N LEU A 265 1.08 -14.33 -10.58
CA LEU A 265 2.40 -14.71 -10.08
C LEU A 265 2.44 -14.31 -8.62
N CYS A 266 2.83 -15.23 -7.76
CA CYS A 266 2.95 -14.98 -6.32
C CYS A 266 3.83 -13.75 -6.05
N VAL A 267 4.79 -13.55 -6.94
CA VAL A 267 5.69 -12.40 -6.96
C VAL A 267 4.93 -11.04 -7.00
N HIS A 268 3.76 -11.01 -7.64
CA HIS A 268 2.88 -9.84 -7.70
C HIS A 268 2.44 -9.31 -6.33
N HIS A 269 2.25 -10.19 -5.36
CA HIS A 269 1.95 -9.82 -3.95
C HIS A 269 2.97 -8.78 -3.41
N TYR A 270 4.21 -8.88 -3.86
CA TYR A 270 5.33 -8.12 -3.29
C TYR A 270 5.78 -7.04 -4.25
N ASN A 271 4.96 -6.81 -5.29
CA ASN A 271 5.28 -5.83 -6.31
C ASN A 271 6.73 -5.87 -6.75
N VAL A 272 7.19 -7.06 -7.12
CA VAL A 272 8.57 -7.26 -7.54
C VAL A 272 8.64 -8.00 -8.89
N LYS A 273 9.50 -7.53 -9.79
CA LYS A 273 9.61 -8.12 -11.11
C LYS A 273 10.91 -8.89 -11.34
N PRO A 274 10.83 -10.24 -11.28
CA PRO A 274 12.01 -11.06 -11.57
C PRO A 274 12.50 -10.90 -13.00
N ASP A 275 13.79 -11.14 -13.18
CA ASP A 275 14.39 -11.19 -14.51
C ASP A 275 13.89 -12.39 -15.32
N VAL A 276 13.58 -13.50 -14.65
CA VAL A 276 13.20 -14.73 -15.37
C VAL A 276 12.12 -15.36 -14.55
N ILE A 277 11.09 -15.89 -15.22
CA ILE A 277 10.04 -16.64 -14.58
C ILE A 277 9.92 -18.07 -15.13
N LEU A 278 9.74 -19.03 -14.23
CA LEU A 278 9.45 -20.42 -14.63
C LEU A 278 7.99 -20.71 -14.30
N LEU A 279 7.26 -21.19 -15.29
CA LEU A 279 5.86 -21.59 -15.12
C LEU A 279 5.66 -23.04 -15.52
N GLY A 280 4.59 -23.65 -15.01
CA GLY A 280 4.19 -24.97 -15.47
C GLY A 280 2.84 -25.32 -14.86
N LYS A 281 2.67 -26.60 -14.56
CA LYS A 281 1.50 -27.19 -13.93
C LYS A 281 0.21 -26.70 -14.53
N ALA A 282 -0.36 -25.66 -13.91
CA ALA A 282 -1.67 -25.09 -14.25
C ALA A 282 -1.77 -24.52 -15.65
N LEU A 283 -0.61 -24.25 -16.24
CA LEU A 283 -0.56 -23.84 -17.65
C LEU A 283 -1.48 -24.67 -18.54
N SER A 284 -1.73 -25.91 -18.15
CA SER A 284 -2.44 -26.84 -18.99
C SER A 284 -3.78 -27.26 -18.39
N GLY A 285 -4.06 -26.82 -17.17
CA GLY A 285 -5.28 -27.24 -16.51
C GLY A 285 -5.30 -28.74 -16.35
N GLY A 286 -4.11 -29.33 -16.36
CA GLY A 286 -3.94 -30.79 -16.21
C GLY A 286 -4.18 -31.64 -17.47
N HIS A 287 -4.41 -30.99 -18.59
CA HIS A 287 -4.65 -31.73 -19.83
C HIS A 287 -3.41 -32.13 -20.60
N TYR A 288 -2.22 -31.67 -20.19
CA TYR A 288 -1.01 -31.87 -21.01
C TYR A 288 0.18 -31.37 -20.19
N PRO A 289 1.35 -32.04 -20.25
CA PRO A 289 2.55 -31.45 -19.57
C PRO A 289 3.04 -30.20 -20.30
N ILE A 290 2.87 -29.03 -19.70
CA ILE A 290 3.27 -27.81 -20.41
C ILE A 290 4.06 -26.99 -19.40
N SER A 291 5.20 -26.45 -19.81
CA SER A 291 5.95 -25.55 -18.93
C SER A 291 6.56 -24.48 -19.76
N ALA A 292 7.14 -23.48 -19.09
CA ALA A 292 7.58 -22.28 -19.79
C ALA A 292 8.62 -21.50 -19.01
N VAL A 293 9.51 -20.86 -19.76
CA VAL A 293 10.45 -19.89 -19.21
C VAL A 293 10.24 -18.57 -19.88
N LEU A 294 10.04 -17.50 -19.10
CA LEU A 294 9.91 -16.15 -19.65
C LEU A 294 11.03 -15.23 -19.20
N ALA A 295 11.48 -14.34 -20.11
CA ALA A 295 12.53 -13.36 -19.82
C ALA A 295 12.49 -12.31 -20.91
N ASN A 296 13.00 -11.12 -20.62
CA ASN A 296 13.13 -10.11 -21.68
C ASN A 296 14.26 -10.40 -22.65
N ASP A 297 14.26 -9.68 -23.77
CA ASP A 297 15.19 -9.93 -24.86
C ASP A 297 16.67 -9.83 -24.45
N ASP A 298 17.00 -8.97 -23.49
CA ASP A 298 18.40 -8.81 -23.10
C ASP A 298 18.96 -10.10 -22.51
N ILE A 299 18.06 -10.94 -22.00
CA ILE A 299 18.40 -12.27 -21.47
C ILE A 299 18.14 -13.34 -22.52
N MET A 300 16.88 -13.45 -22.99
CA MET A 300 16.47 -14.57 -23.87
C MET A 300 17.24 -14.65 -25.19
N LEU A 301 17.65 -13.50 -25.74
CA LEU A 301 18.31 -13.50 -27.05
C LEU A 301 19.70 -14.13 -27.04
N VAL A 302 20.16 -14.47 -25.85
CA VAL A 302 21.38 -15.23 -25.67
C VAL A 302 21.25 -16.70 -26.19
N ILE A 303 20.01 -17.18 -26.31
CA ILE A 303 19.74 -18.55 -26.79
C ILE A 303 19.81 -18.57 -28.33
N LYS A 304 20.47 -19.58 -28.88
CA LYS A 304 20.56 -19.73 -30.34
C LYS A 304 20.18 -21.16 -30.77
N PRO A 305 19.80 -21.34 -32.05
CA PRO A 305 19.42 -22.68 -32.52
C PRO A 305 20.54 -23.71 -32.38
N GLY A 306 20.17 -25.00 -32.46
CA GLY A 306 21.17 -26.08 -32.47
C GLY A 306 21.02 -26.90 -31.22
N GLU A 307 21.07 -26.20 -30.08
CA GLU A 307 20.62 -26.69 -28.78
C GLU A 307 20.70 -28.20 -28.62
N HIS A 308 19.59 -28.80 -28.21
CA HIS A 308 19.45 -30.25 -28.18
C HIS A 308 18.13 -30.63 -28.84
N GLY A 309 17.30 -31.37 -28.10
CA GLY A 309 15.97 -31.73 -28.57
C GLY A 309 14.98 -31.82 -27.43
N SER A 310 14.02 -32.72 -27.61
CA SER A 310 12.76 -32.84 -26.85
C SER A 310 11.62 -32.39 -27.78
N THR A 311 11.28 -33.31 -28.69
CA THR A 311 10.42 -33.06 -29.82
C THR A 311 9.06 -32.46 -29.49
N TYR A 312 8.54 -32.64 -28.27
CA TYR A 312 7.17 -32.19 -27.93
C TYR A 312 7.10 -30.77 -27.42
N GLY A 313 8.24 -30.18 -27.02
CA GLY A 313 8.26 -28.77 -26.57
C GLY A 313 7.73 -27.85 -27.66
N GLY A 314 6.77 -26.99 -27.29
CA GLY A 314 6.17 -26.03 -28.21
C GLY A 314 5.20 -26.62 -29.23
N ASN A 315 4.68 -27.82 -28.97
CA ASN A 315 3.81 -28.49 -29.95
C ASN A 315 2.47 -27.78 -30.10
N PRO A 316 1.85 -27.83 -31.30
CA PRO A 316 0.60 -27.12 -31.45
C PRO A 316 -0.51 -27.50 -30.47
N LEU A 317 -0.52 -28.73 -29.97
CA LEU A 317 -1.63 -29.15 -29.14
C LEU A 317 -1.48 -28.50 -27.77
N ALA A 318 -0.30 -28.59 -27.15
CA ALA A 318 0.00 -27.86 -25.93
C ALA A 318 -0.24 -26.35 -26.07
N ALA A 319 0.18 -25.77 -27.18
CA ALA A 319 0.03 -24.32 -27.39
C ALA A 319 -1.45 -23.84 -27.32
N SER A 320 -2.35 -24.62 -27.91
CA SER A 320 -3.80 -24.32 -27.89
C SER A 320 -4.45 -24.56 -26.54
N ILE A 321 -4.12 -25.67 -25.91
CA ILE A 321 -4.55 -25.95 -24.55
C ILE A 321 -4.13 -24.83 -23.62
N CYS A 322 -2.88 -24.39 -23.74
CA CYS A 322 -2.32 -23.42 -22.78
C CYS A 322 -3.09 -22.08 -22.74
N VAL A 323 -3.36 -21.53 -23.92
CA VAL A 323 -4.09 -20.26 -24.05
C VAL A 323 -5.49 -20.39 -23.40
N GLU A 324 -6.17 -21.51 -23.62
CA GLU A 324 -7.51 -21.72 -23.07
C GLU A 324 -7.48 -21.91 -21.56
N ALA A 325 -6.53 -22.72 -21.09
CA ALA A 325 -6.35 -22.97 -19.65
C ALA A 325 -6.15 -21.67 -18.86
N LEU A 326 -5.37 -20.75 -19.41
CA LEU A 326 -5.24 -19.42 -18.80
C LEU A 326 -6.46 -18.53 -19.04
N ASN A 327 -7.07 -18.61 -20.23
CA ASN A 327 -8.38 -17.94 -20.47
C ASN A 327 -9.40 -18.28 -19.39
N VAL A 328 -9.51 -19.58 -19.05
CA VAL A 328 -10.39 -20.04 -17.99
C VAL A 328 -10.06 -19.40 -16.63
N LEU A 329 -8.78 -19.49 -16.25
CA LEU A 329 -8.26 -18.91 -15.03
C LEU A 329 -8.68 -17.47 -14.85
N ILE A 330 -8.40 -16.67 -15.87
CA ILE A 330 -8.68 -15.24 -15.85
C ILE A 330 -10.19 -14.92 -15.91
N ASN A 331 -10.91 -15.49 -16.88
CA ASN A 331 -12.37 -15.28 -17.09
C ASN A 331 -13.23 -15.68 -15.89
N GLU A 332 -12.90 -16.82 -15.26
CA GLU A 332 -13.60 -17.26 -14.07
C GLU A 332 -13.09 -16.60 -12.80
N LYS A 333 -12.12 -15.69 -12.96
CA LYS A 333 -11.51 -14.99 -11.83
C LYS A 333 -11.12 -15.90 -10.65
N LEU A 334 -10.44 -17.01 -10.96
CA LEU A 334 -9.99 -17.92 -9.92
C LEU A 334 -8.88 -17.38 -9.03
N CYS A 335 -8.09 -16.45 -9.57
CA CYS A 335 -7.07 -15.77 -8.74
C CYS A 335 -7.78 -15.01 -7.59
N GLU A 336 -8.81 -14.25 -7.97
CA GLU A 336 -9.62 -13.50 -7.02
C GLU A 336 -10.30 -14.40 -5.99
N ASN A 337 -10.83 -15.55 -6.42
CA ASN A 337 -11.42 -16.53 -5.51
C ASN A 337 -10.44 -17.04 -4.47
N ALA A 338 -9.28 -17.54 -4.92
CA ALA A 338 -8.25 -18.03 -3.98
C ALA A 338 -7.84 -16.94 -2.98
N GLU A 339 -7.70 -15.74 -3.50
CA GLU A 339 -7.34 -14.54 -2.73
C GLU A 339 -8.43 -14.17 -1.69
N LYS A 340 -9.70 -14.23 -2.10
CA LYS A 340 -10.83 -13.99 -1.20
C LYS A 340 -11.00 -15.09 -0.14
N LEU A 341 -11.07 -16.34 -0.58
CA LEU A 341 -11.37 -17.45 0.32
C LEU A 341 -10.22 -17.94 1.17
N GLY A 342 -9.00 -17.81 0.68
CA GLY A 342 -7.84 -18.46 1.31
C GLY A 342 -7.47 -17.95 2.70
N GLY A 343 -7.44 -16.63 2.85
CA GLY A 343 -7.13 -15.99 4.14
C GLY A 343 -8.08 -16.40 5.26
N PRO A 344 -9.40 -16.21 5.07
CA PRO A 344 -10.40 -16.72 6.02
C PRO A 344 -10.31 -18.22 6.30
N PHE A 345 -10.11 -19.04 5.25
CA PHE A 345 -9.98 -20.49 5.43
C PHE A 345 -8.86 -20.83 6.40
N LEU A 346 -7.73 -20.17 6.23
CA LEU A 346 -6.54 -20.46 7.05
C LEU A 346 -6.71 -20.01 8.50
N GLU A 347 -7.19 -18.78 8.68
CA GLU A 347 -7.48 -18.24 10.02
C GLU A 347 -8.43 -19.14 10.80
N ASN A 348 -9.52 -19.56 10.16
CA ASN A 348 -10.39 -20.61 10.70
C ASN A 348 -9.64 -21.85 11.18
N LEU A 349 -8.79 -22.42 10.34
CA LEU A 349 -8.03 -23.62 10.71
C LEU A 349 -7.06 -23.37 11.87
N LYS A 350 -6.32 -22.27 11.82
CA LYS A 350 -5.50 -21.84 12.95
C LYS A 350 -6.35 -21.84 14.22
N ARG A 351 -7.44 -21.07 14.20
CA ARG A 351 -8.39 -20.96 15.30
C ARG A 351 -8.80 -22.32 15.86
N GLU A 352 -9.32 -23.18 14.99
CA GLU A 352 -9.88 -24.46 15.42
C GLU A 352 -8.84 -25.51 15.81
N LEU A 353 -7.59 -25.31 15.42
CA LEU A 353 -6.51 -26.24 15.78
C LEU A 353 -5.56 -25.68 16.83
N LYS A 354 -5.71 -24.39 17.12
CA LYS A 354 -5.00 -23.74 18.23
C LYS A 354 -5.30 -24.51 19.51
N ASP A 355 -4.24 -24.92 20.20
CA ASP A 355 -4.36 -25.80 21.37
C ASP A 355 -4.79 -27.22 20.98
N SER A 356 -4.32 -27.67 19.81
CA SER A 356 -4.28 -29.09 19.48
C SER A 356 -2.87 -29.57 19.80
N LYS A 357 -2.77 -30.68 20.50
CA LYS A 357 -1.49 -31.20 21.00
C LYS A 357 -0.49 -31.51 19.86
N ILE A 358 -1.02 -32.06 18.78
CA ILE A 358 -0.20 -32.64 17.70
C ILE A 358 0.12 -31.68 16.55
N VAL A 359 -0.48 -30.49 16.58
CA VAL A 359 -0.26 -29.50 15.54
C VAL A 359 0.89 -28.57 15.94
N ARG A 360 1.86 -28.40 15.03
CA ARG A 360 2.99 -27.50 15.25
C ARG A 360 2.75 -26.10 14.67
N ASP A 361 2.27 -26.06 13.43
CA ASP A 361 2.05 -24.82 12.71
C ASP A 361 0.94 -25.01 11.69
N VAL A 362 0.26 -23.91 11.37
CA VAL A 362 -0.72 -23.85 10.29
C VAL A 362 -0.34 -22.61 9.48
N ARG A 363 -0.16 -22.79 8.18
CA ARG A 363 0.41 -21.71 7.37
C ARG A 363 -0.07 -21.76 5.92
N GLY A 364 0.09 -20.66 5.21
CA GLY A 364 -0.36 -20.58 3.84
C GLY A 364 -0.44 -19.19 3.29
N LYS A 365 -0.78 -19.12 2.02
CA LYS A 365 -1.09 -17.88 1.34
C LYS A 365 -2.07 -18.23 0.22
N GLY A 366 -3.19 -17.50 0.12
CA GLY A 366 -4.24 -17.87 -0.86
C GLY A 366 -4.66 -19.32 -0.62
N LEU A 367 -4.70 -20.16 -1.65
CA LEU A 367 -5.05 -21.57 -1.44
C LEU A 367 -3.80 -22.51 -1.44
N LEU A 368 -2.64 -21.95 -1.11
CA LEU A 368 -1.46 -22.76 -0.88
C LEU A 368 -1.22 -22.81 0.63
N CYS A 369 -1.72 -23.86 1.26
CA CYS A 369 -1.76 -23.99 2.72
C CYS A 369 -1.22 -25.32 3.13
N ALA A 370 -0.96 -25.45 4.42
CA ALA A 370 -0.38 -26.66 4.99
C ALA A 370 -0.52 -26.68 6.51
N ILE A 371 -0.60 -27.87 7.08
CA ILE A 371 -0.53 -28.07 8.52
C ILE A 371 0.74 -28.87 8.80
N GLU A 372 1.62 -28.32 9.64
CA GLU A 372 2.78 -29.05 10.16
C GLU A 372 2.42 -29.71 11.48
N PHE A 373 2.67 -31.02 11.57
CA PHE A 373 2.42 -31.78 12.79
C PHE A 373 3.72 -32.07 13.56
N LYS A 374 3.56 -32.56 14.79
CA LYS A 374 4.68 -33.00 15.61
C LYS A 374 4.80 -34.48 15.42
N ASN A 375 5.64 -34.90 14.47
CA ASN A 375 5.70 -36.30 14.02
C ASN A 375 6.19 -37.29 15.07
N GLU A 376 6.77 -36.79 16.16
CA GLU A 376 7.07 -37.62 17.34
C GLU A 376 5.80 -37.95 18.16
N LEU A 377 4.71 -37.23 17.90
CA LEU A 377 3.44 -37.45 18.61
C LEU A 377 2.32 -38.06 17.76
N VAL A 378 2.46 -37.99 16.43
CA VAL A 378 1.58 -38.70 15.51
C VAL A 378 2.31 -39.25 14.29
N ASN A 379 1.73 -40.29 13.71
CA ASN A 379 2.10 -40.79 12.40
C ASN A 379 1.27 -40.04 11.36
N VAL A 380 1.96 -39.22 10.56
CA VAL A 380 1.28 -38.29 9.64
C VAL A 380 0.68 -38.99 8.40
N LEU A 381 1.28 -40.12 8.00
CA LEU A 381 0.69 -40.96 6.97
C LEU A 381 -0.68 -41.49 7.42
N ASP A 382 -0.80 -41.79 8.71
CA ASP A 382 -2.09 -42.19 9.29
C ASP A 382 -3.12 -41.06 9.31
N ILE A 383 -2.67 -39.84 9.59
CA ILE A 383 -3.55 -38.67 9.45
C ILE A 383 -4.07 -38.60 8.01
N CYS A 384 -3.17 -38.74 7.05
CA CYS A 384 -3.53 -38.72 5.63
C CYS A 384 -4.55 -39.81 5.28
N LEU A 385 -4.31 -41.01 5.79
CA LEU A 385 -5.22 -42.12 5.56
C LEU A 385 -6.60 -41.89 6.19
N LYS A 386 -6.65 -41.13 7.27
CA LYS A 386 -7.92 -40.88 7.98
C LYS A 386 -8.65 -39.75 7.29
N LEU A 387 -7.90 -38.76 6.86
CA LEU A 387 -8.40 -37.73 5.97
C LEU A 387 -9.15 -38.34 4.79
N LYS A 388 -8.53 -39.33 4.14
CA LYS A 388 -9.11 -40.05 2.99
C LYS A 388 -10.42 -40.74 3.35
N GLU A 389 -10.43 -41.43 4.50
CA GLU A 389 -11.61 -42.11 5.04
C GLU A 389 -12.75 -41.12 5.24
N ASN A 390 -12.41 -39.92 5.71
CA ASN A 390 -13.38 -38.86 5.96
C ASN A 390 -13.70 -37.99 4.73
N GLY A 391 -13.24 -38.42 3.56
CA GLY A 391 -13.61 -37.82 2.27
C GLY A 391 -12.70 -36.72 1.75
N LEU A 392 -11.44 -36.72 2.18
CA LEU A 392 -10.51 -35.68 1.70
C LEU A 392 -9.13 -36.28 1.47
N ILE A 393 -8.63 -36.16 0.23
CA ILE A 393 -7.33 -36.76 -0.13
C ILE A 393 -6.23 -35.72 -0.28
N THR A 394 -5.08 -36.02 0.35
CA THR A 394 -3.87 -35.21 0.23
C THR A 394 -2.67 -36.10 0.45
N ARG A 395 -1.50 -35.47 0.54
CA ARG A 395 -0.23 -36.13 0.80
C ARG A 395 0.56 -35.28 1.76
N ASP A 396 1.48 -35.91 2.50
CA ASP A 396 2.42 -35.17 3.34
C ASP A 396 3.82 -35.05 2.71
N VAL A 397 4.59 -34.08 3.16
CA VAL A 397 6.03 -34.01 2.88
C VAL A 397 6.84 -34.20 4.15
N HIS A 398 7.97 -34.89 4.03
CA HIS A 398 8.96 -35.05 5.11
C HIS A 398 8.34 -35.66 6.38
N ASP A 399 7.35 -36.53 6.19
CA ASP A 399 6.63 -37.17 7.28
C ASP A 399 6.09 -36.18 8.36
N LYS A 400 6.00 -34.89 8.04
CA LYS A 400 5.59 -33.87 9.00
C LYS A 400 4.39 -33.06 8.55
N THR A 401 4.36 -32.69 7.27
CA THR A 401 3.50 -31.59 6.83
C THR A 401 2.49 -32.05 5.78
N ILE A 402 1.24 -31.63 5.92
CA ILE A 402 0.17 -31.98 4.99
C ILE A 402 -0.19 -30.79 4.12
N ARG A 403 -0.17 -30.98 2.81
CA ARG A 403 -0.51 -29.92 1.85
C ARG A 403 -2.01 -29.73 1.86
N LEU A 404 -2.45 -28.47 1.84
CA LEU A 404 -3.88 -28.16 1.70
C LEU A 404 -4.02 -27.25 0.50
N THR A 405 -4.28 -27.88 -0.64
CA THR A 405 -4.06 -27.29 -1.94
C THR A 405 -5.24 -27.69 -2.86
N PRO A 406 -6.48 -27.20 -2.57
CA PRO A 406 -7.66 -27.52 -3.39
C PRO A 406 -7.73 -26.76 -4.71
N PRO A 407 -8.51 -27.25 -5.68
CA PRO A 407 -8.63 -26.39 -6.85
C PRO A 407 -9.23 -25.03 -6.51
N LEU A 408 -8.91 -24.04 -7.33
CA LEU A 408 -9.23 -22.66 -7.04
C LEU A 408 -10.71 -22.29 -7.25
N CYS A 409 -11.48 -23.20 -7.85
CA CYS A 409 -12.93 -23.00 -8.07
C CYS A 409 -13.76 -23.52 -6.87
N ILE A 410 -13.09 -23.83 -5.78
CA ILE A 410 -13.73 -24.29 -4.55
C ILE A 410 -14.60 -23.17 -3.98
N THR A 411 -15.70 -23.56 -3.33
CA THR A 411 -16.63 -22.58 -2.72
C THR A 411 -16.31 -22.33 -1.25
N LYS A 412 -16.70 -21.17 -0.74
CA LYS A 412 -16.63 -20.89 0.71
C LYS A 412 -17.29 -22.00 1.53
N GLU A 413 -18.47 -22.42 1.08
CA GLU A 413 -19.24 -23.51 1.69
C GLU A 413 -18.50 -24.84 1.71
N GLN A 414 -17.87 -25.19 0.59
CA GLN A 414 -17.07 -26.41 0.46
C GLN A 414 -15.85 -26.35 1.38
N LEU A 415 -15.26 -25.18 1.47
CA LEU A 415 -14.10 -24.93 2.31
C LEU A 415 -14.45 -25.04 3.80
N ASP A 416 -15.68 -24.66 4.15
CA ASP A 416 -16.24 -24.87 5.49
C ASP A 416 -16.40 -26.34 5.79
N GLU A 417 -16.90 -27.10 4.82
CA GLU A 417 -17.04 -28.55 4.99
C GLU A 417 -15.69 -29.22 5.17
N CYS A 418 -14.70 -28.75 4.39
CA CYS A 418 -13.35 -29.32 4.43
C CYS A 418 -12.65 -29.00 5.74
N THR A 419 -12.85 -27.79 6.24
CA THR A 419 -12.36 -27.40 7.56
C THR A 419 -12.87 -28.36 8.64
N GLU A 420 -14.15 -28.72 8.55
CA GLU A 420 -14.74 -29.67 9.49
C GLU A 420 -14.21 -31.07 9.31
N ILE A 421 -14.02 -31.51 8.06
CA ILE A 421 -13.37 -32.83 7.81
C ILE A 421 -11.97 -32.89 8.46
N ILE A 422 -11.21 -31.81 8.27
CA ILE A 422 -9.81 -31.76 8.73
C ILE A 422 -9.79 -31.72 10.25
N VAL A 423 -10.55 -30.80 10.83
CA VAL A 423 -10.59 -30.67 12.29
C VAL A 423 -11.03 -31.97 12.98
N LYS A 424 -12.14 -32.56 12.54
CA LYS A 424 -12.53 -33.89 13.00
C LYS A 424 -11.35 -34.88 12.99
N THR A 425 -10.58 -34.87 11.89
CA THR A 425 -9.47 -35.81 11.71
C THR A 425 -8.32 -35.54 12.67
N VAL A 426 -7.94 -34.27 12.86
CA VAL A 426 -6.87 -33.93 13.81
C VAL A 426 -7.29 -34.29 15.25
N LYS A 427 -8.50 -33.88 15.64
CA LYS A 427 -9.10 -34.31 16.92
C LYS A 427 -8.98 -35.83 17.19
N PHE A 428 -9.27 -36.65 16.19
CA PHE A 428 -9.14 -38.11 16.29
C PHE A 428 -7.77 -38.54 16.82
N PHE A 429 -6.73 -37.79 16.49
CA PHE A 429 -5.36 -38.17 16.86
C PHE A 429 -4.82 -37.46 18.10
N ASP A 430 -5.56 -36.47 18.60
CA ASP A 430 -5.24 -35.82 19.89
C ASP A 430 -5.58 -36.73 21.08
N LYS B 27 -2.92 -13.54 -42.79
CA LYS B 27 -1.68 -14.00 -42.08
C LYS B 27 -0.93 -15.01 -42.98
N THR B 28 0.22 -14.56 -43.45
CA THR B 28 1.07 -15.25 -44.42
C THR B 28 2.14 -16.09 -43.68
N PRO B 29 2.84 -17.02 -44.37
CA PRO B 29 3.91 -17.74 -43.67
C PRO B 29 4.86 -16.81 -42.91
N GLU B 30 5.36 -15.80 -43.61
CA GLU B 30 6.29 -14.80 -43.08
C GLU B 30 5.76 -14.10 -41.82
N ASP B 31 4.46 -13.79 -41.81
CA ASP B 31 3.77 -13.18 -40.65
C ASP B 31 3.92 -14.04 -39.40
N TYR B 32 3.62 -15.32 -39.57
CA TYR B 32 3.72 -16.29 -38.48
C TYR B 32 5.17 -16.47 -38.02
N ILE B 33 6.09 -16.59 -38.96
CA ILE B 33 7.53 -16.77 -38.64
C ILE B 33 8.10 -15.58 -37.83
N ASN B 34 7.91 -14.36 -38.34
CA ASN B 34 8.32 -13.15 -37.64
C ASN B 34 7.62 -12.99 -36.30
N ASN B 35 6.35 -13.39 -36.22
CA ASN B 35 5.68 -13.35 -34.93
C ASN B 35 6.35 -14.27 -33.88
N GLU B 36 6.75 -15.48 -34.26
CA GLU B 36 7.53 -16.34 -33.35
C GLU B 36 8.91 -15.75 -33.04
N LEU B 37 9.57 -15.16 -34.03
CA LEU B 37 10.89 -14.57 -33.76
C LEU B 37 10.80 -13.46 -32.73
N LYS B 38 9.69 -12.72 -32.73
CA LYS B 38 9.50 -11.62 -31.78
C LYS B 38 9.15 -12.12 -30.38
N TYR B 39 8.24 -13.08 -30.29
CA TYR B 39 7.71 -13.47 -28.98
C TYR B 39 8.26 -14.79 -28.42
N GLY B 40 9.06 -15.50 -29.20
CA GLY B 40 9.59 -16.79 -28.72
C GLY B 40 11.10 -16.80 -28.75
N ALA B 41 11.69 -17.54 -27.81
CA ALA B 41 13.12 -17.81 -27.83
C ALA B 41 13.49 -18.35 -29.20
N HIS B 42 14.70 -18.03 -29.63
CA HIS B 42 15.28 -18.53 -30.88
C HIS B 42 16.03 -19.84 -30.64
N ASN B 43 15.39 -20.86 -30.06
CA ASN B 43 16.07 -22.13 -29.81
C ASN B 43 16.07 -23.09 -31.00
N TYR B 44 15.29 -22.78 -32.03
CA TYR B 44 15.23 -23.59 -33.24
C TYR B 44 15.35 -22.76 -34.50
N ASP B 45 15.73 -23.41 -35.60
CA ASP B 45 15.80 -22.79 -36.93
C ASP B 45 15.07 -23.71 -37.93
N PRO B 46 13.72 -23.74 -37.85
CA PRO B 46 12.95 -24.71 -38.64
C PRO B 46 12.95 -24.43 -40.16
N ILE B 47 12.60 -25.44 -40.94
CA ILE B 47 12.26 -25.23 -42.35
C ILE B 47 11.09 -24.20 -42.37
N PRO B 48 11.19 -23.15 -43.21
CA PRO B 48 10.11 -22.15 -43.14
C PRO B 48 8.80 -22.57 -43.83
N VAL B 49 8.12 -23.57 -43.26
CA VAL B 49 6.76 -23.99 -43.68
C VAL B 49 5.93 -23.84 -42.42
N VAL B 50 4.77 -23.21 -42.51
CA VAL B 50 3.94 -22.97 -41.34
C VAL B 50 2.69 -23.81 -41.46
N LEU B 51 2.60 -24.82 -40.60
CA LEU B 51 1.60 -25.85 -40.71
C LEU B 51 0.38 -25.53 -39.88
N LYS B 52 -0.80 -25.84 -40.44
CA LYS B 52 -2.05 -25.57 -39.73
C LYS B 52 -2.94 -26.81 -39.62
N ARG B 53 -2.70 -27.80 -40.47
CA ARG B 53 -3.54 -28.99 -40.47
C ARG B 53 -2.75 -30.17 -40.93
N ALA B 54 -3.17 -31.36 -40.51
CA ALA B 54 -2.53 -32.62 -40.90
C ALA B 54 -3.50 -33.79 -40.81
N LYS B 55 -3.35 -34.75 -41.72
CA LYS B 55 -4.18 -35.95 -41.75
C LYS B 55 -3.45 -37.09 -42.43
N GLY B 56 -3.27 -38.19 -41.70
CA GLY B 56 -2.56 -39.32 -42.21
C GLY B 56 -1.14 -38.95 -42.64
N VAL B 57 -0.94 -38.98 -43.95
CA VAL B 57 0.36 -38.92 -44.55
C VAL B 57 0.72 -37.46 -44.90
N PHE B 58 -0.29 -36.59 -44.80
CA PHE B 58 -0.22 -35.23 -45.30
C PHE B 58 -0.29 -34.16 -44.23
N VAL B 59 0.41 -33.05 -44.47
CA VAL B 59 0.25 -31.81 -43.71
C VAL B 59 -0.15 -30.66 -44.65
N TYR B 60 -0.76 -29.61 -44.10
CA TYR B 60 -1.23 -28.50 -44.92
C TYR B 60 -0.75 -27.19 -44.30
N ASP B 61 -0.20 -26.32 -45.13
CA ASP B 61 0.28 -25.04 -44.61
C ASP B 61 -0.79 -23.94 -44.64
N VAL B 62 -0.41 -22.76 -44.15
CA VAL B 62 -1.31 -21.61 -44.09
C VAL B 62 -1.81 -21.14 -45.48
N ASN B 63 -1.16 -21.58 -46.55
CA ASN B 63 -1.55 -21.23 -47.92
C ASN B 63 -2.39 -22.33 -48.56
N ASP B 64 -2.71 -23.33 -47.75
CA ASP B 64 -3.46 -24.53 -48.15
C ASP B 64 -2.67 -25.45 -49.07
N LYS B 65 -1.37 -25.29 -49.11
CA LYS B 65 -0.53 -26.27 -49.79
C LYS B 65 -0.37 -27.56 -49.02
N ARG B 66 -0.35 -28.67 -49.77
CA ARG B 66 -0.28 -30.00 -49.22
C ARG B 66 1.12 -30.54 -49.39
N TYR B 67 1.63 -31.18 -48.35
CA TYR B 67 2.94 -31.76 -48.42
C TYR B 67 2.85 -33.16 -47.85
N TYR B 68 3.61 -34.09 -48.41
CA TYR B 68 3.85 -35.36 -47.76
C TYR B 68 4.76 -35.07 -46.59
N ASP B 69 4.38 -35.57 -45.40
CA ASP B 69 5.25 -35.49 -44.24
C ASP B 69 6.18 -36.70 -44.25
N PHE B 70 7.44 -36.47 -44.50
CA PHE B 70 8.44 -37.54 -44.51
C PHE B 70 9.36 -37.50 -43.29
N LEU B 71 8.88 -36.85 -42.23
CA LEU B 71 9.57 -36.87 -40.93
C LEU B 71 8.73 -37.60 -39.89
N SER B 72 7.40 -37.45 -39.99
CA SER B 72 6.46 -38.10 -39.06
C SER B 72 6.73 -37.67 -37.62
N ALA B 73 7.08 -36.39 -37.43
CA ALA B 73 7.45 -35.87 -36.09
C ALA B 73 8.37 -36.83 -35.41
N TYR B 74 9.37 -37.29 -36.16
CA TYR B 74 10.35 -38.27 -35.72
C TYR B 74 9.74 -39.56 -35.18
N SER B 75 8.73 -40.04 -35.89
CA SER B 75 8.00 -41.29 -35.62
C SER B 75 6.85 -41.21 -34.61
N SER B 76 6.63 -40.04 -34.01
CA SER B 76 5.42 -39.86 -33.18
C SER B 76 4.15 -40.15 -33.95
N VAL B 77 4.12 -39.82 -35.26
CA VAL B 77 2.90 -40.07 -36.04
C VAL B 77 3.05 -41.26 -37.02
N ASN B 78 3.61 -42.36 -36.56
CA ASN B 78 3.61 -43.62 -37.30
C ASN B 78 2.20 -44.00 -37.78
N GLN B 79 1.22 -43.77 -36.92
CA GLN B 79 -0.15 -44.14 -37.22
C GLN B 79 -0.78 -43.17 -38.21
N GLY B 80 -0.02 -42.18 -38.66
CA GLY B 80 -0.59 -41.06 -39.41
C GLY B 80 -1.00 -39.94 -38.47
N HIS B 81 -1.01 -38.72 -38.99
CA HIS B 81 -1.47 -37.55 -38.25
C HIS B 81 -2.95 -37.61 -37.92
N CYS B 82 -3.28 -37.20 -36.69
CA CYS B 82 -4.66 -36.96 -36.26
C CYS B 82 -5.59 -38.16 -36.48
N HIS B 83 -5.07 -39.35 -36.23
CA HIS B 83 -5.88 -40.58 -36.29
C HIS B 83 -7.13 -40.50 -35.42
N PRO B 84 -8.34 -40.63 -36.04
CA PRO B 84 -9.62 -40.39 -35.36
C PRO B 84 -9.87 -41.31 -34.15
N ASN B 85 -9.38 -42.56 -34.21
CA ASN B 85 -9.53 -43.51 -33.09
C ASN B 85 -8.75 -43.05 -31.85
N ILE B 86 -7.54 -42.52 -32.06
CA ILE B 86 -6.73 -41.96 -30.96
C ILE B 86 -7.38 -40.69 -30.41
N LEU B 87 -7.86 -39.80 -31.27
CA LEU B 87 -8.66 -38.68 -30.77
C LEU B 87 -9.83 -39.18 -29.90
N ASN B 88 -10.51 -40.24 -30.35
CA ASN B 88 -11.68 -40.76 -29.63
C ASN B 88 -11.36 -41.27 -28.24
N ALA B 89 -10.25 -42.00 -28.13
CA ALA B 89 -9.72 -42.45 -26.83
C ALA B 89 -9.27 -41.30 -25.91
N MET B 90 -8.63 -40.28 -26.50
CA MET B 90 -8.28 -39.07 -25.79
C MET B 90 -9.52 -38.40 -25.24
N ILE B 91 -10.52 -38.19 -26.09
CA ILE B 91 -11.74 -37.55 -25.67
C ILE B 91 -12.41 -38.36 -24.56
N ASN B 92 -12.49 -39.68 -24.75
CA ASN B 92 -13.21 -40.56 -23.82
C ASN B 92 -12.60 -40.57 -22.42
N GLN B 93 -11.27 -40.60 -22.35
CA GLN B 93 -10.57 -40.47 -21.08
C GLN B 93 -10.64 -39.07 -20.45
N ALA B 94 -10.34 -38.03 -21.22
CA ALA B 94 -10.26 -36.66 -20.70
C ALA B 94 -11.57 -36.10 -20.15
N LYS B 95 -12.69 -36.63 -20.63
CA LYS B 95 -14.03 -36.33 -20.10
C LYS B 95 -14.13 -36.76 -18.66
N ASN B 96 -13.40 -37.83 -18.34
CA ASN B 96 -13.45 -38.48 -17.06
C ASN B 96 -12.35 -38.10 -16.08
N LEU B 97 -11.08 -38.15 -16.52
CA LEU B 97 -9.94 -37.85 -15.65
C LEU B 97 -8.70 -37.68 -16.51
N THR B 98 -7.98 -36.58 -16.32
CA THR B 98 -6.74 -36.31 -17.10
C THR B 98 -5.49 -36.50 -16.25
N ILE B 99 -5.57 -36.09 -14.97
CA ILE B 99 -4.45 -36.21 -14.02
C ILE B 99 -4.86 -36.14 -12.54
N CYS B 100 -4.24 -36.97 -11.71
CA CYS B 100 -4.46 -36.90 -10.26
C CYS B 100 -3.15 -36.86 -9.47
N SER B 101 -2.04 -37.11 -10.16
CA SER B 101 -0.67 -37.25 -9.61
C SER B 101 -0.47 -38.65 -9.06
N ARG B 102 0.78 -39.05 -8.87
CA ARG B 102 1.10 -40.40 -8.45
C ARG B 102 1.04 -40.54 -6.93
N ALA B 103 0.55 -39.49 -6.25
CA ALA B 103 0.14 -39.58 -4.85
C ALA B 103 -1.05 -40.52 -4.71
N PHE B 104 -1.79 -40.75 -5.81
CA PHE B 104 -2.91 -41.70 -5.82
C PHE B 104 -2.84 -42.65 -7.02
N PHE B 105 -3.70 -43.67 -7.03
CA PHE B 105 -3.81 -44.55 -8.19
C PHE B 105 -4.87 -44.07 -9.17
N SER B 106 -4.71 -44.43 -10.43
CA SER B 106 -5.76 -44.21 -11.42
C SER B 106 -6.04 -45.53 -12.10
N VAL B 107 -7.31 -45.73 -12.50
CA VAL B 107 -7.69 -46.92 -13.25
C VAL B 107 -6.86 -47.16 -14.54
N PRO B 108 -6.76 -46.14 -15.42
CA PRO B 108 -6.14 -46.42 -16.73
C PRO B 108 -4.67 -46.89 -16.68
N LEU B 109 -3.90 -46.50 -15.69
CA LEU B 109 -2.47 -46.80 -15.73
C LEU B 109 -2.19 -48.30 -15.74
N GLY B 110 -2.80 -49.05 -14.83
CA GLY B 110 -2.56 -50.49 -14.77
C GLY B 110 -3.05 -51.23 -16.00
N ILE B 111 -4.09 -50.71 -16.63
CA ILE B 111 -4.59 -51.25 -17.91
C ILE B 111 -3.53 -51.10 -19.00
N CYS B 112 -2.94 -49.90 -19.09
CA CYS B 112 -1.85 -49.65 -20.03
C CYS B 112 -0.63 -50.50 -19.74
N GLU B 113 -0.26 -50.61 -18.45
CA GLU B 113 0.93 -51.41 -18.08
C GLU B 113 0.77 -52.89 -18.43
N ARG B 114 -0.41 -53.45 -18.20
CA ARG B 114 -0.65 -54.86 -18.54
C ARG B 114 -0.68 -55.02 -20.07
N TYR B 115 -1.36 -54.10 -20.75
CA TYR B 115 -1.38 -54.08 -22.23
C TYR B 115 0.03 -54.07 -22.83
N LEU B 116 0.86 -53.12 -22.42
CA LEU B 116 2.25 -53.01 -22.91
C LEU B 116 3.15 -54.18 -22.61
N THR B 117 3.20 -54.60 -21.34
CA THR B 117 4.02 -55.74 -20.94
C THR B 117 3.61 -57.05 -21.65
N ASN B 118 2.30 -57.30 -21.80
CA ASN B 118 1.84 -58.50 -22.51
C ASN B 118 2.20 -58.45 -24.00
N LEU B 119 2.12 -57.26 -24.61
CA LEU B 119 2.41 -57.06 -26.02
C LEU B 119 3.87 -57.36 -26.38
N LEU B 120 4.80 -56.86 -25.57
CA LEU B 120 6.22 -56.96 -25.90
C LEU B 120 6.98 -58.04 -25.16
N GLY B 121 6.33 -58.70 -24.22
CA GLY B 121 6.97 -59.84 -23.55
C GLY B 121 7.98 -59.49 -22.48
N TYR B 122 7.65 -58.48 -21.66
CA TYR B 122 8.46 -58.16 -20.48
C TYR B 122 7.55 -58.13 -19.26
N ASP B 123 8.10 -58.30 -18.08
CA ASP B 123 7.29 -58.41 -16.85
C ASP B 123 6.63 -57.06 -16.52
N LYS B 124 7.40 -55.98 -16.67
CA LYS B 124 7.05 -54.68 -16.07
C LYS B 124 7.37 -53.53 -16.99
N VAL B 125 6.63 -52.43 -16.85
CA VAL B 125 6.94 -51.18 -17.54
C VAL B 125 6.92 -50.01 -16.56
N LEU B 126 7.70 -48.98 -16.87
CA LEU B 126 7.72 -47.71 -16.14
C LEU B 126 7.39 -46.65 -17.16
N MET B 127 6.24 -45.98 -17.02
CA MET B 127 5.77 -44.98 -17.97
C MET B 127 6.27 -43.62 -17.57
N MET B 128 6.66 -42.83 -18.57
CA MET B 128 7.13 -41.45 -18.39
C MET B 128 6.63 -40.60 -19.55
N ASN B 129 7.14 -39.37 -19.68
CA ASN B 129 6.71 -38.44 -20.73
C ASN B 129 7.63 -38.31 -21.95
N THR B 130 8.94 -38.12 -21.71
CA THR B 130 9.85 -37.79 -22.81
C THR B 130 10.89 -38.86 -23.02
N GLY B 131 11.52 -38.85 -24.19
CA GLY B 131 12.62 -39.77 -24.50
C GLY B 131 13.79 -39.53 -23.57
N ALA B 132 14.04 -38.27 -23.18
CA ALA B 132 15.14 -37.98 -22.25
C ALA B 132 14.83 -38.49 -20.84
N GLU B 133 13.55 -38.49 -20.46
CA GLU B 133 13.15 -39.09 -19.18
C GLU B 133 13.40 -40.59 -19.20
N ALA B 134 13.13 -41.24 -20.31
CA ALA B 134 13.33 -42.69 -20.41
C ALA B 134 14.82 -43.03 -20.33
N ASN B 135 15.67 -42.25 -21.01
CA ASN B 135 17.14 -42.40 -20.94
C ASN B 135 17.68 -42.31 -19.53
N GLU B 136 17.36 -41.21 -18.84
CA GLU B 136 17.76 -41.02 -17.44
C GLU B 136 17.25 -42.10 -16.48
N THR B 137 16.00 -42.53 -16.67
CA THR B 137 15.44 -43.61 -15.86
C THR B 137 16.22 -44.88 -16.13
N ALA B 138 16.44 -45.17 -17.40
CA ALA B 138 17.25 -46.34 -17.79
C ALA B 138 18.67 -46.28 -17.18
N TYR B 139 19.30 -45.11 -17.19
CA TYR B 139 20.66 -44.97 -16.60
C TYR B 139 20.64 -45.35 -15.14
N LYS B 140 19.63 -44.86 -14.43
CA LYS B 140 19.54 -45.09 -12.99
C LYS B 140 19.15 -46.53 -12.67
N LEU B 141 18.30 -47.13 -13.50
CA LEU B 141 17.91 -48.54 -13.37
C LEU B 141 19.09 -49.46 -13.61
N CYS B 142 19.80 -49.25 -14.71
CA CYS B 142 21.04 -49.96 -15.02
C CYS B 142 22.07 -49.92 -13.88
N ARG B 143 22.31 -48.75 -13.31
CA ARG B 143 23.32 -48.63 -12.26
C ARG B 143 22.89 -49.27 -10.96
N LYS B 144 21.64 -49.10 -10.57
CA LYS B 144 21.17 -49.73 -9.35
C LYS B 144 21.13 -51.27 -9.46
N TRP B 145 20.78 -51.80 -10.64
CA TRP B 145 20.89 -53.23 -10.89
C TRP B 145 22.36 -53.66 -10.71
N GLY B 146 23.25 -52.92 -11.38
CA GLY B 146 24.69 -53.06 -11.21
C GLY B 146 25.13 -53.23 -9.78
N TYR B 147 24.72 -52.31 -8.91
CA TYR B 147 25.09 -52.37 -7.50
C TYR B 147 24.40 -53.48 -6.67
N GLU B 148 23.10 -53.70 -6.90
CA GLU B 148 22.29 -54.60 -6.07
C GLU B 148 22.36 -56.07 -6.51
N VAL B 149 22.54 -56.30 -7.81
CA VAL B 149 22.55 -57.64 -8.37
C VAL B 149 23.96 -58.08 -8.77
N LYS B 150 24.61 -57.31 -9.65
CA LYS B 150 25.99 -57.60 -10.09
C LYS B 150 27.02 -57.34 -8.98
N LYS B 151 26.63 -56.52 -8.00
CA LYS B 151 27.47 -56.20 -6.82
C LYS B 151 28.72 -55.39 -7.18
N ILE B 152 28.65 -54.64 -8.29
CA ILE B 152 29.70 -53.68 -8.64
C ILE B 152 30.01 -52.84 -7.40
N PRO B 153 31.31 -52.59 -7.12
CA PRO B 153 31.67 -51.76 -5.95
C PRO B 153 31.12 -50.32 -5.94
N GLU B 154 31.01 -49.75 -4.73
CA GLU B 154 30.60 -48.35 -4.50
C GLU B 154 30.86 -47.44 -5.70
N ASN B 155 29.78 -46.87 -6.24
CA ASN B 155 29.81 -45.86 -7.31
C ASN B 155 30.87 -46.03 -8.41
N MET B 156 30.94 -47.25 -8.96
CA MET B 156 31.91 -47.60 -10.01
C MET B 156 31.19 -48.06 -11.27
N ALA B 157 29.87 -48.23 -11.16
CA ALA B 157 29.04 -48.70 -12.25
C ALA B 157 29.23 -47.81 -13.48
N LYS B 158 29.47 -48.45 -14.62
CA LYS B 158 29.79 -47.76 -15.84
C LYS B 158 28.79 -48.19 -16.92
N ILE B 159 28.20 -47.21 -17.59
CA ILE B 159 27.37 -47.50 -18.74
C ILE B 159 28.17 -47.27 -20.01
N VAL B 160 28.02 -48.17 -20.97
CA VAL B 160 28.67 -48.00 -22.25
C VAL B 160 27.63 -47.65 -23.30
N VAL B 161 27.93 -46.65 -24.10
CA VAL B 161 27.12 -46.26 -25.24
C VAL B 161 27.94 -46.26 -26.53
N CYS B 162 27.28 -46.03 -27.66
CA CYS B 162 27.95 -45.92 -28.95
C CYS B 162 28.24 -44.47 -29.30
N LYS B 163 29.37 -44.24 -29.98
CA LYS B 163 29.67 -42.92 -30.51
C LYS B 163 28.64 -42.51 -31.54
N ASN B 164 28.29 -41.22 -31.55
CA ASN B 164 27.31 -40.63 -32.47
C ASN B 164 25.84 -41.01 -32.19
N ASN B 165 25.57 -41.43 -30.96
CA ASN B 165 24.23 -41.84 -30.54
C ASN B 165 23.30 -40.66 -30.19
N PHE B 193 30.05 -43.44 -17.60
CA PHE B 193 29.98 -43.58 -19.06
C PHE B 193 31.34 -43.78 -19.75
N SER B 194 31.32 -44.50 -20.87
CA SER B 194 32.46 -44.63 -21.78
C SER B 194 31.91 -44.98 -23.15
N LYS B 195 32.56 -44.52 -24.21
CA LYS B 195 32.04 -44.75 -25.56
C LYS B 195 32.81 -45.78 -26.37
N VAL B 196 32.09 -46.37 -27.33
CA VAL B 196 32.57 -47.44 -28.19
C VAL B 196 32.00 -47.19 -29.59
N PRO B 197 32.76 -47.52 -30.65
CA PRO B 197 32.23 -47.43 -32.02
C PRO B 197 31.04 -48.34 -32.26
N TYR B 198 30.05 -47.86 -33.01
CA TYR B 198 28.87 -48.64 -33.34
C TYR B 198 29.27 -49.77 -34.28
N ASP B 199 28.44 -50.82 -34.37
CA ASP B 199 28.64 -51.92 -35.32
C ASP B 199 30.05 -52.51 -35.25
N ASP B 200 30.68 -52.33 -34.09
CA ASP B 200 32.03 -52.81 -33.85
C ASP B 200 32.01 -53.86 -32.73
N LEU B 201 31.58 -55.06 -33.10
CA LEU B 201 31.56 -56.25 -32.21
C LEU B 201 32.84 -56.51 -31.39
N GLU B 202 33.99 -56.14 -31.95
CA GLU B 202 35.29 -56.37 -31.29
C GLU B 202 35.58 -55.36 -30.17
N ALA B 203 35.31 -54.08 -30.40
CA ALA B 203 35.56 -53.04 -29.39
C ALA B 203 34.55 -53.08 -28.24
N LEU B 204 33.36 -53.62 -28.53
CA LEU B 204 32.32 -53.87 -27.52
C LEU B 204 32.82 -54.86 -26.45
N GLU B 205 33.41 -55.97 -26.92
CA GLU B 205 33.97 -57.00 -26.06
C GLU B 205 35.09 -56.48 -25.17
N GLU B 206 35.97 -55.65 -25.73
CA GLU B 206 37.09 -55.10 -24.98
C GLU B 206 36.62 -54.25 -23.80
N GLU B 207 35.54 -53.49 -24.01
CA GLU B 207 35.00 -52.62 -22.97
C GLU B 207 34.23 -53.37 -21.89
N LEU B 208 33.36 -54.28 -22.29
CA LEU B 208 32.51 -55.01 -21.33
C LEU B 208 33.27 -55.99 -20.43
N LYS B 209 34.45 -56.45 -20.87
CA LYS B 209 35.39 -57.19 -20.01
C LYS B 209 35.42 -56.59 -18.61
N ASP B 210 35.36 -55.26 -18.57
CA ASP B 210 35.44 -54.51 -17.32
C ASP B 210 34.26 -54.91 -16.43
N PRO B 211 34.56 -55.45 -15.24
CA PRO B 211 33.52 -55.91 -14.31
C PRO B 211 32.65 -54.76 -13.80
N ASN B 212 33.13 -53.53 -13.93
CA ASN B 212 32.37 -52.35 -13.48
C ASN B 212 31.25 -51.93 -14.43
N VAL B 213 31.19 -52.52 -15.61
CA VAL B 213 30.18 -52.17 -16.60
C VAL B 213 28.83 -52.82 -16.27
N CYS B 214 27.78 -52.01 -16.15
CA CYS B 214 26.47 -52.52 -15.79
C CYS B 214 25.55 -52.73 -17.00
N ALA B 215 25.78 -51.95 -18.06
CA ALA B 215 24.90 -51.94 -19.21
C ALA B 215 25.58 -51.42 -20.47
N PHE B 216 25.04 -51.84 -21.60
CA PHE B 216 25.43 -51.30 -22.88
C PHE B 216 24.13 -50.88 -23.49
N ILE B 217 24.03 -49.62 -23.93
CA ILE B 217 22.78 -49.18 -24.51
C ILE B 217 22.98 -48.82 -25.98
N VAL B 218 22.09 -49.28 -26.85
CA VAL B 218 22.34 -49.20 -28.28
C VAL B 218 21.02 -49.11 -29.00
N GLU B 219 20.96 -48.33 -30.07
CA GLU B 219 19.81 -48.41 -30.96
C GLU B 219 20.08 -49.44 -32.04
N PRO B 220 19.06 -50.23 -32.39
CA PRO B 220 19.12 -51.21 -33.50
C PRO B 220 19.51 -50.56 -34.82
N ILE B 221 19.10 -49.31 -35.04
CA ILE B 221 19.54 -48.48 -36.17
C ILE B 221 19.81 -47.08 -35.62
N GLN B 222 21.03 -46.58 -35.81
CA GLN B 222 21.39 -45.22 -35.39
C GLN B 222 20.69 -44.14 -36.22
N GLY B 223 19.76 -43.43 -35.60
CA GLY B 223 18.94 -42.45 -36.31
C GLY B 223 19.63 -41.10 -36.49
N GLU B 224 20.08 -40.52 -35.37
CA GLU B 224 20.69 -39.21 -35.33
C GLU B 224 22.05 -39.17 -36.02
N ALA B 225 22.64 -40.33 -36.27
CA ALA B 225 23.95 -40.40 -36.93
C ALA B 225 23.80 -40.47 -38.45
N GLY B 226 22.58 -40.71 -38.93
CA GLY B 226 22.31 -40.78 -40.35
C GLY B 226 21.69 -42.09 -40.78
N VAL B 227 20.91 -42.70 -39.90
CA VAL B 227 20.20 -43.95 -40.18
C VAL B 227 21.23 -45.02 -40.54
N ILE B 228 22.18 -45.22 -39.64
CA ILE B 228 23.20 -46.26 -39.76
C ILE B 228 22.60 -47.64 -39.47
N VAL B 229 22.24 -48.35 -40.53
CA VAL B 229 21.82 -49.77 -40.46
C VAL B 229 23.04 -50.65 -40.21
N PRO B 230 23.03 -51.43 -39.10
CA PRO B 230 24.22 -52.20 -38.78
C PRO B 230 24.22 -53.55 -39.53
N SER B 231 25.33 -54.26 -39.50
CA SER B 231 25.38 -55.60 -40.09
C SER B 231 24.50 -56.58 -39.28
N ASP B 232 23.94 -57.58 -39.96
CA ASP B 232 23.29 -58.69 -39.28
C ASP B 232 24.31 -59.32 -38.32
N ASN B 233 23.83 -60.00 -37.30
CA ASN B 233 24.70 -60.57 -36.25
C ASN B 233 25.55 -59.55 -35.47
N TYR B 234 25.32 -58.26 -35.70
CA TYR B 234 25.79 -57.28 -34.72
C TYR B 234 24.93 -57.44 -33.46
N LEU B 235 23.62 -57.41 -33.64
CA LEU B 235 22.68 -57.44 -32.54
C LEU B 235 22.68 -58.80 -31.85
N GLN B 236 22.80 -59.87 -32.65
CA GLN B 236 22.94 -61.23 -32.10
C GLN B 236 24.21 -61.30 -31.25
N GLY B 237 25.27 -60.67 -31.74
CA GLY B 237 26.56 -60.68 -31.06
C GLY B 237 26.68 -59.70 -29.90
N VAL B 238 25.79 -58.70 -29.87
CA VAL B 238 25.69 -57.81 -28.72
C VAL B 238 25.10 -58.61 -27.57
N TYR B 239 24.02 -59.33 -27.88
CA TYR B 239 23.33 -60.16 -26.92
C TYR B 239 24.27 -61.16 -26.28
N ASP B 240 25.01 -61.90 -27.13
CA ASP B 240 25.95 -62.93 -26.70
C ASP B 240 27.04 -62.38 -25.81
N ILE B 241 27.60 -61.21 -26.16
CA ILE B 241 28.67 -60.59 -25.36
C ILE B 241 28.12 -60.06 -24.02
N CYS B 242 26.94 -59.46 -24.05
CA CYS B 242 26.30 -58.94 -22.84
C CYS B 242 25.97 -60.11 -21.92
N LYS B 243 25.45 -61.20 -22.50
CA LYS B 243 25.20 -62.43 -21.74
C LYS B 243 26.49 -63.05 -21.21
N LYS B 244 27.57 -62.97 -21.99
CA LYS B 244 28.89 -63.46 -21.60
C LYS B 244 29.40 -62.81 -20.32
N TYR B 245 29.37 -61.47 -20.27
CA TYR B 245 29.97 -60.72 -19.18
C TYR B 245 28.97 -60.23 -18.13
N ASN B 246 27.70 -60.60 -18.29
CA ASN B 246 26.63 -60.22 -17.37
C ASN B 246 26.47 -58.69 -17.33
N VAL B 247 26.14 -58.14 -18.49
CA VAL B 247 25.92 -56.72 -18.66
C VAL B 247 24.54 -56.64 -19.25
N LEU B 248 23.73 -55.71 -18.74
CA LEU B 248 22.41 -55.47 -19.34
C LEU B 248 22.52 -55.00 -20.77
N PHE B 249 21.77 -55.63 -21.64
CA PHE B 249 21.70 -55.22 -23.01
C PHE B 249 20.43 -54.35 -23.13
N VAL B 250 20.63 -53.03 -23.29
CA VAL B 250 19.53 -52.05 -23.38
C VAL B 250 19.35 -51.60 -24.84
N ALA B 251 18.19 -51.89 -25.42
CA ALA B 251 17.84 -51.49 -26.77
C ALA B 251 16.97 -50.24 -26.75
N ASP B 252 17.51 -49.18 -27.36
CA ASP B 252 16.81 -47.93 -27.53
C ASP B 252 15.95 -48.03 -28.77
N GLU B 253 14.66 -48.28 -28.58
CA GLU B 253 13.70 -48.39 -29.68
C GLU B 253 12.73 -47.22 -29.74
N VAL B 254 13.13 -46.11 -29.12
CA VAL B 254 12.29 -44.89 -29.13
C VAL B 254 11.98 -44.41 -30.55
N GLN B 255 12.95 -44.55 -31.45
CA GLN B 255 12.78 -44.20 -32.87
C GLN B 255 12.43 -45.43 -33.69
N THR B 256 13.16 -46.52 -33.46
CA THR B 256 13.07 -47.71 -34.29
C THR B 256 11.85 -48.61 -34.05
N GLY B 257 11.28 -48.55 -32.84
CA GLY B 257 10.22 -49.48 -32.47
C GLY B 257 8.88 -49.14 -33.07
N LEU B 258 7.86 -49.90 -32.68
CA LEU B 258 6.46 -49.60 -33.01
C LEU B 258 6.14 -49.46 -34.52
N GLY B 259 6.72 -50.35 -35.33
CA GLY B 259 6.28 -50.49 -36.71
C GLY B 259 7.13 -49.81 -37.78
N ARG B 260 7.98 -48.86 -37.36
CA ARG B 260 8.77 -48.00 -38.26
C ARG B 260 9.70 -48.79 -39.20
N THR B 261 10.30 -49.86 -38.67
CA THR B 261 11.21 -50.70 -39.45
C THR B 261 10.51 -51.99 -39.91
N GLY B 262 9.19 -52.04 -39.75
CA GLY B 262 8.40 -53.20 -40.14
C GLY B 262 7.99 -54.14 -39.03
N LYS B 263 8.63 -54.02 -37.86
CA LYS B 263 8.31 -54.87 -36.69
C LYS B 263 7.95 -54.04 -35.45
N LEU B 264 7.32 -54.69 -34.48
CA LEU B 264 6.93 -54.04 -33.21
C LEU B 264 8.14 -53.50 -32.48
N LEU B 265 9.26 -54.21 -32.61
CA LEU B 265 10.56 -53.75 -32.15
C LEU B 265 11.52 -54.15 -33.25
N CYS B 266 12.41 -53.25 -33.64
CA CYS B 266 13.41 -53.53 -34.67
C CYS B 266 14.26 -54.76 -34.32
N VAL B 267 14.42 -54.99 -33.01
CA VAL B 267 15.25 -56.07 -32.48
C VAL B 267 14.62 -57.45 -32.73
N HIS B 268 13.37 -57.46 -33.20
CA HIS B 268 12.61 -58.65 -33.57
C HIS B 268 13.03 -59.22 -34.93
N HIS B 269 13.55 -58.36 -35.81
CA HIS B 269 14.15 -58.78 -37.08
C HIS B 269 15.25 -59.81 -36.88
N TYR B 270 15.98 -59.67 -35.76
CA TYR B 270 17.17 -60.44 -35.50
C TYR B 270 16.91 -61.52 -34.43
N ASN B 271 15.63 -61.66 -34.07
CA ASN B 271 15.22 -62.50 -32.93
C ASN B 271 16.19 -62.47 -31.75
N VAL B 272 16.45 -61.24 -31.29
CA VAL B 272 17.25 -60.96 -30.12
C VAL B 272 16.29 -60.36 -29.08
N LYS B 273 16.46 -60.76 -27.82
CA LYS B 273 15.67 -60.22 -26.71
C LYS B 273 16.60 -59.45 -25.76
N PRO B 274 16.59 -58.10 -25.83
CA PRO B 274 17.38 -57.29 -24.90
C PRO B 274 16.86 -57.43 -23.47
N ASP B 275 17.69 -57.10 -22.51
CA ASP B 275 17.28 -57.04 -21.10
C ASP B 275 16.32 -55.88 -20.77
N VAL B 276 16.50 -54.75 -21.46
CA VAL B 276 15.70 -53.53 -21.24
C VAL B 276 15.30 -52.90 -22.59
N ILE B 277 14.05 -52.46 -22.71
CA ILE B 277 13.57 -51.73 -23.89
C ILE B 277 13.20 -50.26 -23.55
N LEU B 278 13.59 -49.32 -24.40
CA LEU B 278 13.13 -47.94 -24.25
C LEU B 278 12.20 -47.66 -25.40
N LEU B 279 11.00 -47.17 -25.08
CA LEU B 279 10.04 -46.85 -26.10
C LEU B 279 9.63 -45.41 -25.92
N GLY B 280 9.09 -44.83 -26.98
CA GLY B 280 8.57 -43.48 -26.92
C GLY B 280 7.84 -43.16 -28.19
N LYS B 281 7.84 -41.87 -28.53
CA LYS B 281 7.33 -41.35 -29.80
C LYS B 281 5.93 -41.90 -30.16
N ALA B 282 5.88 -42.95 -31.00
CA ALA B 282 4.60 -43.45 -31.57
C ALA B 282 3.65 -44.12 -30.55
N LEU B 283 4.19 -44.35 -29.36
CA LEU B 283 3.44 -44.79 -28.18
C LEU B 283 2.19 -43.95 -27.97
N SER B 284 2.23 -42.71 -28.46
CA SER B 284 1.12 -41.80 -28.30
C SER B 284 0.36 -41.48 -29.59
N GLY B 285 0.88 -41.83 -30.75
CA GLY B 285 0.30 -41.35 -32.01
C GLY B 285 0.42 -39.83 -32.19
N GLY B 286 1.38 -39.24 -31.50
CA GLY B 286 1.60 -37.80 -31.49
C GLY B 286 0.62 -36.99 -30.70
N HIS B 287 -0.26 -37.66 -29.98
CA HIS B 287 -1.26 -36.97 -29.16
C HIS B 287 -0.81 -36.51 -27.78
N TYR B 288 0.35 -36.97 -27.33
CA TYR B 288 0.77 -36.76 -25.93
C TYR B 288 2.22 -37.18 -25.84
N PRO B 289 3.04 -36.50 -25.01
CA PRO B 289 4.40 -37.06 -24.85
C PRO B 289 4.38 -38.27 -23.94
N ILE B 290 4.76 -39.43 -24.46
CA ILE B 290 4.69 -40.68 -23.70
C ILE B 290 5.94 -41.47 -23.99
N SER B 291 6.56 -42.01 -22.95
CA SER B 291 7.72 -42.90 -23.10
C SER B 291 7.66 -44.00 -22.04
N ALA B 292 8.51 -44.99 -22.19
CA ALA B 292 8.46 -46.17 -21.35
C ALA B 292 9.78 -46.86 -21.27
N VAL B 293 10.04 -47.48 -20.13
CA VAL B 293 11.14 -48.43 -19.97
C VAL B 293 10.53 -49.78 -19.55
N LEU B 294 10.83 -50.85 -20.32
CA LEU B 294 10.40 -52.22 -20.00
C LEU B 294 11.58 -53.10 -19.62
N ALA B 295 11.37 -53.97 -18.63
CA ALA B 295 12.38 -54.88 -18.13
C ALA B 295 11.65 -55.96 -17.32
N ASN B 296 12.28 -57.12 -17.22
CA ASN B 296 11.77 -58.21 -16.38
C ASN B 296 11.99 -57.90 -14.91
N ASP B 297 11.17 -58.53 -14.06
CA ASP B 297 11.22 -58.37 -12.61
C ASP B 297 12.59 -58.38 -11.96
N ASP B 298 13.45 -59.32 -12.36
CA ASP B 298 14.79 -59.40 -11.80
C ASP B 298 15.59 -58.10 -11.95
N ILE B 299 15.27 -57.31 -12.99
CA ILE B 299 15.90 -56.01 -13.19
C ILE B 299 15.00 -54.92 -12.57
N MET B 300 13.73 -54.90 -12.96
CA MET B 300 12.85 -53.79 -12.61
C MET B 300 12.64 -53.67 -11.10
N LEU B 301 12.64 -54.80 -10.39
CA LEU B 301 12.38 -54.78 -8.94
C LEU B 301 13.40 -54.02 -8.07
N VAL B 302 14.53 -53.67 -8.65
CA VAL B 302 15.51 -52.87 -7.93
C VAL B 302 15.02 -51.43 -7.68
N ILE B 303 14.00 -50.98 -8.42
CA ILE B 303 13.44 -49.64 -8.23
C ILE B 303 12.53 -49.59 -7.02
N LYS B 304 12.86 -48.71 -6.09
CA LYS B 304 12.07 -48.55 -4.87
C LYS B 304 11.32 -47.21 -4.94
N PRO B 305 10.18 -47.08 -4.24
CA PRO B 305 9.54 -45.76 -4.12
C PRO B 305 10.46 -44.71 -3.48
N GLY B 306 10.30 -43.45 -3.90
CA GLY B 306 11.04 -42.36 -3.26
C GLY B 306 11.40 -41.24 -4.20
N GLU B 307 12.00 -41.60 -5.34
CA GLU B 307 12.40 -40.62 -6.36
C GLU B 307 11.20 -40.08 -7.14
N HIS B 308 11.19 -38.77 -7.36
CA HIS B 308 10.15 -38.09 -8.13
C HIS B 308 10.73 -37.49 -9.42
N GLY B 309 9.92 -37.48 -10.48
CA GLY B 309 10.38 -37.07 -11.80
C GLY B 309 9.55 -35.92 -12.32
N SER B 310 8.52 -36.27 -13.11
CA SER B 310 7.48 -35.34 -13.48
C SER B 310 6.19 -35.92 -12.91
N THR B 311 5.34 -35.06 -12.36
CA THR B 311 4.05 -35.48 -11.84
C THR B 311 3.20 -36.07 -12.98
N TYR B 312 3.60 -35.82 -14.25
CA TYR B 312 2.82 -36.31 -15.36
C TYR B 312 3.12 -37.77 -15.79
N GLY B 313 4.26 -38.33 -15.40
CA GLY B 313 4.61 -39.71 -15.80
C GLY B 313 3.50 -40.64 -15.33
N GLY B 314 2.96 -41.46 -16.24
CA GLY B 314 1.94 -42.46 -15.84
C GLY B 314 0.54 -41.93 -15.59
N ASN B 315 0.25 -40.73 -16.09
CA ASN B 315 -1.06 -40.14 -15.88
C ASN B 315 -2.14 -40.88 -16.67
N PRO B 316 -3.41 -40.83 -16.16
CA PRO B 316 -4.52 -41.55 -16.81
C PRO B 316 -4.75 -41.19 -18.28
N LEU B 317 -4.56 -39.93 -18.68
CA LEU B 317 -4.82 -39.52 -20.06
C LEU B 317 -3.83 -40.15 -21.02
N ALA B 318 -2.54 -39.99 -20.72
CA ALA B 318 -1.49 -40.72 -21.43
C ALA B 318 -1.73 -42.24 -21.49
N ALA B 319 -2.10 -42.84 -20.37
CA ALA B 319 -2.27 -44.27 -20.31
C ALA B 319 -3.37 -44.77 -21.28
N SER B 320 -4.47 -44.00 -21.37
CA SER B 320 -5.57 -44.38 -22.24
C SER B 320 -5.27 -44.05 -23.71
N ILE B 321 -4.62 -42.92 -23.97
CA ILE B 321 -4.12 -42.62 -25.33
C ILE B 321 -3.18 -43.72 -25.83
N CYS B 322 -2.25 -44.15 -24.96
CA CYS B 322 -1.25 -45.15 -25.32
C CYS B 322 -1.80 -46.52 -25.73
N VAL B 323 -2.84 -47.00 -25.04
CA VAL B 323 -3.45 -48.28 -25.40
C VAL B 323 -4.08 -48.20 -26.80
N GLU B 324 -4.74 -47.09 -27.10
CA GLU B 324 -5.35 -46.94 -28.42
C GLU B 324 -4.33 -46.74 -29.56
N ALA B 325 -3.25 -46.02 -29.28
CA ALA B 325 -2.19 -45.78 -30.27
C ALA B 325 -1.56 -47.11 -30.73
N LEU B 326 -1.34 -48.00 -29.78
CA LEU B 326 -0.80 -49.33 -30.05
C LEU B 326 -1.88 -50.22 -30.71
N ASN B 327 -3.15 -50.02 -30.34
CA ASN B 327 -4.27 -50.74 -30.94
C ASN B 327 -4.44 -50.40 -32.42
N VAL B 328 -4.25 -49.13 -32.74
CA VAL B 328 -4.34 -48.67 -34.11
C VAL B 328 -3.23 -49.32 -34.91
N LEU B 329 -2.04 -49.34 -34.32
CA LEU B 329 -0.84 -49.88 -34.91
C LEU B 329 -0.99 -51.38 -35.26
N ILE B 330 -1.56 -52.13 -34.32
CA ILE B 330 -1.75 -53.57 -34.48
C ILE B 330 -2.91 -53.87 -35.40
N ASN B 331 -4.06 -53.24 -35.14
CA ASN B 331 -5.29 -53.51 -35.88
C ASN B 331 -5.30 -53.08 -37.34
N GLU B 332 -4.52 -52.04 -37.65
CA GLU B 332 -4.40 -51.57 -39.02
C GLU B 332 -3.21 -52.23 -39.72
N LYS B 333 -2.49 -53.07 -38.99
CA LYS B 333 -1.39 -53.85 -39.56
C LYS B 333 -0.35 -52.94 -40.21
N LEU B 334 -0.07 -51.82 -39.54
CA LEU B 334 0.89 -50.83 -40.01
C LEU B 334 2.33 -51.36 -40.00
N CYS B 335 2.66 -52.25 -39.07
CA CYS B 335 3.96 -52.93 -39.12
C CYS B 335 4.09 -53.72 -40.42
N GLU B 336 3.02 -54.41 -40.79
CA GLU B 336 3.01 -55.23 -41.99
C GLU B 336 3.12 -54.36 -43.24
N ASN B 337 2.41 -53.24 -43.23
CA ASN B 337 2.47 -52.29 -44.33
C ASN B 337 3.87 -51.76 -44.55
N ALA B 338 4.59 -51.49 -43.46
CA ALA B 338 5.95 -50.96 -43.52
C ALA B 338 6.98 -51.96 -44.04
N GLU B 339 6.88 -53.21 -43.61
CA GLU B 339 7.78 -54.29 -44.09
C GLU B 339 7.57 -54.52 -45.57
N LYS B 340 6.30 -54.64 -45.95
CA LYS B 340 5.84 -54.87 -47.31
C LYS B 340 6.31 -53.75 -48.23
N LEU B 341 5.77 -52.54 -48.02
CA LEU B 341 6.07 -51.37 -48.86
C LEU B 341 7.50 -50.85 -48.76
N GLY B 342 8.21 -51.24 -47.70
CA GLY B 342 9.53 -50.71 -47.40
C GLY B 342 10.58 -51.12 -48.40
N GLY B 343 10.75 -52.44 -48.55
CA GLY B 343 11.72 -53.04 -49.47
C GLY B 343 11.71 -52.54 -50.91
N PRO B 344 10.55 -52.66 -51.62
CA PRO B 344 10.35 -52.15 -52.98
C PRO B 344 10.63 -50.65 -53.14
N PHE B 345 10.19 -49.84 -52.18
CA PHE B 345 10.39 -48.39 -52.22
C PHE B 345 11.87 -48.07 -52.24
N LEU B 346 12.62 -48.76 -51.39
CA LEU B 346 14.06 -48.59 -51.30
C LEU B 346 14.80 -49.22 -52.49
N GLU B 347 14.16 -50.19 -53.13
CA GLU B 347 14.70 -50.79 -54.35
C GLU B 347 14.79 -49.71 -55.41
N ASN B 348 13.63 -49.18 -55.78
CA ASN B 348 13.54 -48.09 -56.75
C ASN B 348 14.57 -46.99 -56.54
N LEU B 349 14.55 -46.36 -55.35
CA LEU B 349 15.45 -45.26 -55.03
C LEU B 349 16.91 -45.59 -55.31
N LYS B 350 17.34 -46.78 -54.89
CA LYS B 350 18.69 -47.27 -55.17
C LYS B 350 19.02 -47.28 -56.67
N ARG B 351 18.07 -47.77 -57.47
CA ARG B 351 18.29 -47.97 -58.90
C ARG B 351 17.92 -46.74 -59.73
N GLU B 352 17.09 -45.86 -59.16
CA GLU B 352 16.67 -44.65 -59.85
C GLU B 352 17.70 -43.55 -59.65
N LEU B 353 18.56 -43.72 -58.65
CA LEU B 353 19.59 -42.75 -58.35
C LEU B 353 20.98 -43.36 -58.47
N LYS B 354 21.08 -44.47 -59.20
CA LYS B 354 22.32 -45.25 -59.29
C LYS B 354 23.45 -44.50 -60.00
N ASP B 355 23.08 -43.65 -60.95
CA ASP B 355 24.05 -42.83 -61.69
C ASP B 355 23.96 -41.34 -61.31
N SER B 356 23.41 -41.06 -60.14
CA SER B 356 23.46 -39.71 -59.59
C SER B 356 24.82 -39.49 -58.91
N LYS B 357 25.53 -38.47 -59.36
CA LYS B 357 26.90 -38.23 -58.90
C LYS B 357 26.96 -37.58 -57.51
N ILE B 358 25.84 -37.06 -57.02
CA ILE B 358 25.80 -36.43 -55.70
C ILE B 358 25.34 -37.42 -54.60
N VAL B 359 24.66 -38.48 -55.02
CA VAL B 359 24.14 -39.50 -54.10
C VAL B 359 25.26 -40.46 -53.69
N ARG B 360 25.53 -40.48 -52.39
CA ARG B 360 26.53 -41.36 -51.82
C ARG B 360 25.96 -42.73 -51.44
N ASP B 361 24.77 -42.74 -50.82
CA ASP B 361 24.16 -43.97 -50.33
C ASP B 361 22.65 -43.85 -50.18
N VAL B 362 21.96 -44.96 -50.38
CA VAL B 362 20.52 -45.08 -50.17
C VAL B 362 20.29 -46.33 -49.31
N ARG B 363 19.87 -46.13 -48.05
CA ARG B 363 19.79 -47.22 -47.06
C ARG B 363 18.51 -47.23 -46.20
N GLY B 364 18.39 -48.20 -45.29
CA GLY B 364 17.26 -48.26 -44.36
C GLY B 364 16.64 -49.63 -44.14
N LYS B 365 15.52 -49.65 -43.40
CA LYS B 365 14.72 -50.85 -43.16
C LYS B 365 13.26 -50.46 -42.99
N GLY B 366 12.36 -51.23 -43.59
CA GLY B 366 10.93 -50.90 -43.58
C GLY B 366 10.69 -49.48 -44.08
N LEU B 367 10.25 -48.59 -43.20
CA LEU B 367 10.00 -47.20 -43.59
C LEU B 367 10.92 -46.25 -42.86
N LEU B 368 12.03 -46.81 -42.38
CA LEU B 368 13.09 -46.05 -41.78
C LEU B 368 14.24 -46.03 -42.78
N CYS B 369 14.20 -45.03 -43.65
CA CYS B 369 15.15 -44.92 -44.76
C CYS B 369 15.85 -43.56 -44.78
N ALA B 370 16.91 -43.49 -45.57
CA ALA B 370 17.62 -42.24 -45.76
C ALA B 370 18.35 -42.27 -47.10
N ILE B 371 18.59 -41.09 -47.66
CA ILE B 371 19.58 -40.97 -48.73
C ILE B 371 20.69 -40.04 -48.27
N GLU B 372 21.91 -40.54 -48.33
CA GLU B 372 23.09 -39.78 -47.93
C GLU B 372 23.77 -39.17 -49.17
N PHE B 373 24.20 -37.91 -49.02
CA PHE B 373 24.69 -37.14 -50.14
C PHE B 373 26.18 -36.86 -50.03
N LYS B 374 26.78 -36.64 -51.20
CA LYS B 374 28.15 -36.20 -51.30
C LYS B 374 28.16 -34.70 -51.00
N ASN B 375 28.45 -34.44 -49.74
CA ASN B 375 28.50 -33.14 -49.13
C ASN B 375 29.33 -32.09 -49.88
N GLU B 376 30.49 -32.52 -50.39
CA GLU B 376 31.39 -31.65 -51.16
C GLU B 376 30.69 -31.10 -52.39
N LEU B 377 29.64 -31.80 -52.85
CA LEU B 377 28.99 -31.49 -54.13
C LEU B 377 27.61 -30.80 -54.04
N VAL B 378 26.90 -30.96 -52.92
CA VAL B 378 25.57 -30.37 -52.73
C VAL B 378 25.37 -29.86 -51.33
N ASN B 379 24.53 -28.82 -51.23
CA ASN B 379 24.10 -28.30 -49.94
C ASN B 379 22.82 -29.02 -49.57
N VAL B 380 22.92 -29.89 -48.58
CA VAL B 380 21.81 -30.80 -48.28
C VAL B 380 20.56 -30.09 -47.69
N LEU B 381 20.78 -28.96 -47.01
CA LEU B 381 19.66 -28.12 -46.58
C LEU B 381 18.89 -27.58 -47.80
N ASP B 382 19.63 -27.19 -48.83
CA ASP B 382 19.00 -26.76 -50.10
C ASP B 382 18.16 -27.83 -50.74
N ILE B 383 18.62 -29.09 -50.70
CA ILE B 383 17.79 -30.20 -51.19
C ILE B 383 16.46 -30.29 -50.39
N CYS B 384 16.56 -30.14 -49.07
CA CYS B 384 15.38 -30.15 -48.20
C CYS B 384 14.40 -29.05 -48.56
N LEU B 385 14.90 -27.84 -48.78
CA LEU B 385 14.06 -26.73 -49.23
C LEU B 385 13.44 -26.97 -50.60
N LYS B 386 14.20 -27.62 -51.50
CA LYS B 386 13.68 -28.00 -52.83
C LYS B 386 12.61 -29.10 -52.78
N LEU B 387 12.89 -30.13 -51.99
CA LEU B 387 11.89 -31.13 -51.58
C LEU B 387 10.59 -30.50 -51.09
N LYS B 388 10.70 -29.51 -50.22
CA LYS B 388 9.53 -28.78 -49.77
C LYS B 388 8.80 -28.17 -50.98
N GLU B 389 9.55 -27.48 -51.84
CA GLU B 389 8.97 -26.87 -53.04
C GLU B 389 8.16 -27.89 -53.83
N ASN B 390 8.69 -29.10 -53.96
CA ASN B 390 8.03 -30.16 -54.70
C ASN B 390 7.03 -30.99 -53.88
N GLY B 391 6.70 -30.51 -52.67
CA GLY B 391 5.59 -31.08 -51.90
C GLY B 391 5.92 -32.27 -51.01
N LEU B 392 7.15 -32.32 -50.50
CA LEU B 392 7.60 -33.33 -49.54
C LEU B 392 8.49 -32.66 -48.50
N ILE B 393 8.11 -32.75 -47.23
CA ILE B 393 8.96 -32.15 -46.17
C ILE B 393 9.71 -33.15 -45.29
N THR B 394 11.00 -32.86 -45.09
CA THR B 394 11.86 -33.50 -44.10
C THR B 394 12.92 -32.57 -43.55
N ARG B 395 13.85 -33.18 -42.81
CA ARG B 395 15.04 -32.54 -42.28
C ARG B 395 16.20 -33.44 -42.64
N ASP B 396 17.40 -32.87 -42.61
CA ASP B 396 18.62 -33.65 -42.74
C ASP B 396 19.38 -33.74 -41.41
N VAL B 397 20.44 -34.55 -41.41
CA VAL B 397 21.32 -34.70 -40.26
C VAL B 397 22.79 -34.61 -40.70
N HIS B 398 23.60 -33.93 -39.88
CA HIS B 398 25.05 -33.80 -40.09
C HIS B 398 25.38 -33.16 -41.44
N ASP B 399 24.43 -32.39 -41.96
CA ASP B 399 24.56 -31.72 -43.25
C ASP B 399 24.83 -32.67 -44.42
N LYS B 400 24.41 -33.94 -44.34
CA LYS B 400 24.63 -34.85 -45.46
C LYS B 400 23.57 -35.91 -45.76
N THR B 401 22.68 -36.17 -44.81
CA THR B 401 21.73 -37.26 -44.91
C THR B 401 20.30 -36.75 -44.68
N ILE B 402 19.42 -37.08 -45.61
CA ILE B 402 18.00 -36.74 -45.51
C ILE B 402 17.18 -37.95 -45.02
N ARG B 403 16.40 -37.73 -43.95
CA ARG B 403 15.47 -38.71 -43.40
C ARG B 403 14.36 -38.97 -44.40
N LEU B 404 14.04 -40.24 -44.64
CA LEU B 404 12.84 -40.56 -45.40
C LEU B 404 11.94 -41.46 -44.57
N THR B 405 11.13 -40.83 -43.70
CA THR B 405 10.35 -41.56 -42.71
C THR B 405 8.88 -41.11 -42.70
N PRO B 406 8.10 -41.58 -43.69
CA PRO B 406 6.68 -41.22 -43.78
C PRO B 406 5.85 -42.03 -42.77
N PRO B 407 4.64 -41.56 -42.46
CA PRO B 407 3.81 -42.39 -41.61
C PRO B 407 3.60 -43.77 -42.23
N LEU B 408 3.25 -44.75 -41.39
CA LEU B 408 3.25 -46.14 -41.81
C LEU B 408 2.01 -46.49 -42.61
N CYS B 409 0.99 -45.64 -42.55
CA CYS B 409 -0.24 -45.81 -43.31
C CYS B 409 -0.10 -45.32 -44.77
N ILE B 410 1.13 -45.11 -45.21
CA ILE B 410 1.36 -44.64 -46.56
C ILE B 410 1.08 -45.79 -47.54
N THR B 411 0.47 -45.42 -48.67
CA THR B 411 0.04 -46.37 -49.70
C THR B 411 1.15 -46.59 -50.76
N LYS B 412 1.11 -47.73 -51.47
CA LYS B 412 2.04 -47.98 -52.60
C LYS B 412 2.02 -46.86 -53.65
N GLU B 413 0.81 -46.43 -54.01
CA GLU B 413 0.59 -45.36 -54.99
C GLU B 413 1.14 -44.00 -54.53
N GLN B 414 1.04 -43.72 -53.22
CA GLN B 414 1.59 -42.50 -52.63
C GLN B 414 3.10 -42.52 -52.62
N LEU B 415 3.67 -43.67 -52.27
CA LEU B 415 5.12 -43.84 -52.18
C LEU B 415 5.79 -43.84 -53.56
N ASP B 416 4.98 -44.13 -54.59
CA ASP B 416 5.44 -44.03 -55.98
C ASP B 416 5.53 -42.55 -56.31
N GLU B 417 4.47 -41.79 -55.99
CA GLU B 417 4.45 -40.32 -56.12
C GLU B 417 5.68 -39.71 -55.45
N CYS B 418 6.00 -40.16 -54.23
CA CYS B 418 7.12 -39.62 -53.46
C CYS B 418 8.48 -39.97 -54.03
N THR B 419 8.58 -41.17 -54.61
CA THR B 419 9.85 -41.58 -55.26
C THR B 419 10.13 -40.67 -56.45
N GLU B 420 9.09 -40.30 -57.19
CA GLU B 420 9.22 -39.38 -58.33
C GLU B 420 9.58 -37.97 -57.86
N ILE B 421 8.86 -37.48 -56.84
CA ILE B 421 9.23 -36.23 -56.16
C ILE B 421 10.71 -36.22 -55.76
N ILE B 422 11.17 -37.27 -55.10
CA ILE B 422 12.56 -37.32 -54.58
C ILE B 422 13.62 -37.36 -55.69
N VAL B 423 13.36 -38.17 -56.72
CA VAL B 423 14.28 -38.36 -57.85
C VAL B 423 14.35 -37.08 -58.67
N LYS B 424 13.19 -36.53 -59.03
CA LYS B 424 13.06 -35.19 -59.62
C LYS B 424 13.92 -34.16 -58.88
N THR B 425 13.74 -34.08 -57.56
CA THR B 425 14.49 -33.13 -56.74
C THR B 425 16.00 -33.37 -56.76
N VAL B 426 16.41 -34.63 -56.64
CA VAL B 426 17.83 -34.96 -56.64
C VAL B 426 18.48 -34.54 -57.97
N LYS B 427 17.77 -34.81 -59.08
CA LYS B 427 18.26 -34.46 -60.43
C LYS B 427 18.45 -32.96 -60.67
N PHE B 428 17.68 -32.13 -59.97
CA PHE B 428 17.84 -30.65 -60.02
C PHE B 428 19.22 -30.23 -59.58
N PHE B 429 19.79 -30.97 -58.63
CA PHE B 429 21.12 -30.65 -58.11
C PHE B 429 22.22 -31.46 -58.83
N ASP B 430 21.80 -32.35 -59.74
CA ASP B 430 22.72 -33.18 -60.50
C ASP B 430 23.37 -32.42 -61.65
N LYS C 27 25.35 7.96 -3.45
CA LYS C 27 23.99 7.55 -3.93
C LYS C 27 24.07 6.89 -5.31
N THR C 28 23.17 5.94 -5.53
CA THR C 28 23.12 5.11 -6.72
C THR C 28 22.20 5.70 -7.81
N PRO C 29 22.35 5.25 -9.07
CA PRO C 29 21.38 5.64 -10.11
C PRO C 29 19.90 5.53 -9.66
N GLU C 30 19.52 4.41 -9.03
CA GLU C 30 18.15 4.21 -8.52
C GLU C 30 17.73 5.22 -7.44
N ASP C 31 18.65 5.62 -6.55
CA ASP C 31 18.35 6.61 -5.53
C ASP C 31 17.96 7.95 -6.16
N TYR C 32 18.71 8.34 -7.19
CA TYR C 32 18.43 9.54 -7.96
C TYR C 32 17.11 9.43 -8.75
N ILE C 33 16.92 8.30 -9.41
CA ILE C 33 15.73 8.07 -10.21
C ILE C 33 14.48 8.07 -9.32
N ASN C 34 14.54 7.32 -8.22
CA ASN C 34 13.46 7.27 -7.25
C ASN C 34 13.16 8.62 -6.59
N ASN C 35 14.20 9.41 -6.34
CA ASN C 35 14.03 10.77 -5.82
C ASN C 35 13.22 11.67 -6.79
N GLU C 36 13.55 11.66 -8.08
CA GLU C 36 12.80 12.44 -9.08
C GLU C 36 11.37 11.93 -9.25
N LEU C 37 11.21 10.61 -9.16
CA LEU C 37 9.89 10.00 -9.23
C LEU C 37 8.98 10.51 -8.12
N LYS C 38 9.59 10.80 -6.97
CA LYS C 38 8.86 11.28 -5.79
C LYS C 38 8.53 12.79 -5.82
N TYR C 39 9.53 13.60 -6.15
CA TYR C 39 9.43 15.08 -6.02
C TYR C 39 9.16 15.82 -7.31
N GLY C 40 9.20 15.09 -8.42
CA GLY C 40 9.11 15.67 -9.74
C GLY C 40 7.92 15.08 -10.48
N ALA C 41 7.39 15.84 -11.43
CA ALA C 41 6.30 15.42 -12.29
C ALA C 41 6.80 14.40 -13.29
N HIS C 42 5.96 13.42 -13.58
CA HIS C 42 6.32 12.35 -14.47
C HIS C 42 6.02 12.70 -15.92
N ASN C 43 6.58 13.81 -16.38
CA ASN C 43 6.40 14.22 -17.77
C ASN C 43 7.39 13.58 -18.75
N TYR C 44 8.41 12.89 -18.22
CA TYR C 44 9.39 12.19 -19.07
C TYR C 44 9.64 10.75 -18.63
N ASP C 45 10.11 9.93 -19.55
CA ASP C 45 10.48 8.55 -19.24
C ASP C 45 11.88 8.26 -19.80
N PRO C 46 12.92 8.75 -19.11
CA PRO C 46 14.27 8.78 -19.66
C PRO C 46 14.97 7.41 -19.60
N ILE C 47 15.93 7.20 -20.50
CA ILE C 47 16.88 6.09 -20.37
C ILE C 47 17.50 6.21 -18.96
N PRO C 48 17.39 5.16 -18.13
CA PRO C 48 17.84 5.21 -16.74
C PRO C 48 19.38 5.30 -16.54
N VAL C 49 20.04 6.26 -17.18
CA VAL C 49 21.42 6.64 -16.87
C VAL C 49 21.32 7.93 -16.09
N VAL C 50 22.19 8.11 -15.10
CA VAL C 50 22.17 9.32 -14.27
C VAL C 50 23.50 10.10 -14.35
N LEU C 51 23.50 11.21 -15.07
CA LEU C 51 24.73 11.89 -15.43
C LEU C 51 25.10 12.96 -14.43
N LYS C 52 26.41 13.12 -14.22
CA LYS C 52 26.90 14.15 -13.29
C LYS C 52 28.01 15.02 -13.85
N ARG C 53 28.60 14.63 -14.98
CA ARG C 53 29.72 15.35 -15.57
C ARG C 53 29.78 15.03 -17.04
N ALA C 54 30.34 15.95 -17.82
CA ALA C 54 30.45 15.77 -19.27
C ALA C 54 31.57 16.63 -19.84
N LYS C 55 32.26 16.11 -20.85
CA LYS C 55 33.30 16.89 -21.55
C LYS C 55 33.45 16.45 -23.01
N GLY C 56 33.37 17.38 -23.94
CA GLY C 56 33.47 17.01 -25.35
C GLY C 56 32.41 15.97 -25.73
N VAL C 57 32.86 14.81 -26.20
CA VAL C 57 31.98 13.76 -26.70
C VAL C 57 31.46 12.80 -25.62
N PHE C 58 31.96 12.95 -24.40
CA PHE C 58 31.70 12.01 -23.30
C PHE C 58 30.88 12.60 -22.17
N VAL C 59 30.10 11.76 -21.52
CA VAL C 59 29.40 12.05 -20.27
C VAL C 59 29.74 10.95 -19.27
N TYR C 60 29.61 11.27 -17.99
CA TYR C 60 29.98 10.38 -16.90
C TYR C 60 28.82 10.27 -15.96
N ASP C 61 28.42 9.04 -15.62
CA ASP C 61 27.33 8.90 -14.66
C ASP C 61 27.82 8.88 -13.23
N VAL C 62 26.89 8.71 -12.29
CA VAL C 62 27.21 8.79 -10.86
C VAL C 62 28.13 7.64 -10.40
N ASN C 63 28.22 6.57 -11.18
CA ASN C 63 29.15 5.45 -10.90
C ASN C 63 30.50 5.65 -11.60
N ASP C 64 30.66 6.80 -12.24
CA ASP C 64 31.91 7.20 -12.92
C ASP C 64 32.15 6.46 -14.22
N LYS C 65 31.12 5.77 -14.71
CA LYS C 65 31.14 5.14 -16.02
C LYS C 65 31.05 6.21 -17.08
N ARG C 66 31.80 6.02 -18.16
CA ARG C 66 31.82 6.96 -19.26
C ARG C 66 31.03 6.41 -20.46
N TYR C 67 30.33 7.31 -21.14
CA TYR C 67 29.57 6.99 -22.34
C TYR C 67 29.84 8.03 -23.40
N TYR C 68 29.95 7.59 -24.66
CA TYR C 68 29.80 8.49 -25.79
C TYR C 68 28.37 9.00 -25.82
N ASP C 69 28.21 10.31 -25.94
CA ASP C 69 26.88 10.91 -26.07
C ASP C 69 26.53 10.99 -27.55
N PHE C 70 25.64 10.13 -28.00
CA PHE C 70 25.23 10.14 -29.38
C PHE C 70 23.88 10.83 -29.57
N LEU C 71 23.53 11.65 -28.60
CA LEU C 71 22.35 12.50 -28.71
C LEU C 71 22.72 13.98 -28.85
N SER C 72 23.78 14.40 -28.14
CA SER C 72 24.30 15.78 -28.11
C SER C 72 23.23 16.74 -27.58
N ALA C 73 22.36 16.25 -26.70
CA ALA C 73 21.16 16.98 -26.29
C ALA C 73 20.48 17.59 -27.53
N TYR C 74 20.27 16.76 -28.55
CA TYR C 74 19.60 17.18 -29.79
C TYR C 74 20.28 18.37 -30.47
N SER C 75 21.62 18.36 -30.45
CA SER C 75 22.47 19.32 -31.14
C SER C 75 22.82 20.59 -30.35
N SER C 76 22.44 20.65 -29.07
CA SER C 76 22.84 21.77 -28.23
C SER C 76 24.35 21.80 -28.03
N VAL C 77 24.96 20.63 -27.92
CA VAL C 77 26.40 20.59 -27.64
C VAL C 77 27.19 20.09 -28.85
N ASN C 78 26.83 20.64 -30.03
CA ASN C 78 27.57 20.42 -31.27
C ASN C 78 29.06 20.64 -31.06
N GLN C 79 29.36 21.59 -30.16
CA GLN C 79 30.71 22.03 -29.86
C GLN C 79 31.39 21.09 -28.86
N GLY C 80 30.67 20.05 -28.43
CA GLY C 80 31.12 19.21 -27.31
C GLY C 80 30.59 19.75 -26.00
N HIS C 81 30.41 18.87 -25.01
CA HIS C 81 29.94 19.27 -23.68
C HIS C 81 30.92 20.19 -23.02
N CYS C 82 30.38 21.19 -22.33
CA CYS C 82 31.16 22.04 -21.42
C CYS C 82 32.41 22.66 -22.05
N HIS C 83 32.28 23.20 -23.26
CA HIS C 83 33.41 23.87 -23.91
C HIS C 83 33.89 25.06 -23.08
N PRO C 84 35.19 25.08 -22.74
CA PRO C 84 35.75 26.08 -21.82
C PRO C 84 35.67 27.52 -22.33
N ASN C 85 35.69 27.71 -23.65
CA ASN C 85 35.59 29.06 -24.24
C ASN C 85 34.19 29.67 -24.05
N ILE C 86 33.17 28.82 -24.17
CA ILE C 86 31.79 29.24 -23.95
C ILE C 86 31.60 29.59 -22.47
N LEU C 87 32.15 28.77 -21.58
CA LEU C 87 32.07 29.05 -20.15
C LEU C 87 32.74 30.38 -19.78
N ASN C 88 33.91 30.61 -20.35
CA ASN C 88 34.62 31.87 -20.14
C ASN C 88 33.83 33.11 -20.59
N ALA C 89 33.24 33.05 -21.79
CA ALA C 89 32.36 34.12 -22.29
C ALA C 89 31.16 34.32 -21.41
N MET C 90 30.64 33.21 -20.88
CA MET C 90 29.49 33.25 -19.98
C MET C 90 29.85 33.92 -18.66
N ILE C 91 30.99 33.53 -18.10
CA ILE C 91 31.47 34.15 -16.85
C ILE C 91 31.79 35.64 -17.02
N ASN C 92 32.50 35.99 -18.09
CA ASN C 92 32.85 37.38 -18.39
C ASN C 92 31.63 38.30 -18.44
N GLN C 93 30.60 37.89 -19.17
CA GLN C 93 29.36 38.66 -19.26
C GLN C 93 28.61 38.68 -17.93
N ALA C 94 28.40 37.50 -17.34
CA ALA C 94 27.62 37.36 -16.11
C ALA C 94 28.14 38.12 -14.89
N LYS C 95 29.45 38.40 -14.88
CA LYS C 95 30.04 39.23 -13.83
C LYS C 95 29.54 40.66 -13.93
N ASN C 96 29.16 41.09 -15.13
CA ASN C 96 28.76 42.47 -15.41
C ASN C 96 27.25 42.75 -15.52
N LEU C 97 26.55 41.95 -16.33
CA LEU C 97 25.11 42.09 -16.57
C LEU C 97 24.54 40.78 -17.10
N THR C 98 23.47 40.31 -16.46
CA THR C 98 22.81 39.07 -16.91
C THR C 98 21.40 39.31 -17.49
N ILE C 99 20.66 40.21 -16.86
CA ILE C 99 19.32 40.59 -17.33
C ILE C 99 18.92 41.99 -16.81
N CYS C 100 18.31 42.79 -17.68
CA CYS C 100 17.78 44.07 -17.26
C CYS C 100 16.35 44.22 -17.74
N SER C 101 15.94 43.30 -18.63
CA SER C 101 14.68 43.32 -19.37
C SER C 101 14.75 44.18 -20.66
N ARG C 102 13.81 43.97 -21.56
CA ARG C 102 13.76 44.70 -22.82
C ARG C 102 13.11 46.09 -22.67
N ALA C 103 12.86 46.48 -21.41
CA ALA C 103 12.54 47.86 -21.07
C ALA C 103 13.77 48.72 -21.33
N PHE C 104 14.97 48.12 -21.22
CA PHE C 104 16.23 48.82 -21.51
C PHE C 104 17.04 48.17 -22.64
N PHE C 105 17.96 48.92 -23.22
CA PHE C 105 18.89 48.33 -24.18
C PHE C 105 20.08 47.76 -23.42
N SER C 106 20.74 46.76 -24.00
CA SER C 106 22.02 46.31 -23.45
C SER C 106 23.08 46.28 -24.54
N VAL C 107 24.33 46.45 -24.14
CA VAL C 107 25.41 46.44 -25.12
C VAL C 107 25.51 45.10 -25.87
N PRO C 108 25.53 43.96 -25.15
CA PRO C 108 25.76 42.68 -25.82
C PRO C 108 24.80 42.30 -26.94
N LEU C 109 23.53 42.67 -26.85
CA LEU C 109 22.54 42.21 -27.84
C LEU C 109 22.81 42.64 -29.30
N GLY C 110 23.05 43.94 -29.51
CA GLY C 110 23.33 44.49 -30.83
C GLY C 110 24.55 43.83 -31.49
N ILE C 111 25.59 43.60 -30.70
CA ILE C 111 26.77 42.86 -31.15
C ILE C 111 26.41 41.47 -31.70
N CYS C 112 25.60 40.73 -30.93
CA CYS C 112 25.10 39.42 -31.35
C CYS C 112 24.31 39.49 -32.66
N GLU C 113 23.42 40.48 -32.76
CA GLU C 113 22.55 40.65 -33.92
C GLU C 113 23.35 40.94 -35.19
N ARG C 114 24.35 41.80 -35.06
CA ARG C 114 25.24 42.17 -36.17
C ARG C 114 26.06 40.95 -36.61
N TYR C 115 26.69 40.30 -35.63
CA TYR C 115 27.44 39.06 -35.84
C TYR C 115 26.63 38.01 -36.59
N LEU C 116 25.44 37.69 -36.07
CA LEU C 116 24.61 36.63 -36.63
C LEU C 116 24.14 36.91 -38.05
N THR C 117 23.74 38.15 -38.29
CA THR C 117 23.19 38.57 -39.59
C THR C 117 24.28 38.56 -40.66
N ASN C 118 25.46 39.05 -40.27
CA ASN C 118 26.64 39.06 -41.14
C ASN C 118 27.09 37.65 -41.51
N LEU C 119 27.09 36.76 -40.52
CA LEU C 119 27.46 35.36 -40.69
C LEU C 119 26.54 34.64 -41.68
N LEU C 120 25.24 34.86 -41.54
CA LEU C 120 24.28 34.06 -42.29
C LEU C 120 23.71 34.75 -43.52
N GLY C 121 24.10 36.01 -43.73
CA GLY C 121 23.68 36.75 -44.92
C GLY C 121 22.20 37.10 -44.93
N TYR C 122 21.70 37.55 -43.78
CA TYR C 122 20.35 38.12 -43.70
C TYR C 122 20.44 39.51 -43.06
N ASP C 123 19.44 40.35 -43.31
CA ASP C 123 19.41 41.74 -42.78
C ASP C 123 19.29 41.79 -41.25
N LYS C 124 18.31 41.05 -40.73
CA LYS C 124 17.94 41.16 -39.33
C LYS C 124 17.78 39.79 -38.66
N VAL C 125 17.86 39.81 -37.34
CA VAL C 125 17.59 38.65 -36.51
C VAL C 125 16.68 39.06 -35.35
N LEU C 126 15.85 38.12 -34.91
CA LEU C 126 15.04 38.25 -33.71
C LEU C 126 15.44 37.12 -32.73
N MET C 127 16.07 37.50 -31.61
CA MET C 127 16.58 36.56 -30.62
C MET C 127 15.51 36.17 -29.60
N MET C 128 15.46 34.87 -29.25
CA MET C 128 14.49 34.30 -28.29
C MET C 128 15.18 33.18 -27.46
N ASN C 129 14.41 32.42 -26.67
CA ASN C 129 14.97 31.36 -25.80
C ASN C 129 14.83 29.95 -26.33
N THR C 130 13.61 29.56 -26.72
CA THR C 130 13.29 28.18 -27.04
C THR C 130 12.95 28.02 -28.53
N GLY C 131 12.97 26.78 -28.99
CA GLY C 131 12.59 26.44 -30.35
C GLY C 131 11.14 26.76 -30.63
N ALA C 132 10.28 26.54 -29.64
CA ALA C 132 8.84 26.80 -29.77
C ALA C 132 8.55 28.29 -29.94
N GLU C 133 9.22 29.13 -29.15
CA GLU C 133 9.22 30.59 -29.34
C GLU C 133 9.60 31.00 -30.76
N ALA C 134 10.71 30.48 -31.26
CA ALA C 134 11.12 30.74 -32.65
C ALA C 134 10.06 30.27 -33.66
N ASN C 135 9.48 29.09 -33.44
CA ASN C 135 8.35 28.61 -34.24
C ASN C 135 7.16 29.59 -34.21
N GLU C 136 6.67 29.91 -33.01
CA GLU C 136 5.53 30.81 -32.82
C GLU C 136 5.78 32.20 -33.42
N THR C 137 6.97 32.73 -33.17
CA THR C 137 7.46 33.99 -33.72
C THR C 137 7.46 33.98 -35.25
N ALA C 138 7.93 32.89 -35.85
CA ALA C 138 7.90 32.76 -37.31
C ALA C 138 6.46 32.69 -37.85
N TYR C 139 5.56 32.07 -37.08
CA TYR C 139 4.15 31.94 -37.49
C TYR C 139 3.50 33.30 -37.60
N LYS C 140 3.64 34.11 -36.55
CA LYS C 140 3.10 35.49 -36.51
C LYS C 140 3.71 36.35 -37.60
N LEU C 141 5.02 36.19 -37.80
CA LEU C 141 5.76 36.94 -38.84
C LEU C 141 5.28 36.61 -40.26
N CYS C 142 5.07 35.33 -40.54
CA CYS C 142 4.59 34.90 -41.85
C CYS C 142 3.17 35.40 -42.09
N ARG C 143 2.34 35.31 -41.06
CA ARG C 143 0.97 35.81 -41.13
C ARG C 143 0.92 37.32 -41.34
N LYS C 144 1.68 38.08 -40.55
CA LYS C 144 1.76 39.51 -40.73
C LYS C 144 2.24 39.86 -42.14
N TRP C 145 3.30 39.20 -42.59
CA TRP C 145 3.80 39.38 -43.96
C TRP C 145 2.71 39.12 -45.00
N GLY C 146 2.02 37.98 -44.86
CA GLY C 146 0.97 37.58 -45.79
C GLY C 146 -0.15 38.61 -45.94
N TYR C 147 -0.42 39.34 -44.86
CA TYR C 147 -1.39 40.41 -44.88
C TYR C 147 -0.77 41.70 -45.41
N GLU C 148 0.29 42.16 -44.75
CA GLU C 148 0.95 43.43 -45.11
C GLU C 148 1.47 43.49 -46.53
N VAL C 149 2.09 42.42 -47.00
CA VAL C 149 2.78 42.42 -48.29
C VAL C 149 2.03 41.64 -49.36
N LYS C 150 1.75 40.35 -49.11
CA LYS C 150 1.05 39.53 -50.11
C LYS C 150 -0.41 39.95 -50.29
N LYS C 151 -0.95 40.65 -49.29
CA LYS C 151 -2.34 41.12 -49.29
C LYS C 151 -3.35 39.99 -49.36
N ILE C 152 -3.26 39.10 -48.37
CA ILE C 152 -4.23 38.03 -48.17
C ILE C 152 -5.42 38.62 -47.38
N PRO C 153 -6.67 38.26 -47.75
CA PRO C 153 -7.84 38.73 -46.99
C PRO C 153 -7.76 38.35 -45.51
N GLU C 154 -8.29 39.20 -44.63
CA GLU C 154 -8.14 39.02 -43.18
C GLU C 154 -8.66 37.68 -42.66
N ASN C 155 -7.93 37.14 -41.68
CA ASN C 155 -8.20 35.83 -41.06
C ASN C 155 -7.97 34.62 -41.97
N MET C 156 -7.32 34.83 -43.11
CA MET C 156 -7.21 33.80 -44.14
C MET C 156 -5.82 33.21 -44.37
N ALA C 157 -4.79 33.89 -43.86
CA ALA C 157 -3.39 33.49 -44.08
C ALA C 157 -3.12 32.07 -43.60
N LYS C 158 -2.56 31.26 -44.49
CA LYS C 158 -2.34 29.85 -44.24
C LYS C 158 -0.86 29.56 -44.24
N ILE C 159 -0.41 28.75 -43.28
CA ILE C 159 0.98 28.28 -43.26
C ILE C 159 1.02 26.79 -43.60
N VAL C 160 1.79 26.46 -44.63
CA VAL C 160 1.96 25.06 -45.03
C VAL C 160 3.15 24.44 -44.29
N VAL C 161 2.95 23.21 -43.84
CA VAL C 161 3.91 22.49 -43.04
C VAL C 161 3.89 21.03 -43.51
N CYS C 162 4.90 20.24 -43.10
CA CYS C 162 4.98 18.83 -43.51
C CYS C 162 4.51 17.88 -42.41
N TYR C 198 5.90 15.44 -47.02
CA TYR C 198 7.33 15.73 -47.06
C TYR C 198 8.02 15.14 -48.29
N ASP C 199 9.08 15.79 -48.76
CA ASP C 199 9.85 15.37 -49.94
C ASP C 199 8.95 15.13 -51.17
N ASP C 200 7.92 15.97 -51.29
CA ASP C 200 6.92 15.83 -52.35
C ASP C 200 6.59 17.19 -52.98
N LEU C 201 7.25 17.47 -54.10
CA LEU C 201 7.07 18.73 -54.83
C LEU C 201 5.68 18.83 -55.47
N GLU C 202 5.12 17.68 -55.85
CA GLU C 202 3.76 17.61 -56.44
C GLU C 202 2.69 18.17 -55.49
N ALA C 203 2.52 17.50 -54.35
CA ALA C 203 1.50 17.90 -53.38
C ALA C 203 1.80 19.24 -52.72
N LEU C 204 3.08 19.64 -52.73
CA LEU C 204 3.50 20.96 -52.24
C LEU C 204 2.94 22.06 -53.15
N GLU C 205 3.16 21.89 -54.45
CA GLU C 205 2.72 22.88 -55.45
C GLU C 205 1.21 22.96 -55.58
N GLU C 206 0.54 21.86 -55.24
CA GLU C 206 -0.92 21.80 -55.22
C GLU C 206 -1.49 22.63 -54.06
N GLU C 207 -0.82 22.57 -52.91
CA GLU C 207 -1.23 23.36 -51.74
C GLU C 207 -0.77 24.81 -51.88
N LEU C 208 0.39 25.02 -52.51
CA LEU C 208 0.95 26.37 -52.70
C LEU C 208 0.26 27.17 -53.81
N LYS C 209 -0.65 26.53 -54.54
CA LYS C 209 -1.46 27.21 -55.55
C LYS C 209 -2.43 28.20 -54.90
N ASP C 210 -2.94 27.85 -53.71
CA ASP C 210 -3.80 28.72 -52.93
C ASP C 210 -3.10 30.06 -52.66
N PRO C 211 -3.73 31.17 -53.08
CA PRO C 211 -3.22 32.52 -52.79
C PRO C 211 -3.24 32.91 -51.31
N ASN C 212 -4.13 32.28 -50.52
CA ASN C 212 -4.20 32.50 -49.06
C ASN C 212 -2.96 32.02 -48.29
N VAL C 213 -2.14 31.19 -48.93
CA VAL C 213 -0.90 30.68 -48.34
C VAL C 213 0.18 31.76 -48.22
N CYS C 214 0.55 32.09 -46.98
CA CYS C 214 1.58 33.09 -46.73
C CYS C 214 3.00 32.51 -46.64
N ALA C 215 3.13 31.27 -46.20
CA ALA C 215 4.45 30.64 -46.00
C ALA C 215 4.47 29.11 -46.09
N PHE C 216 5.64 28.58 -46.40
CA PHE C 216 5.95 27.17 -46.26
C PHE C 216 7.15 27.00 -45.31
N ILE C 217 6.96 26.18 -44.28
CA ILE C 217 8.05 25.91 -43.35
C ILE C 217 8.45 24.42 -43.37
N VAL C 218 9.76 24.18 -43.51
CA VAL C 218 10.28 22.82 -43.60
C VAL C 218 11.69 22.67 -42.99
N GLU C 219 11.95 21.50 -42.41
CA GLU C 219 13.31 21.11 -42.01
C GLU C 219 14.07 20.56 -43.20
N PRO C 220 15.32 21.00 -43.41
CA PRO C 220 16.11 20.41 -44.50
C PRO C 220 16.28 18.88 -44.37
N ILE C 221 16.29 18.37 -43.13
CA ILE C 221 16.18 16.93 -42.82
C ILE C 221 15.21 16.81 -41.64
N GLN C 222 14.14 16.03 -41.80
CA GLN C 222 13.16 15.81 -40.73
C GLN C 222 13.77 15.08 -39.53
N GLY C 223 13.92 15.78 -38.42
CA GLY C 223 14.58 15.22 -37.24
C GLY C 223 13.75 14.17 -36.53
N GLU C 224 12.60 14.60 -36.01
CA GLU C 224 11.76 13.78 -35.16
C GLU C 224 11.04 12.65 -35.93
N ALA C 225 10.93 12.80 -37.24
CA ALA C 225 10.39 11.73 -38.08
C ALA C 225 11.36 10.53 -38.17
N GLY C 226 12.56 10.69 -37.62
CA GLY C 226 13.57 9.65 -37.59
C GLY C 226 14.67 9.91 -38.61
N VAL C 227 15.12 11.17 -38.68
CA VAL C 227 16.20 11.59 -39.61
C VAL C 227 15.86 11.25 -41.07
N ILE C 228 14.76 11.81 -41.57
CA ILE C 228 14.34 11.58 -42.94
C ILE C 228 15.07 12.55 -43.85
N VAL C 229 15.97 11.99 -44.65
CA VAL C 229 16.81 12.79 -45.55
C VAL C 229 16.12 12.90 -46.91
N PRO C 230 15.89 14.15 -47.38
CA PRO C 230 15.13 14.35 -48.60
C PRO C 230 15.94 14.10 -49.87
N SER C 231 15.24 14.10 -51.00
CA SER C 231 15.86 14.00 -52.33
C SER C 231 16.73 15.22 -52.58
N ASP C 232 17.81 15.03 -53.34
CA ASP C 232 18.77 16.09 -53.65
C ASP C 232 18.16 17.24 -54.46
N ASN C 233 17.09 16.94 -55.21
CA ASN C 233 16.37 17.94 -56.00
C ASN C 233 15.29 18.68 -55.19
N TYR C 234 14.98 18.17 -54.01
CA TYR C 234 13.83 18.64 -53.20
C TYR C 234 13.85 20.11 -52.79
N LEU C 235 14.89 20.53 -52.07
CA LEU C 235 14.96 21.92 -51.56
C LEU C 235 15.01 22.97 -52.67
N GLN C 236 15.83 22.71 -53.70
CA GLN C 236 15.86 23.56 -54.90
C GLN C 236 14.47 23.69 -55.54
N GLY C 237 13.75 22.58 -55.57
CA GLY C 237 12.36 22.54 -56.02
C GLY C 237 11.42 23.27 -55.08
N VAL C 238 11.74 23.28 -53.79
CA VAL C 238 10.96 24.02 -52.79
C VAL C 238 11.09 25.52 -53.02
N TYR C 239 12.32 25.96 -53.24
CA TYR C 239 12.65 27.36 -53.49
C TYR C 239 11.99 27.87 -54.76
N ASP C 240 11.84 26.99 -55.76
CA ASP C 240 11.19 27.38 -57.00
C ASP C 240 9.68 27.56 -56.80
N ILE C 241 9.03 26.58 -56.18
CA ILE C 241 7.59 26.67 -55.91
C ILE C 241 7.25 27.86 -55.00
N CYS C 242 8.17 28.21 -54.10
CA CYS C 242 7.97 29.37 -53.22
C CYS C 242 8.17 30.68 -53.96
N LYS C 243 9.26 30.76 -54.72
CA LYS C 243 9.57 31.92 -55.56
C LYS C 243 8.40 32.25 -56.49
N LYS C 244 7.91 31.24 -57.20
CA LYS C 244 6.91 31.44 -58.26
C LYS C 244 5.47 31.60 -57.76
N TYR C 245 5.18 31.12 -56.56
CA TYR C 245 3.85 31.34 -55.99
C TYR C 245 3.85 32.41 -54.90
N ASN C 246 4.93 33.20 -54.86
CA ASN C 246 5.12 34.27 -53.88
C ASN C 246 4.86 33.84 -52.44
N VAL C 247 5.38 32.67 -52.07
CA VAL C 247 5.24 32.13 -50.73
C VAL C 247 6.59 32.19 -50.03
N LEU C 248 6.60 32.40 -48.71
CA LEU C 248 7.85 32.43 -47.95
C LEU C 248 8.41 31.02 -47.74
N PHE C 249 9.68 30.84 -48.11
CA PHE C 249 10.43 29.62 -47.82
C PHE C 249 11.09 29.74 -46.45
N VAL C 250 10.47 29.11 -45.46
CA VAL C 250 11.01 29.08 -44.10
C VAL C 250 11.72 27.74 -43.88
N ALA C 251 13.05 27.81 -43.74
CA ALA C 251 13.87 26.64 -43.41
C ALA C 251 14.07 26.57 -41.90
N ASP C 252 13.56 25.51 -41.29
CA ASP C 252 13.77 25.30 -39.86
C ASP C 252 15.10 24.55 -39.67
N GLU C 253 16.11 25.26 -39.15
CA GLU C 253 17.47 24.73 -39.00
C GLU C 253 17.85 24.67 -37.53
N VAL C 254 16.85 24.67 -36.65
CA VAL C 254 17.09 24.50 -35.21
C VAL C 254 17.97 23.24 -34.93
N GLN C 255 17.75 22.18 -35.72
CA GLN C 255 18.43 20.91 -35.53
C GLN C 255 19.46 20.61 -36.61
N THR C 256 19.19 21.02 -37.85
CA THR C 256 20.07 20.67 -38.95
C THR C 256 21.15 21.72 -39.18
N GLY C 257 21.03 22.84 -38.48
CA GLY C 257 21.95 23.95 -38.68
C GLY C 257 23.25 23.79 -37.92
N LEU C 258 24.13 24.76 -38.09
CA LEU C 258 25.31 24.94 -37.22
C LEU C 258 26.28 23.75 -37.19
N GLY C 259 26.58 23.22 -38.38
CA GLY C 259 27.59 22.16 -38.55
C GLY C 259 27.09 20.73 -38.56
N ARG C 260 25.92 20.51 -37.97
CA ARG C 260 25.39 19.16 -37.79
C ARG C 260 25.48 18.31 -39.08
N THR C 261 25.10 18.89 -40.22
CA THR C 261 25.18 18.18 -41.49
C THR C 261 26.46 18.49 -42.27
N GLY C 262 27.37 19.23 -41.64
CA GLY C 262 28.64 19.60 -42.27
C GLY C 262 28.72 20.99 -42.89
N LYS C 263 27.67 21.80 -42.73
CA LYS C 263 27.64 23.19 -43.20
C LYS C 263 27.02 24.04 -42.12
N LEU C 264 27.26 25.35 -42.19
CA LEU C 264 26.64 26.32 -41.27
C LEU C 264 25.12 26.26 -41.28
N LEU C 265 24.55 26.06 -42.46
CA LEU C 265 23.16 25.74 -42.59
C LEU C 265 23.10 24.54 -43.53
N CYS C 266 22.31 23.53 -43.17
CA CYS C 266 22.07 22.39 -44.07
C CYS C 266 21.67 22.86 -45.48
N VAL C 267 21.00 24.01 -45.52
CA VAL C 267 20.55 24.59 -46.79
C VAL C 267 21.71 24.93 -47.76
N HIS C 268 22.88 25.19 -47.20
CA HIS C 268 24.11 25.48 -47.96
C HIS C 268 24.57 24.34 -48.86
N HIS C 269 24.31 23.09 -48.45
CA HIS C 269 24.64 21.90 -49.24
C HIS C 269 24.07 21.98 -50.65
N TYR C 270 22.87 22.56 -50.75
CA TYR C 270 22.10 22.57 -51.98
C TYR C 270 22.05 23.94 -52.66
N ASN C 271 22.91 24.85 -52.19
CA ASN C 271 23.05 26.19 -52.78
C ASN C 271 21.71 26.93 -52.89
N VAL C 272 20.87 26.78 -51.87
CA VAL C 272 19.54 27.41 -51.84
C VAL C 272 19.40 28.34 -50.64
N LYS C 273 18.86 29.53 -50.88
CA LYS C 273 18.77 30.60 -49.88
C LYS C 273 17.30 30.88 -49.54
N PRO C 274 16.82 30.33 -48.40
CA PRO C 274 15.42 30.48 -47.93
C PRO C 274 15.08 31.91 -47.51
N ASP C 275 13.79 32.22 -47.41
CA ASP C 275 13.37 33.57 -47.05
C ASP C 275 13.54 33.86 -45.55
N VAL C 276 13.16 32.87 -44.74
CA VAL C 276 13.24 32.95 -43.28
C VAL C 276 13.95 31.71 -42.79
N ILE C 277 14.83 31.89 -41.82
CA ILE C 277 15.60 30.79 -41.24
C ILE C 277 15.43 30.73 -39.73
N LEU C 278 15.17 29.53 -39.21
CA LEU C 278 15.03 29.34 -37.76
C LEU C 278 16.26 28.66 -37.19
N LEU C 279 16.82 29.23 -36.12
CA LEU C 279 17.98 28.65 -35.46
C LEU C 279 17.74 28.46 -33.96
N GLY C 280 18.53 27.58 -33.35
CA GLY C 280 18.52 27.41 -31.89
C GLY C 280 19.61 26.48 -31.44
N LYS C 281 19.30 25.73 -30.37
CA LYS C 281 20.13 24.61 -29.88
C LYS C 281 21.61 24.96 -29.69
N ALA C 282 22.42 24.59 -30.70
CA ALA C 282 23.89 24.78 -30.73
C ALA C 282 24.29 26.25 -30.69
N LEU C 283 23.32 27.12 -30.95
CA LEU C 283 23.51 28.56 -30.85
C LEU C 283 24.11 28.96 -29.49
N SER C 284 23.92 28.12 -28.47
CA SER C 284 24.41 28.41 -27.10
C SER C 284 25.49 27.44 -26.60
N GLY C 285 25.80 26.41 -27.40
CA GLY C 285 26.73 25.37 -26.94
C GLY C 285 26.19 24.67 -25.71
N GLY C 286 24.87 24.66 -25.57
CA GLY C 286 24.19 24.08 -24.43
C GLY C 286 24.26 24.83 -23.12
N HIS C 287 24.78 26.06 -23.13
CA HIS C 287 24.93 26.83 -21.90
C HIS C 287 23.74 27.71 -21.53
N TYR C 288 22.75 27.79 -22.41
CA TYR C 288 21.62 28.71 -22.20
C TYR C 288 20.65 28.38 -23.28
N PRO C 289 19.34 28.49 -22.98
CA PRO C 289 18.40 28.36 -24.10
C PRO C 289 18.39 29.62 -24.96
N ILE C 290 18.76 29.46 -26.24
CA ILE C 290 18.88 30.56 -27.17
C ILE C 290 18.32 30.11 -28.52
N SER C 291 17.37 30.88 -29.06
CA SER C 291 16.90 30.64 -30.42
C SER C 291 16.89 31.95 -31.24
N ALA C 292 16.75 31.83 -32.56
CA ALA C 292 16.76 33.01 -33.44
C ALA C 292 15.91 32.81 -34.70
N VAL C 293 15.38 33.92 -35.21
CA VAL C 293 14.72 33.96 -36.51
C VAL C 293 15.42 35.02 -37.36
N LEU C 294 15.91 34.60 -38.53
CA LEU C 294 16.58 35.52 -39.46
C LEU C 294 15.76 35.69 -40.71
N ALA C 295 15.69 36.94 -41.18
CA ALA C 295 14.96 37.30 -42.40
C ALA C 295 15.38 38.72 -42.83
N ASN C 296 15.30 38.97 -44.14
CA ASN C 296 15.57 40.28 -44.70
C ASN C 296 14.53 41.32 -44.28
N ASP C 297 14.93 42.60 -44.38
CA ASP C 297 14.08 43.75 -44.02
C ASP C 297 12.66 43.75 -44.59
N ASP C 298 12.53 43.48 -45.89
CA ASP C 298 11.22 43.44 -46.54
C ASP C 298 10.27 42.45 -45.88
N ILE C 299 10.83 41.47 -45.16
CA ILE C 299 10.04 40.52 -44.38
C ILE C 299 10.03 40.90 -42.89
N MET C 300 11.23 41.12 -42.34
CA MET C 300 11.35 41.37 -40.90
C MET C 300 10.63 42.65 -40.46
N LEU C 301 10.73 43.71 -41.27
CA LEU C 301 10.20 45.02 -40.87
C LEU C 301 8.70 45.09 -40.65
N VAL C 302 8.00 43.98 -40.89
CA VAL C 302 6.57 43.88 -40.60
C VAL C 302 6.31 43.75 -39.08
N ILE C 303 7.36 43.54 -38.31
CA ILE C 303 7.24 43.48 -36.85
C ILE C 303 7.40 44.87 -36.27
N LYS C 304 6.41 45.28 -35.48
CA LYS C 304 6.43 46.55 -34.79
C LYS C 304 6.35 46.28 -33.28
N PRO C 305 6.77 47.24 -32.43
CA PRO C 305 6.73 47.05 -30.98
C PRO C 305 5.34 46.68 -30.43
N GLY C 306 5.31 45.61 -29.65
CA GLY C 306 4.10 45.15 -28.95
C GLY C 306 4.19 45.49 -27.48
N GLU C 307 3.60 44.65 -26.62
CA GLU C 307 3.55 44.98 -25.18
C GLU C 307 3.95 43.90 -24.16
N HIS C 308 4.71 42.88 -24.61
CA HIS C 308 5.33 41.87 -23.72
C HIS C 308 5.33 40.40 -24.22
N GLY C 309 6.53 39.86 -24.43
CA GLY C 309 6.79 38.41 -24.55
C GLY C 309 7.72 37.95 -23.41
N SER C 310 8.48 36.87 -23.61
CA SER C 310 9.40 36.39 -22.55
C SER C 310 10.45 37.45 -22.25
N THR C 311 10.52 37.87 -20.98
CA THR C 311 11.48 38.88 -20.56
C THR C 311 12.92 38.48 -20.87
N TYR C 312 13.18 37.18 -20.98
CA TYR C 312 14.56 36.70 -21.17
C TYR C 312 14.99 36.75 -22.63
N GLY C 313 14.04 36.97 -23.53
CA GLY C 313 14.35 37.12 -24.95
C GLY C 313 15.44 38.18 -25.15
N GLY C 314 16.54 37.78 -25.80
CA GLY C 314 17.65 38.68 -26.16
C GLY C 314 18.40 39.31 -24.99
N ASN C 315 18.36 38.65 -23.84
CA ASN C 315 19.08 39.14 -22.65
C ASN C 315 20.61 39.21 -22.88
N PRO C 316 21.33 40.05 -22.12
CA PRO C 316 22.79 40.28 -22.35
C PRO C 316 23.67 39.03 -22.20
N LEU C 317 23.31 38.14 -21.28
CA LEU C 317 24.02 36.88 -21.06
C LEU C 317 23.96 35.94 -22.25
N ALA C 318 22.74 35.63 -22.70
CA ALA C 318 22.54 34.81 -23.87
C ALA C 318 23.31 35.40 -25.03
N ALA C 319 23.19 36.73 -25.20
CA ALA C 319 23.83 37.44 -26.31
C ALA C 319 25.34 37.18 -26.41
N SER C 320 26.03 37.27 -25.27
CA SER C 320 27.46 36.99 -25.23
C SER C 320 27.81 35.50 -25.42
N ILE C 321 26.99 34.62 -24.85
CA ILE C 321 27.21 33.18 -24.98
C ILE C 321 27.08 32.80 -26.45
N CYS C 322 26.05 33.34 -27.11
CA CYS C 322 25.80 33.03 -28.50
C CYS C 322 26.99 33.33 -29.42
N VAL C 323 27.54 34.54 -29.29
CA VAL C 323 28.67 35.00 -30.10
C VAL C 323 29.86 34.04 -29.97
N GLU C 324 30.18 33.68 -28.72
CA GLU C 324 31.29 32.75 -28.47
C GLU C 324 31.03 31.32 -28.98
N ALA C 325 29.86 30.77 -28.67
CA ALA C 325 29.43 29.48 -29.19
C ALA C 325 29.61 29.36 -30.71
N LEU C 326 29.20 30.41 -31.43
CA LEU C 326 29.35 30.48 -32.89
C LEU C 326 30.82 30.61 -33.32
N ASN C 327 31.58 31.37 -32.53
CA ASN C 327 33.03 31.49 -32.68
C ASN C 327 33.75 30.14 -32.61
N VAL C 328 33.56 29.42 -31.51
CA VAL C 328 34.04 28.04 -31.37
C VAL C 328 33.75 27.18 -32.63
N LEU C 329 32.49 27.16 -33.07
CA LEU C 329 32.12 26.37 -34.24
C LEU C 329 33.00 26.66 -35.48
N ILE C 330 33.16 27.95 -35.77
CA ILE C 330 33.89 28.43 -36.94
C ILE C 330 35.38 28.21 -36.73
N ASN C 331 35.88 28.67 -35.60
CA ASN C 331 37.31 28.60 -35.28
C ASN C 331 37.86 27.18 -35.28
N GLU C 332 37.16 26.28 -34.60
CA GLU C 332 37.58 24.89 -34.50
C GLU C 332 37.19 24.06 -35.72
N LYS C 333 36.57 24.73 -36.69
CA LYS C 333 36.24 24.14 -37.98
C LYS C 333 35.34 22.90 -37.84
N LEU C 334 34.27 23.06 -37.05
CA LEU C 334 33.43 21.92 -36.71
C LEU C 334 32.54 21.48 -37.85
N CYS C 335 32.06 22.43 -38.66
CA CYS C 335 31.29 22.08 -39.86
C CYS C 335 32.09 21.18 -40.79
N GLU C 336 33.37 21.49 -40.93
CA GLU C 336 34.27 20.77 -41.86
C GLU C 336 34.62 19.37 -41.33
N ASN C 337 34.78 19.24 -40.02
CA ASN C 337 34.97 17.93 -39.40
C ASN C 337 33.81 17.00 -39.69
N ALA C 338 32.59 17.51 -39.52
CA ALA C 338 31.36 16.76 -39.72
C ALA C 338 31.18 16.34 -41.17
N GLU C 339 31.55 17.23 -42.09
CA GLU C 339 31.50 16.94 -43.53
C GLU C 339 32.60 15.98 -43.95
N LYS C 340 33.76 16.05 -43.30
CA LYS C 340 34.86 15.12 -43.57
C LYS C 340 34.59 13.70 -43.03
N LEU C 341 34.18 13.61 -41.76
CA LEU C 341 34.05 12.32 -41.06
C LEU C 341 32.70 11.63 -41.23
N GLY C 342 31.63 12.41 -41.37
CA GLY C 342 30.27 11.87 -41.41
C GLY C 342 29.98 10.91 -42.55
N GLY C 343 30.33 11.34 -43.77
CA GLY C 343 30.11 10.54 -44.97
C GLY C 343 30.70 9.14 -44.84
N PRO C 344 32.03 9.04 -44.68
CA PRO C 344 32.71 7.77 -44.52
C PRO C 344 32.14 6.91 -43.39
N PHE C 345 31.95 7.51 -42.20
CA PHE C 345 31.30 6.86 -41.04
C PHE C 345 30.00 6.15 -41.40
N LEU C 346 29.04 6.90 -41.94
CA LEU C 346 27.76 6.34 -42.33
C LEU C 346 27.87 5.23 -43.39
N GLU C 347 28.68 5.45 -44.42
CA GLU C 347 28.80 4.46 -45.49
C GLU C 347 29.39 3.16 -44.95
N ASN C 348 30.43 3.27 -44.14
CA ASN C 348 31.03 2.14 -43.46
C ASN C 348 30.03 1.41 -42.55
N LEU C 349 29.26 2.19 -41.80
CA LEU C 349 28.25 1.63 -40.92
C LEU C 349 27.21 0.86 -41.73
N LYS C 350 26.77 1.46 -42.84
CA LYS C 350 25.78 0.89 -43.74
C LYS C 350 26.27 -0.45 -44.29
N ARG C 351 27.58 -0.52 -44.52
CA ARG C 351 28.22 -1.66 -45.17
C ARG C 351 28.35 -2.80 -44.17
N GLU C 352 28.86 -2.48 -42.98
CA GLU C 352 29.01 -3.44 -41.90
C GLU C 352 27.68 -4.01 -41.36
N LEU C 353 26.59 -3.30 -41.60
CA LEU C 353 25.27 -3.76 -41.18
C LEU C 353 24.47 -4.32 -42.34
N LYS C 354 25.09 -4.44 -43.52
CA LYS C 354 24.38 -4.81 -44.75
C LYS C 354 23.67 -6.17 -44.69
N ASP C 355 24.21 -7.07 -43.86
CA ASP C 355 23.63 -8.40 -43.73
C ASP C 355 22.83 -8.61 -42.46
N SER C 356 22.61 -7.55 -41.70
CA SER C 356 21.77 -7.60 -40.51
C SER C 356 20.30 -7.63 -40.92
N LYS C 357 19.60 -8.67 -40.48
CA LYS C 357 18.23 -8.87 -40.91
C LYS C 357 17.27 -7.92 -40.18
N ILE C 358 17.65 -7.45 -38.99
CA ILE C 358 16.80 -6.56 -38.19
C ILE C 358 16.94 -5.07 -38.54
N VAL C 359 17.85 -4.75 -39.46
CA VAL C 359 18.09 -3.36 -39.86
C VAL C 359 17.30 -3.03 -41.11
N ARG C 360 16.46 -1.99 -41.03
CA ARG C 360 15.66 -1.54 -42.17
C ARG C 360 16.45 -0.58 -43.07
N ASP C 361 17.14 0.38 -42.44
CA ASP C 361 17.89 1.39 -43.18
C ASP C 361 18.92 2.07 -42.29
N VAL C 362 20.02 2.50 -42.89
CA VAL C 362 21.01 3.39 -42.27
C VAL C 362 21.06 4.65 -43.13
N ARG C 363 20.90 5.80 -42.49
CA ARG C 363 20.80 7.05 -43.24
C ARG C 363 21.30 8.26 -42.48
N GLY C 364 21.66 9.30 -43.23
CA GLY C 364 22.13 10.55 -42.64
C GLY C 364 22.82 11.47 -43.63
N LYS C 365 23.18 12.66 -43.13
CA LYS C 365 24.06 13.59 -43.83
C LYS C 365 24.96 14.19 -42.77
N GLY C 366 26.26 14.26 -43.05
CA GLY C 366 27.26 14.68 -42.09
C GLY C 366 27.12 13.85 -40.82
N LEU C 367 26.93 14.54 -39.70
CA LEU C 367 26.84 13.90 -38.39
C LEU C 367 25.41 13.84 -37.88
N LEU C 368 24.46 14.01 -38.78
CA LEU C 368 23.07 13.77 -38.47
C LEU C 368 22.72 12.41 -39.06
N CYS C 369 22.82 11.36 -38.24
CA CYS C 369 22.66 9.98 -38.72
C CYS C 369 21.68 9.19 -37.88
N ALA C 370 21.24 8.06 -38.42
CA ALA C 370 20.23 7.24 -37.75
C ALA C 370 20.22 5.85 -38.35
N ILE C 371 19.85 4.88 -37.53
CA ILE C 371 19.54 3.57 -38.05
C ILE C 371 18.12 3.17 -37.68
N GLU C 372 17.37 2.75 -38.69
CA GLU C 372 16.02 2.31 -38.54
C GLU C 372 15.99 0.78 -38.53
N PHE C 373 15.20 0.25 -37.61
CA PHE C 373 15.16 -1.17 -37.35
C PHE C 373 13.81 -1.77 -37.70
N LYS C 374 13.81 -3.07 -37.96
CA LYS C 374 12.57 -3.76 -38.24
C LYS C 374 11.84 -4.03 -36.92
N ASN C 375 11.05 -3.03 -36.56
CA ASN C 375 10.03 -3.02 -35.52
C ASN C 375 9.34 -4.36 -35.22
N GLU C 376 8.93 -5.06 -36.28
CA GLU C 376 8.16 -6.29 -36.19
C GLU C 376 8.99 -7.47 -35.70
N LEU C 377 10.31 -7.27 -35.64
CA LEU C 377 11.26 -8.33 -35.30
C LEU C 377 11.93 -8.13 -33.95
N VAL C 378 12.21 -6.86 -33.62
CA VAL C 378 13.12 -6.48 -32.53
C VAL C 378 12.58 -5.32 -31.68
N ASN C 379 12.77 -5.42 -30.37
CA ASN C 379 12.50 -4.33 -29.43
C ASN C 379 13.64 -3.31 -29.48
N VAL C 380 13.37 -2.18 -30.13
CA VAL C 380 14.36 -1.12 -30.35
C VAL C 380 14.78 -0.43 -29.05
N LEU C 381 13.89 -0.43 -28.05
CA LEU C 381 14.22 0.12 -26.74
C LEU C 381 15.32 -0.69 -26.08
N ASP C 382 15.23 -2.00 -26.25
CA ASP C 382 16.23 -2.91 -25.72
C ASP C 382 17.58 -2.72 -26.43
N ILE C 383 17.54 -2.38 -27.71
CA ILE C 383 18.76 -1.99 -28.45
C ILE C 383 19.39 -0.75 -27.79
N CYS C 384 18.62 0.31 -27.58
CA CYS C 384 19.11 1.49 -26.83
C CYS C 384 19.76 1.17 -25.50
N LEU C 385 19.13 0.29 -24.71
CA LEU C 385 19.66 -0.02 -23.38
C LEU C 385 20.94 -0.86 -23.42
N LYS C 386 21.07 -1.72 -24.43
CA LYS C 386 22.30 -2.48 -24.64
C LYS C 386 23.42 -1.55 -25.16
N LEU C 387 23.10 -0.68 -26.11
CA LEU C 387 23.98 0.40 -26.53
C LEU C 387 24.53 1.13 -25.30
N LYS C 388 23.62 1.55 -24.42
CA LYS C 388 24.02 2.21 -23.17
C LYS C 388 24.98 1.37 -22.33
N GLU C 389 24.68 0.08 -22.18
CA GLU C 389 25.53 -0.83 -21.40
C GLU C 389 26.93 -0.89 -22.00
N ASN C 390 26.99 -0.86 -23.33
CA ASN C 390 28.22 -0.94 -24.09
C ASN C 390 29.00 0.39 -24.27
N GLY C 391 28.59 1.43 -23.54
CA GLY C 391 29.30 2.73 -23.53
C GLY C 391 28.84 3.84 -24.46
N LEU C 392 27.65 3.68 -25.05
CA LEU C 392 27.08 4.67 -25.97
C LEU C 392 25.60 4.94 -25.66
N ILE C 393 25.24 6.21 -25.40
CA ILE C 393 23.85 6.56 -25.06
C ILE C 393 23.14 7.32 -26.17
N THR C 394 21.94 6.87 -26.51
CA THR C 394 21.05 7.56 -27.45
C THR C 394 19.59 7.40 -27.02
N ARG C 395 18.70 7.88 -27.88
CA ARG C 395 17.25 7.76 -27.73
C ARG C 395 16.69 7.24 -29.04
N ASP C 396 15.65 6.40 -28.97
CA ASP C 396 14.97 5.94 -30.17
C ASP C 396 13.68 6.70 -30.45
N VAL C 397 13.30 6.74 -31.73
CA VAL C 397 12.06 7.35 -32.17
C VAL C 397 11.10 6.26 -32.63
N HIS C 398 9.83 6.41 -32.27
CA HIS C 398 8.73 5.55 -32.74
C HIS C 398 9.01 4.04 -32.61
N ASP C 399 9.56 3.62 -31.47
CA ASP C 399 10.23 2.30 -31.32
C ASP C 399 10.75 1.68 -32.63
N LYS C 400 11.27 2.53 -33.52
CA LYS C 400 11.80 2.11 -34.82
C LYS C 400 13.23 2.57 -35.05
N THR C 401 13.51 3.84 -34.78
CA THR C 401 14.72 4.49 -35.28
C THR C 401 15.59 5.01 -34.14
N ILE C 402 16.88 4.71 -34.18
CA ILE C 402 17.82 5.21 -33.19
C ILE C 402 18.66 6.36 -33.77
N ARG C 403 18.74 7.47 -33.03
CA ARG C 403 19.52 8.64 -33.44
C ARG C 403 21.01 8.38 -33.28
N LEU C 404 21.81 8.79 -34.27
CA LEU C 404 23.26 8.78 -34.09
C LEU C 404 23.74 10.18 -34.37
N THR C 405 23.93 10.95 -33.29
CA THR C 405 24.25 12.36 -33.45
C THR C 405 25.20 12.80 -32.34
N PRO C 406 26.50 12.49 -32.51
CA PRO C 406 27.53 12.83 -31.53
C PRO C 406 27.98 14.29 -31.72
N PRO C 407 28.66 14.86 -30.72
CA PRO C 407 29.20 16.21 -30.94
C PRO C 407 30.19 16.25 -32.11
N LEU C 408 30.30 17.43 -32.71
CA LEU C 408 31.02 17.59 -33.98
C LEU C 408 32.54 17.60 -33.81
N CYS C 409 33.00 17.58 -32.56
CA CYS C 409 34.43 17.55 -32.25
C CYS C 409 34.95 16.12 -32.09
N ILE C 410 34.14 15.15 -32.52
CA ILE C 410 34.51 13.74 -32.49
C ILE C 410 35.63 13.44 -33.53
N THR C 411 36.53 12.51 -33.22
CA THR C 411 37.58 12.18 -34.18
C THR C 411 37.23 10.94 -35.03
N LYS C 412 38.03 10.64 -36.05
CA LYS C 412 37.79 9.47 -36.87
C LYS C 412 37.91 8.20 -36.05
N GLU C 413 38.86 8.19 -35.13
CA GLU C 413 39.15 7.01 -34.34
C GLU C 413 38.03 6.69 -33.38
N GLN C 414 37.46 7.74 -32.76
CA GLN C 414 36.31 7.60 -31.88
C GLN C 414 35.10 7.11 -32.69
N LEU C 415 34.88 7.66 -33.88
CA LEU C 415 33.85 7.15 -34.79
C LEU C 415 34.02 5.66 -35.11
N ASP C 416 35.27 5.23 -35.30
CA ASP C 416 35.60 3.82 -35.53
C ASP C 416 35.24 2.96 -34.33
N GLU C 417 35.58 3.44 -33.15
CA GLU C 417 35.22 2.72 -31.94
C GLU C 417 33.70 2.67 -31.74
N CYS C 418 33.00 3.77 -32.02
CA CYS C 418 31.55 3.81 -31.89
C CYS C 418 30.89 2.88 -32.90
N THR C 419 31.49 2.80 -34.10
CA THR C 419 31.01 1.89 -35.13
C THR C 419 31.06 0.45 -34.62
N GLU C 420 32.16 0.10 -33.96
CA GLU C 420 32.28 -1.23 -33.37
C GLU C 420 31.32 -1.49 -32.22
N ILE C 421 31.00 -0.46 -31.45
CA ILE C 421 30.02 -0.62 -30.37
C ILE C 421 28.62 -0.85 -30.93
N ILE C 422 28.24 -0.06 -31.93
CA ILE C 422 26.95 -0.16 -32.58
C ILE C 422 26.80 -1.50 -33.29
N VAL C 423 27.81 -1.90 -34.06
CA VAL C 423 27.77 -3.16 -34.81
C VAL C 423 27.63 -4.37 -33.85
N LYS C 424 28.41 -4.39 -32.77
CA LYS C 424 28.35 -5.50 -31.84
C LYS C 424 27.00 -5.60 -31.10
N THR C 425 26.40 -4.45 -30.82
CA THR C 425 25.08 -4.36 -30.17
C THR C 425 24.01 -4.92 -31.10
N VAL C 426 24.03 -4.47 -32.35
CA VAL C 426 23.06 -4.89 -33.35
C VAL C 426 23.15 -6.42 -33.60
N LYS C 427 24.37 -6.94 -33.65
CA LYS C 427 24.60 -8.37 -33.82
C LYS C 427 24.03 -9.23 -32.69
N PHE C 428 24.01 -8.70 -31.46
CA PHE C 428 23.41 -9.40 -30.30
C PHE C 428 21.92 -9.64 -30.48
N PHE C 429 21.24 -8.70 -31.14
CA PHE C 429 19.80 -8.76 -31.46
C PHE C 429 19.48 -9.35 -32.82
N ASP C 430 20.51 -9.79 -33.53
CA ASP C 430 20.37 -10.30 -34.89
C ASP C 430 20.22 -11.82 -34.91
N LYS D 27 31.50 53.35 -27.98
CA LYS D 27 30.43 53.99 -28.79
C LYS D 27 29.49 54.81 -27.88
N THR D 28 28.48 55.41 -28.48
CA THR D 28 27.49 56.23 -27.76
C THR D 28 26.13 55.52 -27.69
N PRO D 29 25.29 55.84 -26.67
CA PRO D 29 23.96 55.26 -26.59
C PRO D 29 23.24 55.18 -27.93
N GLU D 30 23.43 56.18 -28.78
CA GLU D 30 22.70 56.31 -30.03
C GLU D 30 23.27 55.38 -31.10
N ASP D 31 24.58 55.13 -31.02
CA ASP D 31 25.25 54.19 -31.93
C ASP D 31 24.70 52.78 -31.74
N TYR D 32 24.64 52.37 -30.46
CA TYR D 32 24.10 51.06 -30.05
C TYR D 32 22.65 50.90 -30.50
N ILE D 33 21.83 51.89 -30.17
CA ILE D 33 20.42 51.90 -30.53
C ILE D 33 20.25 51.79 -32.05
N ASN D 34 21.07 52.54 -32.79
CA ASN D 34 21.01 52.49 -34.24
C ASN D 34 21.53 51.18 -34.82
N ASN D 35 22.57 50.62 -34.20
CA ASN D 35 23.02 49.27 -34.55
C ASN D 35 21.86 48.28 -34.40
N GLU D 36 21.26 48.27 -33.20
CA GLU D 36 20.11 47.41 -32.91
C GLU D 36 19.00 47.63 -33.92
N LEU D 37 18.71 48.88 -34.26
CA LEU D 37 17.68 49.18 -35.25
C LEU D 37 18.00 48.62 -36.64
N LYS D 38 19.28 48.67 -37.03
CA LYS D 38 19.73 48.08 -38.29
C LYS D 38 19.60 46.57 -38.29
N TYR D 39 20.20 45.93 -37.28
CA TYR D 39 20.44 44.49 -37.30
C TYR D 39 19.43 43.61 -36.56
N GLY D 40 18.63 44.22 -35.70
CA GLY D 40 17.62 43.47 -34.96
C GLY D 40 16.22 43.83 -35.38
N ALA D 41 15.30 42.89 -35.21
CA ALA D 41 13.87 43.14 -35.36
C ALA D 41 13.38 44.20 -34.37
N HIS D 42 12.30 44.90 -34.73
CA HIS D 42 11.74 45.99 -33.91
C HIS D 42 10.52 45.51 -33.14
N ASN D 43 10.71 44.54 -32.25
CA ASN D 43 9.62 44.03 -31.43
C ASN D 43 9.48 44.73 -30.08
N TYR D 44 10.49 45.53 -29.73
CA TYR D 44 10.47 46.33 -28.49
C TYR D 44 10.80 47.79 -28.76
N ASP D 45 10.34 48.66 -27.87
CA ASP D 45 10.69 50.08 -27.88
C ASP D 45 11.11 50.45 -26.47
N PRO D 46 12.37 50.14 -26.12
CA PRO D 46 12.90 50.41 -24.78
C PRO D 46 13.11 51.89 -24.55
N ILE D 47 13.15 52.29 -23.28
CA ILE D 47 13.64 53.60 -22.90
C ILE D 47 15.06 53.74 -23.48
N PRO D 48 15.45 54.95 -23.97
CA PRO D 48 16.73 55.06 -24.68
C PRO D 48 17.90 55.14 -23.71
N VAL D 49 18.09 54.05 -22.97
CA VAL D 49 19.20 53.87 -22.04
C VAL D 49 19.90 52.56 -22.40
N VAL D 50 21.22 52.63 -22.54
CA VAL D 50 22.02 51.49 -22.96
C VAL D 50 22.91 51.00 -21.82
N LEU D 51 22.55 49.85 -21.23
CA LEU D 51 23.24 49.31 -20.06
C LEU D 51 24.42 48.41 -20.42
N LYS D 52 25.47 48.48 -19.61
CA LYS D 52 26.66 47.64 -19.80
C LYS D 52 27.00 46.88 -18.54
N ARG D 53 26.51 47.37 -17.41
CA ARG D 53 26.84 46.79 -16.12
C ARG D 53 25.73 47.02 -15.09
N ALA D 54 25.67 46.15 -14.09
CA ALA D 54 24.64 46.21 -13.07
C ALA D 54 25.12 45.49 -11.83
N LYS D 55 24.76 46.03 -10.66
CA LYS D 55 25.18 45.43 -9.39
C LYS D 55 24.27 45.79 -8.22
N GLY D 56 23.69 44.78 -7.59
CA GLY D 56 22.73 45.01 -6.50
C GLY D 56 21.55 45.83 -7.02
N VAL D 57 21.32 46.99 -6.40
CA VAL D 57 20.20 47.89 -6.78
C VAL D 57 20.45 48.78 -8.00
N PHE D 58 21.69 48.78 -8.50
CA PHE D 58 22.14 49.75 -9.50
C PHE D 58 22.43 49.21 -10.88
N VAL D 59 22.11 50.01 -11.88
CA VAL D 59 22.49 49.72 -13.25
C VAL D 59 23.38 50.86 -13.72
N TYR D 60 24.15 50.62 -14.79
CA TYR D 60 25.12 51.59 -15.30
C TYR D 60 25.08 51.58 -16.81
N ASP D 61 24.83 52.75 -17.40
CA ASP D 61 24.81 52.90 -18.83
C ASP D 61 26.22 53.15 -19.39
N VAL D 62 26.33 53.30 -20.71
CA VAL D 62 27.63 53.40 -21.35
C VAL D 62 28.32 54.73 -21.10
N ASN D 63 27.53 55.75 -20.75
CA ASN D 63 28.03 57.06 -20.34
C ASN D 63 28.39 57.05 -18.87
N ASP D 64 28.32 55.86 -18.26
CA ASP D 64 28.66 55.65 -16.84
C ASP D 64 27.69 56.28 -15.84
N LYS D 65 26.50 56.64 -16.31
CA LYS D 65 25.47 57.14 -15.41
C LYS D 65 24.86 55.97 -14.63
N ARG D 66 24.83 56.13 -13.33
CA ARG D 66 24.27 55.15 -12.44
C ARG D 66 22.81 55.48 -12.12
N TYR D 67 21.94 54.47 -12.20
CA TYR D 67 20.53 54.62 -11.84
C TYR D 67 20.07 53.52 -10.90
N TYR D 68 19.19 53.87 -9.97
CA TYR D 68 18.40 52.89 -9.22
C TYR D 68 17.45 52.13 -10.15
N ASP D 69 17.53 50.81 -10.13
CA ASP D 69 16.63 49.98 -10.92
C ASP D 69 15.40 49.66 -10.11
N PHE D 70 14.29 50.32 -10.44
CA PHE D 70 13.03 50.07 -9.75
C PHE D 70 12.10 49.21 -10.57
N LEU D 71 12.68 48.52 -11.55
CA LEU D 71 11.99 47.47 -12.30
C LEU D 71 12.43 46.04 -11.82
N SER D 72 13.73 45.90 -11.51
CA SER D 72 14.32 44.63 -11.07
C SER D 72 14.14 43.55 -12.13
N ALA D 73 14.16 43.93 -13.40
CA ALA D 73 13.95 43.00 -14.50
C ALA D 73 12.65 42.22 -14.31
N TYR D 74 11.64 42.92 -13.79
CA TYR D 74 10.32 42.34 -13.50
C TYR D 74 10.39 41.23 -12.46
N SER D 75 11.18 41.49 -11.43
CA SER D 75 11.43 40.61 -10.26
C SER D 75 12.46 39.48 -10.47
N SER D 76 12.97 39.34 -11.69
CA SER D 76 14.03 38.35 -11.93
C SER D 76 15.21 38.61 -10.96
N VAL D 77 15.51 39.90 -10.72
CA VAL D 77 16.65 40.23 -9.84
C VAL D 77 16.27 40.71 -8.44
N ASN D 78 15.34 40.00 -7.80
CA ASN D 78 15.03 40.21 -6.38
C ASN D 78 16.27 40.17 -5.46
N GLN D 79 17.22 39.30 -5.81
CA GLN D 79 18.44 39.11 -5.00
C GLN D 79 19.51 40.19 -5.24
N GLY D 80 19.23 41.10 -6.18
CA GLY D 80 20.18 42.12 -6.64
C GLY D 80 20.78 41.70 -7.96
N HIS D 81 21.21 42.64 -8.77
CA HIS D 81 21.83 42.29 -10.03
C HIS D 81 23.15 41.62 -9.76
N CYS D 82 23.46 40.64 -10.60
CA CYS D 82 24.75 39.98 -10.64
C CYS D 82 25.23 39.53 -9.25
N HIS D 83 24.41 38.75 -8.55
CA HIS D 83 24.78 38.26 -7.23
C HIS D 83 25.92 37.19 -7.28
N PRO D 84 27.05 37.43 -6.58
CA PRO D 84 28.23 36.52 -6.73
C PRO D 84 28.03 35.08 -6.26
N ASN D 85 27.27 34.85 -5.20
CA ASN D 85 26.91 33.47 -4.81
C ASN D 85 26.13 32.70 -5.90
N ILE D 86 25.33 33.42 -6.68
CA ILE D 86 24.55 32.76 -7.71
C ILE D 86 25.42 32.52 -8.95
N LEU D 87 26.26 33.51 -9.27
CA LEU D 87 27.25 33.31 -10.33
C LEU D 87 28.14 32.10 -9.96
N ASN D 88 28.60 32.04 -8.71
CA ASN D 88 29.42 30.89 -8.24
C ASN D 88 28.77 29.54 -8.46
N ALA D 89 27.50 29.38 -8.02
CA ALA D 89 26.71 28.15 -8.32
C ALA D 89 26.69 27.85 -9.81
N MET D 90 26.46 28.87 -10.63
CA MET D 90 26.44 28.72 -12.08
C MET D 90 27.75 28.16 -12.62
N ILE D 91 28.86 28.76 -12.17
CA ILE D 91 30.20 28.35 -12.64
C ILE D 91 30.51 26.94 -12.19
N ASN D 92 30.38 26.68 -10.90
CA ASN D 92 30.61 25.36 -10.32
C ASN D 92 29.83 24.25 -11.04
N GLN D 93 28.56 24.51 -11.40
CA GLN D 93 27.81 23.50 -12.13
C GLN D 93 28.21 23.48 -13.60
N ALA D 94 28.41 24.65 -14.20
CA ALA D 94 28.65 24.73 -15.63
C ALA D 94 29.97 24.08 -16.02
N LYS D 95 30.89 23.99 -15.06
CA LYS D 95 32.18 23.33 -15.26
C LYS D 95 31.99 21.82 -15.42
N ASN D 96 30.91 21.31 -14.82
CA ASN D 96 30.61 19.89 -14.80
C ASN D 96 29.63 19.38 -15.85
N LEU D 97 28.51 20.08 -16.02
CA LEU D 97 27.41 19.61 -16.87
C LEU D 97 26.40 20.75 -17.04
N THR D 98 26.04 21.05 -18.28
CA THR D 98 25.06 22.12 -18.54
C THR D 98 23.75 21.58 -19.11
N ILE D 99 23.83 20.56 -19.96
CA ILE D 99 22.63 19.96 -20.56
C ILE D 99 22.92 18.55 -21.10
N CYS D 100 21.98 17.65 -20.87
CA CYS D 100 22.07 16.31 -21.42
C CYS D 100 20.75 15.93 -22.09
N SER D 101 19.74 16.82 -21.95
CA SER D 101 18.35 16.60 -22.39
C SER D 101 17.62 15.64 -21.49
N ARG D 102 16.29 15.70 -21.51
CA ARG D 102 15.48 14.81 -20.69
C ARG D 102 15.41 13.37 -21.22
N ALA D 103 16.25 13.03 -22.19
CA ALA D 103 16.41 11.62 -22.58
C ALA D 103 17.15 10.83 -21.50
N PHE D 104 17.84 11.54 -20.62
CA PHE D 104 18.60 10.92 -19.52
C PHE D 104 18.28 11.67 -18.25
N PHE D 105 18.84 11.24 -17.13
CA PHE D 105 18.69 11.91 -15.84
C PHE D 105 19.96 12.71 -15.57
N SER D 106 19.85 13.79 -14.81
CA SER D 106 21.02 14.48 -14.27
C SER D 106 20.81 14.50 -12.79
N VAL D 107 21.92 14.56 -12.07
CA VAL D 107 21.90 14.66 -10.60
C VAL D 107 21.21 15.91 -10.06
N PRO D 108 21.55 17.12 -10.55
CA PRO D 108 21.00 18.32 -9.86
C PRO D 108 19.47 18.54 -9.98
N LEU D 109 18.83 18.02 -11.01
CA LEU D 109 17.36 18.22 -11.12
C LEU D 109 16.64 17.73 -9.89
N GLY D 110 16.80 16.46 -9.54
CA GLY D 110 16.14 15.92 -8.32
C GLY D 110 16.48 16.62 -7.03
N ILE D 111 17.70 17.13 -6.93
CA ILE D 111 18.10 17.94 -5.77
C ILE D 111 17.33 19.27 -5.79
N CYS D 112 17.15 19.84 -6.98
CA CYS D 112 16.29 21.03 -7.10
C CYS D 112 14.84 20.71 -6.69
N GLU D 113 14.28 19.64 -7.28
CA GLU D 113 12.89 19.22 -7.02
C GLU D 113 12.58 19.00 -5.54
N ARG D 114 13.45 18.22 -4.87
CA ARG D 114 13.33 17.99 -3.42
C ARG D 114 13.41 19.29 -2.63
N TYR D 115 14.39 20.14 -2.98
CA TYR D 115 14.53 21.43 -2.33
C TYR D 115 13.24 22.25 -2.44
N LEU D 116 12.76 22.43 -3.67
CA LEU D 116 11.57 23.28 -3.91
C LEU D 116 10.30 22.80 -3.24
N THR D 117 9.95 21.54 -3.50
CA THR D 117 8.75 20.91 -2.92
C THR D 117 8.74 21.06 -1.39
N ASN D 118 9.87 20.74 -0.77
CA ASN D 118 9.96 20.82 0.68
C ASN D 118 9.86 22.25 1.20
N LEU D 119 10.44 23.17 0.44
CA LEU D 119 10.41 24.61 0.80
C LEU D 119 8.99 25.17 0.86
N LEU D 120 8.18 24.83 -0.14
CA LEU D 120 6.86 25.44 -0.36
C LEU D 120 5.70 24.56 0.07
N GLY D 121 6.00 23.30 0.41
CA GLY D 121 5.01 22.40 0.96
C GLY D 121 4.07 21.82 -0.06
N TYR D 122 4.60 21.40 -1.20
CA TYR D 122 3.81 20.66 -2.20
C TYR D 122 4.55 19.37 -2.54
N ASP D 123 3.80 18.37 -3.02
CA ASP D 123 4.38 17.05 -3.27
C ASP D 123 5.39 17.03 -4.40
N LYS D 124 5.10 17.80 -5.46
CA LYS D 124 5.82 17.68 -6.73
C LYS D 124 5.98 19.03 -7.46
N VAL D 125 6.97 19.07 -8.35
CA VAL D 125 7.27 20.27 -9.12
C VAL D 125 7.62 19.88 -10.54
N LEU D 126 7.24 20.74 -11.47
CA LEU D 126 7.57 20.61 -12.87
C LEU D 126 8.35 21.86 -13.20
N MET D 127 9.64 21.68 -13.51
CA MET D 127 10.52 22.77 -13.88
C MET D 127 10.45 23.04 -15.37
N MET D 128 10.40 24.31 -15.73
CA MET D 128 10.45 24.75 -17.12
C MET D 128 11.33 25.99 -17.23
N ASN D 129 11.41 26.59 -18.42
CA ASN D 129 12.21 27.80 -18.63
C ASN D 129 11.51 29.16 -18.44
N THR D 130 10.39 29.36 -19.11
CA THR D 130 9.73 30.71 -19.15
C THR D 130 8.40 30.79 -18.43
N GLY D 131 7.98 32.02 -18.14
CA GLY D 131 6.67 32.28 -17.56
C GLY D 131 5.59 31.73 -18.46
N ALA D 132 5.65 32.03 -19.75
CA ALA D 132 4.66 31.52 -20.71
C ALA D 132 4.58 29.99 -20.71
N GLU D 133 5.72 29.33 -20.48
CA GLU D 133 5.77 27.86 -20.41
C GLU D 133 5.10 27.36 -19.17
N ALA D 134 5.30 28.05 -18.05
CA ALA D 134 4.61 27.69 -16.81
C ALA D 134 3.08 27.83 -16.99
N ASN D 135 2.65 28.97 -17.52
CA ASN D 135 1.20 29.16 -17.84
C ASN D 135 0.62 28.02 -18.67
N GLU D 136 1.28 27.70 -19.79
CA GLU D 136 0.78 26.66 -20.71
C GLU D 136 0.78 25.26 -20.06
N THR D 137 1.78 24.99 -19.24
CA THR D 137 1.82 23.77 -18.45
C THR D 137 0.72 23.74 -17.42
N ALA D 138 0.54 24.84 -16.71
CA ALA D 138 -0.57 24.93 -15.78
C ALA D 138 -1.93 24.73 -16.50
N TYR D 139 -2.09 25.29 -17.69
CA TYR D 139 -3.38 25.14 -18.43
C TYR D 139 -3.68 23.67 -18.74
N LYS D 140 -2.70 22.97 -19.30
CA LYS D 140 -2.79 21.56 -19.66
C LYS D 140 -2.98 20.66 -18.45
N LEU D 141 -2.31 21.01 -17.35
CA LEU D 141 -2.48 20.30 -16.09
C LEU D 141 -3.92 20.38 -15.58
N CYS D 142 -4.44 21.59 -15.57
CA CYS D 142 -5.79 21.89 -15.07
C CYS D 142 -6.83 21.18 -15.92
N ARG D 143 -6.67 21.27 -17.23
CA ARG D 143 -7.59 20.61 -18.17
C ARG D 143 -7.55 19.09 -18.10
N LYS D 144 -6.35 18.50 -18.09
CA LYS D 144 -6.25 17.05 -17.97
C LYS D 144 -6.82 16.55 -16.64
N TRP D 145 -6.62 17.34 -15.58
CA TRP D 145 -7.22 17.02 -14.29
C TRP D 145 -8.74 17.10 -14.39
N GLY D 146 -9.23 18.11 -15.11
CA GLY D 146 -10.65 18.29 -15.38
C GLY D 146 -11.27 17.08 -16.02
N TYR D 147 -10.65 16.61 -17.11
CA TYR D 147 -11.09 15.38 -17.79
C TYR D 147 -10.97 14.13 -16.91
N GLU D 148 -9.78 13.91 -16.34
CA GLU D 148 -9.49 12.69 -15.57
C GLU D 148 -10.22 12.56 -14.22
N VAL D 149 -10.18 13.62 -13.42
CA VAL D 149 -10.70 13.58 -12.06
C VAL D 149 -12.14 14.11 -11.97
N LYS D 150 -12.39 15.31 -12.50
CA LYS D 150 -13.72 15.92 -12.42
C LYS D 150 -14.71 15.34 -13.42
N LYS D 151 -14.19 14.54 -14.35
CA LYS D 151 -14.99 13.83 -15.37
C LYS D 151 -15.76 14.78 -16.32
N ILE D 152 -15.14 15.90 -16.66
CA ILE D 152 -15.60 16.80 -17.71
C ILE D 152 -15.47 16.12 -19.07
N PRO D 153 -16.50 16.24 -19.94
CA PRO D 153 -16.42 15.72 -21.31
C PRO D 153 -15.23 16.27 -22.10
N GLU D 154 -14.65 15.41 -22.95
CA GLU D 154 -13.54 15.76 -23.85
C GLU D 154 -13.73 17.12 -24.51
N ASN D 155 -12.63 17.88 -24.58
CA ASN D 155 -12.60 19.21 -25.19
C ASN D 155 -13.39 20.31 -24.48
N MET D 156 -14.01 19.98 -23.35
CA MET D 156 -14.92 20.90 -22.66
C MET D 156 -14.38 21.66 -21.44
N ALA D 157 -13.22 21.24 -20.91
CA ALA D 157 -12.66 21.87 -19.70
C ALA D 157 -12.38 23.37 -19.90
N LYS D 158 -12.85 24.15 -18.94
CA LYS D 158 -12.81 25.61 -19.03
C LYS D 158 -11.95 26.17 -17.91
N ILE D 159 -11.16 27.19 -18.24
CA ILE D 159 -10.31 27.85 -17.24
C ILE D 159 -10.77 29.28 -17.07
N VAL D 160 -10.98 29.69 -15.81
CA VAL D 160 -11.37 31.04 -15.49
C VAL D 160 -10.15 31.90 -15.08
N VAL D 161 -10.07 33.09 -15.67
CA VAL D 161 -8.98 34.05 -15.49
C VAL D 161 -9.58 35.42 -15.10
N CYS D 162 -8.74 36.36 -14.65
CA CYS D 162 -9.21 37.72 -14.31
C CYS D 162 -8.96 38.73 -15.43
N LYS D 163 -9.87 39.69 -15.56
CA LYS D 163 -9.78 40.74 -16.57
C LYS D 163 -8.56 41.65 -16.34
N PHE D 193 -11.58 29.16 -22.17
CA PHE D 193 -11.26 30.30 -21.29
C PHE D 193 -12.45 31.24 -21.07
N SER D 194 -12.61 31.72 -19.84
CA SER D 194 -13.56 32.79 -19.54
C SER D 194 -12.97 33.78 -18.54
N LYS D 195 -13.46 35.02 -18.56
CA LYS D 195 -12.91 36.09 -17.73
C LYS D 195 -13.88 36.50 -16.64
N VAL D 196 -13.33 36.97 -15.53
CA VAL D 196 -14.10 37.44 -14.41
C VAL D 196 -13.42 38.73 -13.96
N PRO D 197 -14.19 39.70 -13.42
CA PRO D 197 -13.55 40.82 -12.72
C PRO D 197 -12.66 40.35 -11.55
N TYR D 198 -11.49 40.97 -11.39
CA TYR D 198 -10.63 40.69 -10.23
C TYR D 198 -11.29 41.18 -8.95
N ASP D 199 -11.00 40.50 -7.82
CA ASP D 199 -11.43 40.95 -6.50
C ASP D 199 -12.97 41.01 -6.42
N ASP D 200 -13.61 40.07 -7.13
CA ASP D 200 -15.06 40.00 -7.27
C ASP D 200 -15.56 38.59 -6.98
N LEU D 201 -15.97 38.37 -5.74
CA LEU D 201 -16.38 37.06 -5.26
C LEU D 201 -17.71 36.59 -5.84
N GLU D 202 -18.62 37.54 -6.08
CA GLU D 202 -19.91 37.23 -6.67
C GLU D 202 -19.78 36.71 -8.10
N ALA D 203 -19.02 37.44 -8.92
CA ALA D 203 -18.77 37.01 -10.30
C ALA D 203 -18.03 35.67 -10.35
N LEU D 204 -17.13 35.47 -9.39
CA LEU D 204 -16.36 34.22 -9.30
C LEU D 204 -17.35 33.08 -9.15
N GLU D 205 -18.12 33.10 -8.07
CA GLU D 205 -19.14 32.09 -7.81
C GLU D 205 -20.03 31.80 -9.02
N GLU D 206 -20.48 32.86 -9.69
CA GLU D 206 -21.38 32.72 -10.84
C GLU D 206 -20.77 31.86 -11.94
N GLU D 207 -19.51 32.13 -12.26
CA GLU D 207 -18.78 31.39 -13.30
C GLU D 207 -18.50 29.92 -12.94
N LEU D 208 -18.16 29.67 -11.68
CA LEU D 208 -17.71 28.35 -11.24
C LEU D 208 -18.87 27.36 -11.03
N LYS D 209 -20.10 27.87 -11.15
CA LYS D 209 -21.27 27.02 -11.13
C LYS D 209 -21.29 26.11 -12.35
N ASP D 210 -20.68 26.58 -13.44
CA ASP D 210 -20.55 25.79 -14.66
C ASP D 210 -19.71 24.55 -14.32
N PRO D 211 -20.24 23.34 -14.57
CA PRO D 211 -19.56 22.12 -14.18
C PRO D 211 -18.32 21.84 -15.01
N ASN D 212 -18.18 22.52 -16.15
CA ASN D 212 -17.03 22.29 -17.02
C ASN D 212 -15.81 23.16 -16.66
N VAL D 213 -15.87 23.86 -15.53
CA VAL D 213 -14.77 24.71 -15.12
C VAL D 213 -13.77 23.83 -14.35
N CYS D 214 -12.55 23.73 -14.87
CA CYS D 214 -11.50 22.94 -14.18
C CYS D 214 -10.59 23.73 -13.22
N ALA D 215 -10.45 25.04 -13.47
CA ALA D 215 -9.53 25.89 -12.70
C ALA D 215 -9.85 27.38 -12.80
N PHE D 216 -9.53 28.08 -11.70
CA PHE D 216 -9.42 29.53 -11.64
C PHE D 216 -7.95 29.96 -11.39
N ILE D 217 -7.40 30.73 -12.33
CA ILE D 217 -6.03 31.21 -12.24
C ILE D 217 -6.00 32.71 -11.90
N VAL D 218 -5.40 33.04 -10.76
CA VAL D 218 -5.41 34.39 -10.22
C VAL D 218 -4.05 34.77 -9.61
N GLU D 219 -3.65 36.04 -9.78
CA GLU D 219 -2.48 36.63 -9.11
C GLU D 219 -2.94 37.22 -7.79
N PRO D 220 -2.16 37.00 -6.71
CA PRO D 220 -2.48 37.56 -5.38
C PRO D 220 -2.49 39.09 -5.34
N ILE D 221 -1.75 39.71 -6.26
CA ILE D 221 -1.75 41.15 -6.46
C ILE D 221 -1.52 41.28 -7.95
N GLN D 222 -2.39 42.04 -8.61
CA GLN D 222 -2.29 42.20 -10.04
C GLN D 222 -1.20 43.20 -10.35
N GLY D 223 -0.13 42.72 -10.97
CA GLY D 223 1.02 43.55 -11.25
C GLY D 223 0.75 44.53 -12.38
N GLU D 224 0.49 43.99 -13.56
CA GLU D 224 0.44 44.81 -14.76
C GLU D 224 -0.87 45.58 -14.90
N ALA D 225 -1.80 45.32 -13.99
CA ALA D 225 -3.03 46.09 -13.89
C ALA D 225 -2.75 47.45 -13.21
N GLY D 226 -1.62 47.56 -12.51
CA GLY D 226 -1.29 48.76 -11.73
C GLY D 226 -1.04 48.48 -10.25
N VAL D 227 -0.53 47.28 -9.96
CA VAL D 227 -0.35 46.81 -8.57
C VAL D 227 -1.66 46.92 -7.79
N ILE D 228 -2.68 46.23 -8.29
CA ILE D 228 -3.98 46.15 -7.63
C ILE D 228 -3.92 45.09 -6.53
N VAL D 229 -3.86 45.57 -5.30
CA VAL D 229 -3.97 44.75 -4.10
C VAL D 229 -5.46 44.46 -3.91
N PRO D 230 -5.82 43.17 -3.69
CA PRO D 230 -7.23 42.85 -3.47
C PRO D 230 -7.59 43.08 -2.02
N SER D 231 -8.89 43.25 -1.74
CA SER D 231 -9.36 43.36 -0.36
C SER D 231 -8.91 42.12 0.40
N ASP D 232 -8.66 42.27 1.69
CA ASP D 232 -8.44 41.12 2.56
C ASP D 232 -9.66 40.24 2.34
N ASN D 233 -9.56 38.96 2.70
CA ASN D 233 -10.72 38.07 2.57
C ASN D 233 -11.06 37.66 1.14
N TYR D 234 -10.49 38.33 0.15
CA TYR D 234 -10.69 37.92 -1.24
C TYR D 234 -10.11 36.50 -1.46
N LEU D 235 -8.85 36.32 -1.12
CA LEU D 235 -8.17 35.05 -1.39
C LEU D 235 -8.78 33.89 -0.58
N GLN D 236 -9.23 34.17 0.64
CA GLN D 236 -9.95 33.14 1.40
C GLN D 236 -11.28 32.76 0.73
N GLY D 237 -11.95 33.74 0.12
CA GLY D 237 -13.19 33.49 -0.62
C GLY D 237 -12.93 32.71 -1.89
N VAL D 238 -11.81 33.03 -2.56
CA VAL D 238 -11.41 32.29 -3.78
C VAL D 238 -11.24 30.80 -3.42
N TYR D 239 -10.51 30.57 -2.33
CA TYR D 239 -10.27 29.23 -1.78
C TYR D 239 -11.58 28.50 -1.46
N ASP D 240 -12.47 29.18 -0.74
CA ASP D 240 -13.75 28.61 -0.34
C ASP D 240 -14.61 28.25 -1.55
N ILE D 241 -14.70 29.15 -2.52
CA ILE D 241 -15.52 28.93 -3.70
C ILE D 241 -14.93 27.86 -4.62
N CYS D 242 -13.61 27.85 -4.77
CA CYS D 242 -12.95 26.81 -5.56
C CYS D 242 -13.17 25.43 -4.96
N LYS D 243 -13.06 25.34 -3.64
CA LYS D 243 -13.33 24.10 -2.93
C LYS D 243 -14.80 23.67 -3.12
N LYS D 244 -15.72 24.59 -2.86
CA LYS D 244 -17.16 24.28 -2.94
C LYS D 244 -17.56 23.73 -4.28
N TYR D 245 -16.99 24.29 -5.35
CA TYR D 245 -17.33 23.85 -6.70
C TYR D 245 -16.36 22.87 -7.33
N ASN D 246 -15.44 22.36 -6.51
CA ASN D 246 -14.45 21.39 -6.98
C ASN D 246 -13.67 21.93 -8.21
N VAL D 247 -12.99 23.05 -8.00
CA VAL D 247 -12.27 23.76 -9.04
C VAL D 247 -10.83 24.03 -8.54
N LEU D 248 -9.84 23.87 -9.42
CA LEU D 248 -8.46 24.09 -9.00
C LEU D 248 -8.17 25.57 -8.76
N PHE D 249 -7.74 25.88 -7.55
CA PHE D 249 -7.32 27.21 -7.21
C PHE D 249 -5.82 27.36 -7.58
N VAL D 250 -5.55 28.05 -8.68
CA VAL D 250 -4.16 28.28 -9.11
C VAL D 250 -3.71 29.71 -8.82
N ALA D 251 -2.67 29.85 -7.99
CA ALA D 251 -2.06 31.13 -7.71
C ALA D 251 -0.86 31.39 -8.62
N ASP D 252 -0.94 32.49 -9.38
CA ASP D 252 0.18 32.93 -10.22
C ASP D 252 1.12 33.79 -9.38
N GLU D 253 2.23 33.19 -8.96
CA GLU D 253 3.20 33.88 -8.09
C GLU D 253 4.50 34.18 -8.83
N VAL D 254 4.44 34.19 -10.15
CA VAL D 254 5.64 34.43 -10.96
C VAL D 254 6.25 35.82 -10.66
N GLN D 255 5.39 36.82 -10.43
CA GLN D 255 5.82 38.20 -10.10
C GLN D 255 5.78 38.48 -8.62
N THR D 256 4.80 37.91 -7.92
CA THR D 256 4.56 38.27 -6.52
C THR D 256 5.30 37.44 -5.49
N GLY D 257 5.83 36.28 -5.92
CA GLY D 257 6.44 35.35 -4.97
C GLY D 257 7.88 35.69 -4.64
N LEU D 258 8.53 34.81 -3.87
CA LEU D 258 9.98 34.85 -3.65
C LEU D 258 10.46 36.17 -3.10
N GLY D 259 9.82 36.59 -2.02
CA GLY D 259 10.24 37.78 -1.29
C GLY D 259 9.64 39.12 -1.71
N ARG D 260 9.13 39.22 -2.95
CA ARG D 260 8.65 40.50 -3.52
C ARG D 260 7.66 41.26 -2.60
N THR D 261 6.70 40.55 -2.00
CA THR D 261 5.72 41.19 -1.11
C THR D 261 6.10 41.02 0.35
N GLY D 262 7.29 40.49 0.59
CA GLY D 262 7.79 40.27 1.94
C GLY D 262 7.58 38.86 2.46
N LYS D 263 7.21 37.94 1.56
CA LYS D 263 7.03 36.53 1.88
C LYS D 263 7.44 35.65 0.69
N LEU D 264 7.71 34.38 0.96
CA LEU D 264 8.06 33.41 -0.05
C LEU D 264 7.00 33.27 -1.14
N LEU D 265 5.74 33.24 -0.71
CA LEU D 265 4.60 33.36 -1.63
C LEU D 265 3.75 34.48 -1.05
N CYS D 266 3.21 35.34 -1.92
CA CYS D 266 2.33 36.43 -1.45
C CYS D 266 1.18 35.85 -0.64
N VAL D 267 0.68 34.73 -1.14
CA VAL D 267 -0.38 33.96 -0.52
C VAL D 267 -0.18 33.62 1.00
N HIS D 268 1.06 33.60 1.47
CA HIS D 268 1.35 33.39 2.91
C HIS D 268 0.82 34.53 3.79
N HIS D 269 0.71 35.74 3.24
CA HIS D 269 0.10 36.87 3.95
C HIS D 269 -1.32 36.54 4.41
N TYR D 270 -2.00 35.68 3.65
CA TYR D 270 -3.42 35.37 3.84
C TYR D 270 -3.70 33.99 4.43
N ASN D 271 -2.64 33.21 4.67
CA ASN D 271 -2.74 31.81 5.13
C ASN D 271 -3.78 31.02 4.32
N VAL D 272 -3.63 31.09 3.00
CA VAL D 272 -4.47 30.35 2.09
C VAL D 272 -3.53 29.51 1.26
N LYS D 273 -3.84 28.22 1.15
CA LYS D 273 -2.99 27.27 0.45
C LYS D 273 -3.61 26.93 -0.91
N PRO D 274 -3.11 27.54 -1.99
CA PRO D 274 -3.67 27.23 -3.30
C PRO D 274 -3.40 25.78 -3.71
N ASP D 275 -4.22 25.26 -4.62
CA ASP D 275 -4.01 23.91 -5.16
C ASP D 275 -2.74 23.81 -6.01
N VAL D 276 -2.43 24.87 -6.76
CA VAL D 276 -1.34 24.87 -7.74
C VAL D 276 -0.62 26.20 -7.63
N ILE D 277 0.69 26.21 -7.87
CA ILE D 277 1.51 27.41 -7.73
C ILE D 277 2.38 27.61 -8.97
N LEU D 278 2.37 28.80 -9.55
CA LEU D 278 3.27 29.08 -10.66
C LEU D 278 4.38 29.97 -10.10
N LEU D 279 5.62 29.63 -10.45
CA LEU D 279 6.80 30.37 -9.99
C LEU D 279 7.67 30.67 -11.19
N GLY D 280 8.53 31.66 -11.08
CA GLY D 280 9.47 32.00 -12.14
C GLY D 280 10.36 33.15 -11.70
N LYS D 281 10.74 33.97 -12.67
CA LYS D 281 11.55 35.18 -12.43
C LYS D 281 12.73 34.98 -11.46
N ALA D 282 12.55 35.31 -10.18
CA ALA D 282 13.62 35.36 -9.18
C ALA D 282 14.09 33.94 -8.80
N LEU D 283 13.44 32.95 -9.38
CA LEU D 283 13.86 31.56 -9.19
C LEU D 283 15.33 31.37 -9.64
N SER D 284 15.79 32.17 -10.61
CA SER D 284 17.16 32.09 -11.14
C SER D 284 18.08 33.24 -10.70
N GLY D 285 17.55 34.21 -9.97
CA GLY D 285 18.27 35.48 -9.72
C GLY D 285 18.76 36.22 -10.96
N GLY D 286 18.07 36.07 -12.09
CA GLY D 286 18.48 36.73 -13.35
C GLY D 286 19.50 35.95 -14.17
N HIS D 287 19.96 34.81 -13.66
CA HIS D 287 21.06 34.11 -14.34
C HIS D 287 20.62 33.12 -15.39
N TYR D 288 19.32 32.86 -15.48
CA TYR D 288 18.85 31.78 -16.36
C TYR D 288 17.32 31.85 -16.42
N PRO D 289 16.72 31.58 -17.59
CA PRO D 289 15.25 31.50 -17.57
C PRO D 289 14.76 30.22 -16.84
N ILE D 290 14.15 30.37 -15.67
CA ILE D 290 13.68 29.23 -14.88
C ILE D 290 12.25 29.49 -14.37
N SER D 291 11.36 28.53 -14.59
CA SER D 291 10.03 28.60 -14.02
C SER D 291 9.66 27.23 -13.45
N ALA D 292 8.56 27.21 -12.71
CA ALA D 292 8.05 26.00 -12.02
C ALA D 292 6.54 26.05 -11.75
N VAL D 293 5.91 24.88 -11.89
CA VAL D 293 4.56 24.61 -11.42
C VAL D 293 4.61 23.59 -10.26
N LEU D 294 4.08 23.95 -9.10
CA LEU D 294 3.94 23.01 -7.96
C LEU D 294 2.48 22.65 -7.71
N ALA D 295 2.26 21.40 -7.28
CA ALA D 295 0.94 20.83 -7.03
C ALA D 295 1.12 19.55 -6.24
N ASN D 296 0.15 19.22 -5.40
CA ASN D 296 0.16 17.92 -4.74
C ASN D 296 -0.11 16.78 -5.72
N ASP D 297 0.15 15.56 -5.27
CA ASP D 297 0.09 14.35 -6.09
C ASP D 297 -1.26 14.12 -6.77
N ASP D 298 -2.35 14.36 -6.05
CA ASP D 298 -3.70 14.12 -6.62
C ASP D 298 -3.91 14.94 -7.90
N ILE D 299 -3.23 16.08 -7.97
CA ILE D 299 -3.25 16.89 -9.16
C ILE D 299 -2.12 16.52 -10.12
N MET D 300 -0.87 16.52 -9.62
CA MET D 300 0.31 16.35 -10.50
C MET D 300 0.40 15.01 -11.21
N LEU D 301 -0.03 13.96 -10.53
CA LEU D 301 0.05 12.58 -11.06
C LEU D 301 -0.87 12.33 -12.26
N VAL D 302 -1.59 13.38 -12.66
CA VAL D 302 -2.37 13.38 -13.90
C VAL D 302 -1.44 13.42 -15.11
N ILE D 303 -0.27 14.02 -14.92
CA ILE D 303 0.74 14.17 -15.97
C ILE D 303 1.46 12.83 -16.24
N LYS D 304 1.62 12.51 -17.53
CA LYS D 304 2.24 11.26 -17.98
C LYS D 304 3.26 11.55 -19.07
N PRO D 305 4.30 10.68 -19.22
CA PRO D 305 5.35 10.89 -20.23
C PRO D 305 4.82 10.97 -21.66
N GLY D 306 5.33 11.95 -22.43
CA GLY D 306 4.94 12.13 -23.83
C GLY D 306 4.72 13.56 -24.29
N GLU D 307 4.17 14.41 -23.39
CA GLU D 307 3.74 15.78 -23.72
C GLU D 307 4.88 16.84 -23.77
N HIS D 308 4.46 18.11 -23.87
CA HIS D 308 5.31 19.33 -23.84
C HIS D 308 6.82 19.16 -23.60
N GLY D 309 7.65 19.57 -24.57
CA GLY D 309 9.08 19.30 -24.47
C GLY D 309 10.15 20.24 -24.99
N SER D 310 10.28 21.43 -24.39
CA SER D 310 11.52 22.21 -24.58
C SER D 310 12.64 21.41 -23.92
N THR D 311 13.64 21.07 -24.73
CA THR D 311 14.76 20.27 -24.28
C THR D 311 15.50 20.91 -23.10
N TYR D 312 15.40 22.23 -22.90
CA TYR D 312 16.10 22.91 -21.78
C TYR D 312 15.41 22.87 -20.43
N GLY D 313 14.12 22.49 -20.42
CA GLY D 313 13.37 22.46 -19.16
C GLY D 313 13.90 21.36 -18.25
N GLY D 314 14.07 21.70 -16.97
CA GLY D 314 14.70 20.80 -16.01
C GLY D 314 16.19 20.53 -16.24
N ASN D 315 16.91 21.43 -16.90
CA ASN D 315 18.35 21.17 -17.15
C ASN D 315 19.20 21.30 -15.89
N PRO D 316 20.33 20.57 -15.86
CA PRO D 316 21.16 20.63 -14.63
C PRO D 316 21.66 22.03 -14.29
N LEU D 317 22.00 22.86 -15.28
CA LEU D 317 22.52 24.20 -14.97
C LEU D 317 21.45 25.06 -14.29
N ALA D 318 20.26 25.12 -14.88
CA ALA D 318 19.08 25.71 -14.24
C ALA D 318 18.88 25.15 -12.84
N ALA D 319 18.93 23.82 -12.69
CA ALA D 319 18.57 23.18 -11.44
C ALA D 319 19.48 23.63 -10.30
N SER D 320 20.79 23.73 -10.56
CA SER D 320 21.74 24.26 -9.54
C SER D 320 21.65 25.77 -9.32
N ILE D 321 21.46 26.53 -10.42
CA ILE D 321 21.30 27.98 -10.25
C ILE D 321 20.11 28.23 -9.32
N CYS D 322 19.01 27.53 -9.57
CA CYS D 322 17.77 27.73 -8.79
C CYS D 322 17.91 27.54 -7.29
N VAL D 323 18.57 26.44 -6.86
CA VAL D 323 18.73 26.16 -5.41
C VAL D 323 19.53 27.27 -4.71
N GLU D 324 20.62 27.70 -5.35
CA GLU D 324 21.42 28.78 -4.81
C GLU D 324 20.68 30.13 -4.84
N ALA D 325 19.94 30.40 -5.92
CA ALA D 325 19.15 31.62 -5.99
C ALA D 325 18.15 31.71 -4.83
N LEU D 326 17.58 30.56 -4.45
CA LEU D 326 16.66 30.49 -3.31
C LEU D 326 17.36 30.54 -1.96
N ASN D 327 18.51 29.86 -1.88
CA ASN D 327 19.37 29.91 -0.69
C ASN D 327 19.74 31.34 -0.34
N VAL D 328 20.21 32.10 -1.33
CA VAL D 328 20.53 33.51 -1.15
C VAL D 328 19.34 34.29 -0.61
N LEU D 329 18.19 34.09 -1.23
CA LEU D 329 16.94 34.73 -0.81
C LEU D 329 16.68 34.49 0.68
N ILE D 330 16.75 33.22 1.08
CA ILE D 330 16.51 32.81 2.44
C ILE D 330 17.66 33.22 3.36
N ASN D 331 18.90 32.82 3.02
CA ASN D 331 20.05 33.07 3.88
C ASN D 331 20.30 34.54 4.17
N GLU D 332 20.07 35.40 3.17
CA GLU D 332 20.24 36.85 3.36
C GLU D 332 18.99 37.55 3.86
N LYS D 333 17.95 36.79 4.21
CA LYS D 333 16.73 37.34 4.80
C LYS D 333 16.11 38.48 3.95
N LEU D 334 16.09 38.28 2.63
CA LEU D 334 15.58 39.31 1.72
C LEU D 334 14.05 39.49 1.82
N CYS D 335 13.33 38.39 2.06
CA CYS D 335 11.89 38.40 2.32
C CYS D 335 11.57 39.29 3.51
N GLU D 336 12.33 39.09 4.58
CA GLU D 336 12.20 39.88 5.82
C GLU D 336 12.55 41.33 5.55
N ASN D 337 13.58 41.56 4.74
CA ASN D 337 13.99 42.92 4.42
C ASN D 337 12.88 43.68 3.67
N ALA D 338 12.34 43.06 2.62
CA ALA D 338 11.21 43.65 1.88
C ALA D 338 10.04 43.93 2.80
N GLU D 339 9.75 43.00 3.69
CA GLU D 339 8.65 43.16 4.66
C GLU D 339 8.81 44.36 5.59
N LYS D 340 9.99 44.53 6.19
CA LYS D 340 10.15 45.58 7.19
C LYS D 340 10.43 46.97 6.61
N LEU D 341 10.94 47.02 5.38
CA LEU D 341 11.27 48.30 4.73
C LEU D 341 10.14 48.81 3.83
N GLY D 342 9.34 47.89 3.33
CA GLY D 342 8.23 48.18 2.43
C GLY D 342 7.11 48.98 3.08
N GLY D 343 6.73 48.60 4.29
CA GLY D 343 5.74 49.34 5.06
C GLY D 343 6.08 50.81 5.18
N PRO D 344 7.14 51.15 5.96
CA PRO D 344 7.65 52.51 6.08
C PRO D 344 7.84 53.27 4.77
N PHE D 345 8.51 52.66 3.78
CA PHE D 345 8.69 53.32 2.47
C PHE D 345 7.37 53.87 1.94
N LEU D 346 6.35 53.01 1.94
CA LEU D 346 5.03 53.37 1.44
C LEU D 346 4.33 54.41 2.32
N GLU D 347 4.40 54.27 3.64
CA GLU D 347 3.81 55.26 4.56
C GLU D 347 4.51 56.63 4.47
N ASN D 348 5.83 56.62 4.26
CA ASN D 348 6.61 57.83 4.03
C ASN D 348 6.22 58.56 2.75
N LEU D 349 6.08 57.80 1.67
CA LEU D 349 5.67 58.35 0.39
C LEU D 349 4.28 58.95 0.49
N LYS D 350 3.37 58.24 1.16
CA LYS D 350 1.99 58.69 1.32
C LYS D 350 1.86 60.07 1.95
N ARG D 351 2.68 60.35 2.96
CA ARG D 351 2.59 61.61 3.70
C ARG D 351 3.46 62.72 3.14
N GLU D 352 4.49 62.35 2.38
CA GLU D 352 5.30 63.34 1.68
C GLU D 352 4.58 63.78 0.42
N LEU D 353 3.76 62.89 -0.11
CA LEU D 353 2.93 63.19 -1.27
C LEU D 353 1.46 63.57 -0.93
N LYS D 354 1.17 63.82 0.35
CA LYS D 354 -0.21 64.05 0.81
C LYS D 354 -0.87 65.30 0.23
N ASP D 355 -0.08 66.33 -0.06
CA ASP D 355 -0.59 67.58 -0.60
C ASP D 355 -0.54 67.63 -2.12
N SER D 356 0.12 66.65 -2.73
CA SER D 356 0.26 66.61 -4.18
C SER D 356 -1.09 66.54 -4.87
N LYS D 357 -1.32 67.46 -5.81
CA LYS D 357 -2.60 67.56 -6.50
C LYS D 357 -2.73 66.52 -7.61
N ILE D 358 -1.62 65.87 -7.93
CA ILE D 358 -1.56 65.01 -9.10
C ILE D 358 -1.51 63.50 -8.78
N VAL D 359 -1.37 63.17 -7.50
CA VAL D 359 -1.33 61.77 -7.07
C VAL D 359 -2.71 61.29 -6.62
N ARG D 360 -3.24 60.29 -7.30
CA ARG D 360 -4.45 59.61 -6.88
C ARG D 360 -4.19 58.67 -5.69
N ASP D 361 -3.26 57.74 -5.89
CA ASP D 361 -3.11 56.63 -4.94
C ASP D 361 -1.65 56.18 -4.83
N VAL D 362 -1.25 55.90 -3.59
CA VAL D 362 0.03 55.26 -3.28
C VAL D 362 -0.31 53.91 -2.64
N ARG D 363 0.19 52.83 -3.22
CA ARG D 363 -0.16 51.50 -2.72
C ARG D 363 0.92 50.43 -2.95
N GLY D 364 0.73 49.29 -2.29
CA GLY D 364 1.54 48.09 -2.52
C GLY D 364 1.66 47.21 -1.30
N LYS D 365 2.49 46.17 -1.43
CA LYS D 365 2.78 45.28 -0.32
C LYS D 365 4.25 44.88 -0.41
N GLY D 366 4.96 44.99 0.71
CA GLY D 366 6.40 44.73 0.75
C GLY D 366 7.13 45.70 -0.18
N LEU D 367 7.82 45.18 -1.18
CA LEU D 367 8.50 46.04 -2.16
C LEU D 367 7.83 45.91 -3.55
N LEU D 368 6.57 45.49 -3.55
CA LEU D 368 5.75 45.53 -4.76
C LEU D 368 4.86 46.77 -4.60
N CYS D 369 5.33 47.89 -5.13
CA CYS D 369 4.72 49.18 -4.86
C CYS D 369 4.40 49.93 -6.12
N ALA D 370 3.54 50.95 -5.98
CA ALA D 370 3.10 51.73 -7.10
C ALA D 370 2.59 53.11 -6.67
N ILE D 371 2.70 54.06 -7.59
CA ILE D 371 1.99 55.32 -7.41
C ILE D 371 1.15 55.63 -8.63
N GLU D 372 -0.14 55.79 -8.36
CA GLU D 372 -1.13 56.08 -9.39
C GLU D 372 -1.34 57.58 -9.47
N PHE D 373 -1.12 58.12 -10.65
CA PHE D 373 -1.26 59.56 -10.85
C PHE D 373 -2.58 59.88 -11.55
N LYS D 374 -3.08 61.09 -11.32
CA LYS D 374 -4.26 61.56 -12.04
C LYS D 374 -3.84 61.96 -13.44
N ASN D 375 -4.04 61.07 -14.40
CA ASN D 375 -3.66 61.33 -15.77
C ASN D 375 -4.63 62.25 -16.54
N GLU D 376 -5.73 62.61 -15.88
CA GLU D 376 -6.64 63.66 -16.37
C GLU D 376 -5.99 65.02 -16.15
N LEU D 377 -4.92 65.03 -15.36
CA LEU D 377 -4.20 66.23 -14.99
C LEU D 377 -2.76 66.30 -15.55
N VAL D 378 -2.07 65.15 -15.64
CA VAL D 378 -0.65 65.11 -16.08
C VAL D 378 -0.27 63.96 -17.04
N ASN D 379 0.84 64.19 -17.75
CA ASN D 379 1.45 63.19 -18.62
C ASN D 379 2.47 62.39 -17.79
N VAL D 380 2.08 61.16 -17.45
CA VAL D 380 2.88 60.27 -16.59
C VAL D 380 4.17 59.78 -17.27
N LEU D 381 4.15 59.62 -18.59
CA LEU D 381 5.38 59.37 -19.33
C LEU D 381 6.46 60.39 -18.97
N ASP D 382 6.08 61.65 -18.81
CA ASP D 382 7.02 62.70 -18.44
C ASP D 382 7.52 62.57 -17.02
N ILE D 383 6.68 62.01 -16.16
CA ILE D 383 7.09 61.79 -14.79
C ILE D 383 8.19 60.71 -14.81
N CYS D 384 7.93 59.63 -15.54
CA CYS D 384 8.91 58.56 -15.73
C CYS D 384 10.24 59.02 -16.30
N LEU D 385 10.19 59.88 -17.32
CA LEU D 385 11.39 60.39 -17.96
C LEU D 385 12.22 61.25 -17.01
N LYS D 386 11.53 62.06 -16.21
CA LYS D 386 12.18 62.93 -15.24
C LYS D 386 12.81 62.10 -14.11
N LEU D 387 12.08 61.08 -13.68
CA LEU D 387 12.60 60.11 -12.72
C LEU D 387 13.94 59.54 -13.22
N LYS D 388 13.98 59.13 -14.49
CA LYS D 388 15.21 58.61 -15.12
C LYS D 388 16.36 59.61 -15.05
N GLU D 389 16.06 60.86 -15.42
CA GLU D 389 17.02 61.96 -15.42
C GLU D 389 17.53 62.20 -14.02
N ASN D 390 16.67 61.98 -13.04
CA ASN D 390 17.02 62.12 -11.65
C ASN D 390 17.62 60.81 -11.04
N GLY D 391 17.91 59.82 -11.89
CA GLY D 391 18.61 58.60 -11.45
C GLY D 391 17.77 57.40 -10.98
N LEU D 392 16.52 57.30 -11.42
CA LEU D 392 15.64 56.19 -10.98
C LEU D 392 14.83 55.71 -12.18
N ILE D 393 15.00 54.43 -12.52
CA ILE D 393 14.43 53.90 -13.74
C ILE D 393 13.20 53.02 -13.42
N THR D 394 12.04 53.45 -13.94
CA THR D 394 10.76 52.76 -13.76
C THR D 394 10.05 52.74 -15.09
N ARG D 395 8.95 51.98 -15.16
CA ARG D 395 8.00 52.11 -16.25
C ARG D 395 6.61 52.37 -15.65
N ASP D 396 5.77 53.09 -16.39
CA ASP D 396 4.39 53.29 -15.97
C ASP D 396 3.47 52.32 -16.71
N VAL D 397 2.29 52.09 -16.14
CA VAL D 397 1.32 51.18 -16.72
C VAL D 397 0.00 51.92 -16.99
N HIS D 398 -0.52 51.77 -18.21
CA HIS D 398 -1.82 52.31 -18.63
C HIS D 398 -1.81 53.85 -18.56
N ASP D 399 -0.65 54.42 -18.89
CA ASP D 399 -0.27 55.81 -18.59
C ASP D 399 -0.90 56.42 -17.32
N LYS D 400 -0.91 55.69 -16.22
CA LYS D 400 -1.31 56.32 -14.95
C LYS D 400 -0.47 55.94 -13.74
N THR D 401 0.08 54.72 -13.78
CA THR D 401 0.68 54.11 -12.59
C THR D 401 2.15 53.80 -12.79
N ILE D 402 2.99 54.39 -11.95
CA ILE D 402 4.42 54.10 -12.02
C ILE D 402 4.67 52.96 -11.04
N ARG D 403 5.27 51.88 -11.55
CA ARG D 403 5.63 50.73 -10.70
C ARG D 403 6.90 51.06 -9.93
N LEU D 404 6.93 50.71 -8.65
CA LEU D 404 8.12 50.87 -7.80
C LEU D 404 8.57 49.52 -7.23
N THR D 405 9.50 48.86 -7.92
CA THR D 405 9.88 47.51 -7.53
C THR D 405 11.41 47.32 -7.63
N PRO D 406 12.12 47.76 -6.57
CA PRO D 406 13.58 47.68 -6.48
C PRO D 406 14.02 46.30 -6.01
N PRO D 407 15.29 45.89 -6.29
CA PRO D 407 15.76 44.60 -5.73
C PRO D 407 15.61 44.59 -4.21
N LEU D 408 15.41 43.42 -3.64
CA LEU D 408 15.07 43.27 -2.22
C LEU D 408 16.24 43.48 -1.24
N CYS D 409 17.44 43.67 -1.81
CA CYS D 409 18.63 43.94 -1.01
C CYS D 409 18.81 45.44 -0.74
N ILE D 410 17.88 46.27 -1.24
CA ILE D 410 17.88 47.73 -1.00
C ILE D 410 17.95 47.96 0.50
N THR D 411 18.65 49.01 0.91
CA THR D 411 18.65 49.42 2.31
C THR D 411 17.70 50.58 2.59
N LYS D 412 17.47 50.87 3.87
CA LYS D 412 16.61 51.96 4.28
C LYS D 412 17.14 53.31 3.77
N GLU D 413 18.45 53.52 3.88
CA GLU D 413 19.07 54.78 3.42
C GLU D 413 18.90 54.97 1.90
N GLN D 414 19.05 53.88 1.16
CA GLN D 414 18.86 53.93 -0.29
C GLN D 414 17.41 54.23 -0.64
N LEU D 415 16.49 53.60 0.10
CA LEU D 415 15.06 53.77 -0.04
C LEU D 415 14.64 55.19 0.34
N ASP D 416 15.28 55.75 1.37
CA ASP D 416 15.09 57.16 1.75
C ASP D 416 15.54 58.09 0.63
N GLU D 417 16.70 57.78 0.04
CA GLU D 417 17.21 58.60 -1.06
C GLU D 417 16.27 58.51 -2.26
N CYS D 418 15.74 57.31 -2.50
CA CYS D 418 14.79 57.10 -3.60
C CYS D 418 13.49 57.86 -3.33
N THR D 419 13.08 57.91 -2.07
CA THR D 419 11.88 58.62 -1.70
C THR D 419 12.02 60.08 -2.12
N GLU D 420 13.20 60.63 -1.92
CA GLU D 420 13.47 62.03 -2.23
C GLU D 420 13.52 62.34 -3.71
N ILE D 421 14.12 61.45 -4.50
CA ILE D 421 14.08 61.53 -5.97
C ILE D 421 12.63 61.61 -6.51
N ILE D 422 11.76 60.77 -5.93
CA ILE D 422 10.38 60.59 -6.40
C ILE D 422 9.56 61.81 -6.04
N VAL D 423 9.71 62.24 -4.78
CA VAL D 423 9.02 63.40 -4.20
C VAL D 423 9.47 64.72 -4.83
N LYS D 424 10.77 64.85 -5.10
CA LYS D 424 11.32 65.96 -5.85
C LYS D 424 10.74 65.99 -7.27
N THR D 425 10.66 64.82 -7.90
CA THR D 425 10.20 64.69 -9.28
C THR D 425 8.72 65.03 -9.40
N VAL D 426 7.91 64.53 -8.47
CA VAL D 426 6.48 64.73 -8.49
C VAL D 426 6.18 66.21 -8.21
N LYS D 427 6.91 66.81 -7.26
CA LYS D 427 6.75 68.23 -6.95
C LYS D 427 6.94 69.14 -8.16
N PHE D 428 7.86 68.76 -9.04
CA PHE D 428 8.07 69.48 -10.29
C PHE D 428 6.79 69.53 -11.13
N PHE D 429 6.03 68.44 -11.09
CA PHE D 429 4.80 68.35 -11.88
C PHE D 429 3.60 68.83 -11.07
N ASP D 430 3.86 69.20 -9.81
CA ASP D 430 2.87 69.62 -8.81
C ASP D 430 2.32 68.44 -8.03
N LYS E 27 -33.38 20.94 20.83
CA LYS E 27 -32.56 22.11 20.35
C LYS E 27 -31.40 21.58 19.50
N THR E 28 -30.43 22.43 19.18
CA THR E 28 -29.28 21.98 18.39
C THR E 28 -28.17 21.37 19.28
N PRO E 29 -27.33 20.49 18.70
CA PRO E 29 -26.19 19.95 19.46
C PRO E 29 -25.34 21.04 20.12
N GLU E 30 -25.13 22.15 19.42
CA GLU E 30 -24.32 23.24 19.96
C GLU E 30 -24.99 23.94 21.13
N ASP E 31 -26.32 24.06 21.07
CA ASP E 31 -27.16 24.56 22.17
C ASP E 31 -26.91 23.80 23.47
N TYR E 32 -26.96 22.48 23.37
CA TYR E 32 -26.73 21.55 24.49
C TYR E 32 -25.29 21.56 24.96
N ILE E 33 -24.36 21.56 24.01
CA ILE E 33 -22.95 21.61 24.34
C ILE E 33 -22.61 22.88 25.11
N ASN E 34 -22.97 24.04 24.58
CA ASN E 34 -22.76 25.33 25.23
C ASN E 34 -23.45 25.49 26.58
N ASN E 35 -24.63 24.88 26.72
CA ASN E 35 -25.31 24.82 28.01
C ASN E 35 -24.48 24.08 29.07
N GLU E 36 -23.93 22.92 28.70
CA GLU E 36 -23.05 22.16 29.61
C GLU E 36 -21.77 22.92 29.89
N LEU E 37 -21.20 23.55 28.86
CA LEU E 37 -20.02 24.37 29.08
C LEU E 37 -20.34 25.48 30.07
N LYS E 38 -21.58 25.99 30.04
CA LYS E 38 -21.95 27.07 30.95
C LYS E 38 -22.16 26.59 32.40
N TYR E 39 -22.93 25.51 32.58
CA TYR E 39 -23.38 25.09 33.91
C TYR E 39 -22.63 23.91 34.54
N GLY E 40 -21.77 23.25 33.76
CA GLY E 40 -21.04 22.07 34.24
C GLY E 40 -19.54 22.31 34.33
N ALA E 41 -18.88 21.67 35.29
CA ALA E 41 -17.41 21.64 35.30
C ALA E 41 -16.88 21.17 33.94
N HIS E 42 -15.70 21.65 33.56
CA HIS E 42 -15.06 21.26 32.30
C HIS E 42 -14.13 20.05 32.51
N ASN E 43 -14.64 18.99 33.15
CA ASN E 43 -13.79 17.83 33.45
C ASN E 43 -13.64 16.83 32.31
N TYR E 44 -14.47 16.97 31.28
CA TYR E 44 -14.40 16.12 30.08
C TYR E 44 -14.33 16.96 28.79
N ASP E 45 -13.63 16.44 27.79
CA ASP E 45 -13.70 17.02 26.43
C ASP E 45 -14.28 15.97 25.46
N PRO E 46 -15.62 15.78 25.50
CA PRO E 46 -16.23 14.71 24.71
C PRO E 46 -16.30 14.99 23.21
N ILE E 47 -16.41 13.91 22.43
CA ILE E 47 -16.83 13.98 21.02
C ILE E 47 -18.12 14.79 20.94
N PRO E 48 -18.14 15.82 20.07
CA PRO E 48 -19.32 16.70 19.93
C PRO E 48 -20.60 16.06 19.33
N VAL E 49 -21.05 14.95 19.91
CA VAL E 49 -22.34 14.32 19.59
C VAL E 49 -23.22 14.31 20.84
N VAL E 50 -24.47 14.76 20.70
CA VAL E 50 -25.40 14.87 21.83
C VAL E 50 -26.50 13.84 21.70
N LEU E 51 -26.35 12.76 22.48
CA LEU E 51 -27.23 11.58 22.39
C LEU E 51 -28.47 11.80 23.21
N LYS E 52 -29.61 11.33 22.70
CA LYS E 52 -30.86 11.43 23.45
C LYS E 52 -31.58 10.09 23.61
N ARG E 53 -31.21 9.12 22.79
CA ARG E 53 -31.86 7.82 22.80
C ARG E 53 -30.88 6.75 22.34
N ALA E 54 -31.16 5.50 22.71
CA ALA E 54 -30.28 4.40 22.40
C ALA E 54 -30.98 3.07 22.58
N LYS E 55 -30.56 2.06 21.81
CA LYS E 55 -31.23 0.76 21.81
C LYS E 55 -30.35 -0.30 21.18
N GLY E 56 -30.04 -1.35 21.95
CA GLY E 56 -29.12 -2.37 21.52
C GLY E 56 -27.79 -1.80 21.09
N VAL E 57 -27.59 -1.83 19.78
CA VAL E 57 -26.33 -1.52 19.13
C VAL E 57 -26.28 -0.04 18.73
N PHE E 58 -27.43 0.63 18.77
CA PHE E 58 -27.53 1.97 18.25
C PHE E 58 -27.79 3.09 19.27
N VAL E 59 -27.26 4.26 18.96
CA VAL E 59 -27.60 5.50 19.68
C VAL E 59 -28.05 6.55 18.66
N TYR E 60 -28.90 7.46 19.13
CA TYR E 60 -29.51 8.47 18.28
C TYR E 60 -29.26 9.83 18.91
N ASP E 61 -28.76 10.77 18.11
CA ASP E 61 -28.52 12.13 18.58
C ASP E 61 -29.75 13.05 18.44
N VAL E 62 -29.61 14.31 18.86
CA VAL E 62 -30.73 15.24 18.89
C VAL E 62 -31.38 15.52 17.51
N ASN E 63 -30.64 15.25 16.42
CA ASN E 63 -31.12 15.38 15.04
C ASN E 63 -31.75 14.10 14.49
N ASP E 64 -31.92 13.10 15.37
CA ASP E 64 -32.35 11.76 14.98
C ASP E 64 -31.42 11.10 13.98
N LYS E 65 -30.13 11.42 14.10
CA LYS E 65 -29.06 10.69 13.40
C LYS E 65 -28.67 9.46 14.21
N ARG E 66 -28.62 8.32 13.53
CA ARG E 66 -28.28 7.05 14.16
C ARG E 66 -26.79 6.71 14.00
N TYR E 67 -26.14 6.30 15.09
CA TYR E 67 -24.77 5.81 15.01
C TYR E 67 -24.65 4.43 15.64
N TYR E 68 -23.65 3.66 15.20
CA TYR E 68 -23.21 2.47 15.89
C TYR E 68 -22.37 2.93 17.07
N ASP E 69 -22.66 2.37 18.25
CA ASP E 69 -21.84 2.65 19.41
C ASP E 69 -20.73 1.62 19.44
N PHE E 70 -19.52 2.09 19.22
CA PHE E 70 -18.36 1.21 19.32
C PHE E 70 -17.54 1.37 20.60
N LEU E 71 -18.19 1.88 21.64
CA LEU E 71 -17.57 1.98 22.97
C LEU E 71 -18.31 1.14 24.02
N SER E 72 -19.65 1.08 23.91
CA SER E 72 -20.50 0.34 24.85
C SER E 72 -20.36 0.93 26.28
N ALA E 73 -20.07 2.23 26.37
CA ALA E 73 -19.87 2.89 27.65
C ALA E 73 -18.81 2.08 28.44
N TYR E 74 -17.71 1.76 27.77
CA TYR E 74 -16.60 0.99 28.35
C TYR E 74 -17.08 -0.36 28.87
N SER E 75 -18.04 -0.94 28.16
CA SER E 75 -18.57 -2.28 28.41
C SER E 75 -19.70 -2.35 29.42
N SER E 76 -20.20 -1.20 29.88
CA SER E 76 -21.42 -1.19 30.68
C SER E 76 -22.60 -1.78 29.94
N VAL E 77 -22.74 -1.48 28.64
CA VAL E 77 -23.85 -2.05 27.86
C VAL E 77 -23.40 -3.18 26.91
N ASN E 78 -22.62 -4.12 27.44
CA ASN E 78 -22.40 -5.42 26.77
C ASN E 78 -23.72 -6.06 26.29
N GLN E 79 -24.79 -5.91 27.07
CA GLN E 79 -26.10 -6.48 26.76
C GLN E 79 -26.82 -5.64 25.70
N GLY E 80 -26.16 -4.60 25.21
CA GLY E 80 -26.79 -3.59 24.36
C GLY E 80 -27.54 -2.54 25.17
N HIS E 81 -27.75 -1.37 24.57
CA HIS E 81 -28.48 -0.26 25.20
C HIS E 81 -29.94 -0.55 25.53
N CYS E 82 -30.36 -0.14 26.72
CA CYS E 82 -31.75 -0.16 27.17
C CYS E 82 -32.47 -1.50 26.98
N HIS E 83 -31.78 -2.59 27.28
CA HIS E 83 -32.36 -3.91 27.26
C HIS E 83 -33.62 -3.97 28.12
N PRO E 84 -34.76 -4.27 27.49
CA PRO E 84 -36.07 -4.20 28.15
C PRO E 84 -36.23 -5.15 29.33
N ASN E 85 -35.51 -6.26 29.35
CA ASN E 85 -35.61 -7.20 30.46
C ASN E 85 -34.92 -6.62 31.71
N ILE E 86 -33.82 -5.88 31.52
CA ILE E 86 -33.14 -5.26 32.66
C ILE E 86 -34.00 -4.13 33.20
N LEU E 87 -34.65 -3.39 32.32
CA LEU E 87 -35.58 -2.34 32.75
C LEU E 87 -36.70 -2.92 33.60
N ASN E 88 -37.30 -4.01 33.14
CA ASN E 88 -38.38 -4.69 33.88
C ASN E 88 -37.99 -5.13 35.29
N ALA E 89 -36.85 -5.81 35.41
CA ALA E 89 -36.26 -6.11 36.75
C ALA E 89 -36.00 -4.85 37.60
N MET E 90 -35.56 -3.78 36.96
CA MET E 90 -35.39 -2.49 37.62
C MET E 90 -36.71 -1.93 38.16
N ILE E 91 -37.72 -1.91 37.31
CA ILE E 91 -39.05 -1.42 37.69
C ILE E 91 -39.65 -2.25 38.81
N ASN E 92 -39.60 -3.57 38.68
CA ASN E 92 -40.24 -4.46 39.67
C ASN E 92 -39.64 -4.34 41.07
N GLN E 93 -38.31 -4.16 41.13
CA GLN E 93 -37.65 -3.89 42.41
C GLN E 93 -37.91 -2.46 42.89
N ALA E 94 -37.74 -1.46 42.02
CA ALA E 94 -37.89 -0.06 42.45
C ALA E 94 -39.24 0.32 43.04
N LYS E 95 -40.31 -0.34 42.60
CA LYS E 95 -41.67 -0.09 43.14
C LYS E 95 -41.81 -0.58 44.57
N ASN E 96 -40.94 -1.50 44.97
CA ASN E 96 -40.97 -2.12 46.30
C ASN E 96 -39.96 -1.58 47.30
N LEU E 97 -38.70 -1.43 46.87
CA LEU E 97 -37.58 -1.04 47.74
C LEU E 97 -36.36 -0.68 46.92
N THR E 98 -35.78 0.51 47.14
CA THR E 98 -34.57 0.89 46.40
C THR E 98 -33.29 0.96 47.28
N ILE E 99 -33.46 1.36 48.54
CA ILE E 99 -32.34 1.51 49.48
C ILE E 99 -32.84 1.52 50.90
N CYS E 100 -32.11 0.83 51.78
CA CYS E 100 -32.40 0.96 53.20
C CYS E 100 -31.15 1.21 54.03
N SER E 101 -30.00 1.23 53.34
CA SER E 101 -28.63 1.26 53.88
C SER E 101 -28.24 -0.07 54.53
N ARG E 102 -26.95 -0.25 54.80
CA ARG E 102 -26.45 -1.50 55.34
C ARG E 102 -26.52 -1.52 56.89
N ALA E 103 -27.28 -0.59 57.46
CA ALA E 103 -27.72 -0.66 58.86
C ALA E 103 -28.66 -1.83 59.06
N PHE E 104 -29.32 -2.22 57.97
CA PHE E 104 -30.34 -3.26 57.90
C PHE E 104 -30.06 -4.27 56.75
N PHE E 105 -30.83 -5.36 56.70
CA PHE E 105 -30.75 -6.31 55.58
C PHE E 105 -31.89 -6.10 54.57
N SER E 106 -31.63 -6.48 53.34
CA SER E 106 -32.70 -6.51 52.35
C SER E 106 -32.71 -7.88 51.70
N VAL E 107 -33.90 -8.32 51.29
CA VAL E 107 -34.03 -9.60 50.59
C VAL E 107 -33.13 -9.76 49.36
N PRO E 108 -33.13 -8.78 48.44
CA PRO E 108 -32.38 -9.01 47.19
C PRO E 108 -30.85 -9.21 47.24
N LEU E 109 -30.15 -8.62 48.22
CA LEU E 109 -28.69 -8.71 48.21
C LEU E 109 -28.21 -10.16 48.24
N GLY E 110 -28.72 -10.94 49.18
CA GLY E 110 -28.29 -12.33 49.37
C GLY E 110 -28.57 -13.20 48.18
N ILE E 111 -29.70 -12.94 47.52
CA ILE E 111 -30.06 -13.60 46.26
C ILE E 111 -29.02 -13.30 45.18
N CYS E 112 -28.61 -12.04 45.07
CA CYS E 112 -27.56 -11.65 44.13
C CYS E 112 -26.22 -12.28 44.49
N GLU E 113 -25.84 -12.23 45.78
CA GLU E 113 -24.59 -12.87 46.25
C GLU E 113 -24.55 -14.40 45.94
N ARG E 114 -25.58 -15.12 46.34
CA ARG E 114 -25.71 -16.56 46.02
C ARG E 114 -25.62 -16.80 44.50
N TYR E 115 -26.33 -15.99 43.72
CA TYR E 115 -26.31 -16.05 42.25
C TYR E 115 -24.92 -15.86 41.64
N LEU E 116 -24.24 -14.77 42.03
CA LEU E 116 -22.92 -14.45 41.49
C LEU E 116 -21.84 -15.45 41.86
N THR E 117 -21.77 -15.81 43.13
CA THR E 117 -20.74 -16.69 43.66
C THR E 117 -20.83 -18.06 42.99
N ASN E 118 -22.05 -18.55 42.85
CA ASN E 118 -22.30 -19.83 42.24
C ASN E 118 -22.00 -19.77 40.73
N LEU E 119 -22.40 -18.68 40.07
CA LEU E 119 -22.09 -18.51 38.64
C LEU E 119 -20.59 -18.45 38.37
N LEU E 120 -19.83 -17.82 39.25
CA LEU E 120 -18.40 -17.65 38.98
C LEU E 120 -17.48 -18.63 39.69
N GLY E 121 -18.04 -19.43 40.61
CA GLY E 121 -17.24 -20.43 41.32
C GLY E 121 -16.28 -19.88 42.36
N TYR E 122 -16.79 -18.96 43.17
CA TYR E 122 -16.06 -18.45 44.34
C TYR E 122 -17.01 -18.52 45.51
N ASP E 123 -16.49 -18.61 46.73
CA ASP E 123 -17.33 -18.73 47.92
C ASP E 123 -18.15 -17.45 48.21
N LYS E 124 -17.52 -16.28 48.06
CA LYS E 124 -18.14 -15.04 48.54
C LYS E 124 -17.95 -13.89 47.55
N VAL E 125 -18.85 -12.89 47.62
CA VAL E 125 -18.76 -11.69 46.83
C VAL E 125 -19.04 -10.47 47.72
N LEU E 126 -18.36 -9.37 47.41
CA LEU E 126 -18.52 -8.12 48.13
C LEU E 126 -19.01 -7.11 47.09
N MET E 127 -20.27 -6.67 47.20
CA MET E 127 -20.90 -5.80 46.22
C MET E 127 -20.56 -4.34 46.51
N MET E 128 -20.21 -3.60 45.46
CA MET E 128 -20.00 -2.14 45.52
C MET E 128 -20.69 -1.43 44.33
N ASN E 129 -20.32 -0.16 44.13
CA ASN E 129 -20.86 0.66 43.03
C ASN E 129 -19.93 0.85 41.81
N THR E 130 -18.67 1.27 42.05
CA THR E 130 -17.80 1.70 40.95
C THR E 130 -16.54 0.84 40.87
N GLY E 131 -15.84 0.91 39.75
CA GLY E 131 -14.56 0.20 39.53
C GLY E 131 -13.48 0.60 40.50
N ALA E 132 -13.36 1.92 40.74
CA ALA E 132 -12.45 2.43 41.77
C ALA E 132 -12.70 1.84 43.17
N GLU E 133 -13.97 1.71 43.57
CA GLU E 133 -14.30 1.10 44.86
C GLU E 133 -13.87 -0.36 44.92
N ALA E 134 -13.99 -1.06 43.80
CA ALA E 134 -13.64 -2.47 43.76
C ALA E 134 -12.13 -2.62 43.95
N ASN E 135 -11.38 -1.72 43.31
CA ASN E 135 -9.92 -1.66 43.41
C ASN E 135 -9.45 -1.39 44.84
N GLU E 136 -9.99 -0.33 45.45
CA GLU E 136 -9.63 0.01 46.84
C GLU E 136 -10.01 -1.10 47.81
N THR E 137 -11.16 -1.73 47.58
CA THR E 137 -11.56 -2.86 48.40
C THR E 137 -10.62 -4.07 48.27
N ALA E 138 -10.28 -4.41 47.04
CA ALA E 138 -9.22 -5.39 46.76
C ALA E 138 -7.88 -5.06 47.47
N TYR E 139 -7.41 -3.81 47.40
CA TYR E 139 -6.14 -3.43 48.05
C TYR E 139 -6.20 -3.72 49.52
N LYS E 140 -7.26 -3.27 50.18
CA LYS E 140 -7.45 -3.47 51.61
C LYS E 140 -7.54 -4.96 51.98
N LEU E 141 -8.25 -5.72 51.15
CA LEU E 141 -8.37 -7.17 51.31
C LEU E 141 -7.00 -7.84 51.28
N CYS E 142 -6.27 -7.63 50.17
CA CYS E 142 -4.92 -8.20 49.96
C CYS E 142 -3.93 -7.89 51.07
N ARG E 143 -3.93 -6.65 51.54
CA ARG E 143 -3.07 -6.21 52.61
C ARG E 143 -3.40 -6.90 53.92
N LYS E 144 -4.70 -6.97 54.24
CA LYS E 144 -5.14 -7.64 55.45
C LYS E 144 -4.79 -9.12 55.42
N TRP E 145 -4.92 -9.76 54.26
CA TRP E 145 -4.56 -11.15 54.06
C TRP E 145 -3.05 -11.31 54.27
N GLY E 146 -2.30 -10.36 53.72
CA GLY E 146 -0.85 -10.26 53.91
C GLY E 146 -0.38 -10.21 55.35
N TYR E 147 -1.00 -9.39 56.18
CA TYR E 147 -0.63 -9.35 57.60
C TYR E 147 -1.20 -10.53 58.42
N GLU E 148 -2.46 -10.89 58.17
CA GLU E 148 -3.13 -11.86 59.02
C GLU E 148 -2.76 -13.31 58.68
N VAL E 149 -2.53 -13.57 57.39
CA VAL E 149 -2.23 -14.93 56.91
C VAL E 149 -0.77 -15.16 56.49
N LYS E 150 -0.22 -14.29 55.63
CA LYS E 150 1.17 -14.43 55.21
C LYS E 150 2.15 -13.96 56.29
N LYS E 151 1.62 -13.27 57.29
CA LYS E 151 2.39 -12.75 58.41
C LYS E 151 3.51 -11.83 57.92
N ILE E 152 3.17 -10.92 57.01
CA ILE E 152 4.06 -9.85 56.60
C ILE E 152 4.20 -8.93 57.80
N PRO E 153 5.42 -8.43 58.08
CA PRO E 153 5.65 -7.45 59.16
C PRO E 153 4.84 -6.18 58.95
N GLU E 154 4.21 -5.70 60.02
CA GLU E 154 3.28 -4.56 59.91
C GLU E 154 3.85 -3.41 59.09
N ASN E 155 3.01 -2.84 58.22
CA ASN E 155 3.34 -1.73 57.32
C ASN E 155 4.15 -2.07 56.06
N MET E 156 4.58 -3.32 55.93
CA MET E 156 5.39 -3.74 54.78
C MET E 156 4.60 -4.30 53.59
N ALA E 157 3.30 -4.58 53.79
CA ALA E 157 2.51 -5.22 52.73
C ALA E 157 2.53 -4.44 51.42
N LYS E 158 3.02 -5.07 50.36
CA LYS E 158 3.23 -4.41 49.10
C LYS E 158 2.34 -5.05 48.05
N ILE E 159 1.69 -4.22 47.24
CA ILE E 159 0.92 -4.70 46.10
C ILE E 159 1.63 -4.38 44.79
N VAL E 160 1.77 -5.40 43.96
CA VAL E 160 2.40 -5.23 42.66
C VAL E 160 1.34 -5.07 41.57
N VAL E 161 1.61 -4.12 40.68
CA VAL E 161 0.69 -3.75 39.63
C VAL E 161 1.52 -3.52 38.34
N CYS E 162 0.86 -3.44 37.19
CA CYS E 162 1.53 -3.25 35.90
C CYS E 162 1.52 -1.81 35.41
N PHE E 193 3.10 0.02 47.10
CA PHE E 193 2.81 -0.22 45.68
C PHE E 193 4.06 -0.26 44.81
N SER E 194 4.17 -1.30 43.99
CA SER E 194 5.30 -1.46 43.10
C SER E 194 4.82 -1.75 41.68
N LYS E 195 5.51 -1.19 40.69
CA LYS E 195 5.12 -1.40 39.29
C LYS E 195 6.08 -2.32 38.57
N VAL E 196 5.55 -3.03 37.57
CA VAL E 196 6.31 -4.02 36.81
C VAL E 196 5.80 -4.00 35.38
N PRO E 197 6.71 -4.08 34.38
CA PRO E 197 6.28 -4.22 32.99
C PRO E 197 5.23 -5.31 32.78
N TYR E 198 4.26 -5.04 31.90
CA TYR E 198 3.23 -6.01 31.51
C TYR E 198 3.83 -7.11 30.65
N ASP E 199 3.21 -8.28 30.65
CA ASP E 199 3.60 -9.39 29.78
C ASP E 199 5.09 -9.73 29.93
N ASP E 200 5.55 -9.67 31.17
CA ASP E 200 6.97 -9.80 31.50
C ASP E 200 7.12 -10.73 32.71
N LEU E 201 7.22 -12.02 32.44
CA LEU E 201 7.32 -13.04 33.49
C LEU E 201 8.61 -12.98 34.30
N GLU E 202 9.68 -12.50 33.67
CA GLU E 202 11.00 -12.37 34.32
C GLU E 202 10.97 -11.33 35.45
N ALA E 203 10.54 -10.12 35.10
CA ALA E 203 10.43 -9.01 36.04
C ALA E 203 9.45 -9.32 37.17
N LEU E 204 8.35 -9.99 36.83
CA LEU E 204 7.30 -10.35 37.79
C LEU E 204 7.86 -11.27 38.87
N GLU E 205 8.60 -12.29 38.45
CA GLU E 205 9.24 -13.24 39.36
C GLU E 205 10.27 -12.58 40.29
N GLU E 206 10.89 -11.49 39.86
CA GLU E 206 11.89 -10.81 40.71
C GLU E 206 11.27 -10.04 41.86
N GLU E 207 10.17 -9.33 41.58
CA GLU E 207 9.43 -8.55 42.59
C GLU E 207 8.72 -9.45 43.59
N LEU E 208 8.08 -10.51 43.09
CA LEU E 208 7.29 -11.40 43.94
C LEU E 208 8.15 -12.21 44.93
N LYS E 209 9.45 -12.31 44.64
CA LYS E 209 10.43 -12.90 45.55
C LYS E 209 10.51 -12.15 46.87
N ASP E 210 10.25 -10.84 46.85
CA ASP E 210 10.19 -10.03 48.07
C ASP E 210 9.09 -10.53 48.99
N PRO E 211 9.47 -11.16 50.13
CA PRO E 211 8.53 -11.71 51.12
C PRO E 211 7.39 -10.77 51.55
N ASN E 212 7.57 -9.46 51.34
CA ASN E 212 6.55 -8.50 51.75
C ASN E 212 5.44 -8.23 50.72
N VAL E 213 5.52 -8.87 49.56
CA VAL E 213 4.46 -8.78 48.55
C VAL E 213 3.27 -9.65 48.96
N CYS E 214 2.08 -9.07 48.94
CA CYS E 214 0.86 -9.82 49.29
C CYS E 214 0.04 -10.15 48.07
N ALA E 215 0.16 -9.33 47.03
CA ALA E 215 -0.70 -9.48 45.85
C ALA E 215 -0.09 -8.90 44.59
N PHE E 216 -0.51 -9.48 43.48
CA PHE E 216 -0.24 -8.97 42.14
C PHE E 216 -1.60 -8.77 41.51
N ILE E 217 -1.88 -7.55 41.07
CA ILE E 217 -3.13 -7.24 40.39
C ILE E 217 -2.88 -6.92 38.93
N VAL E 218 -3.59 -7.61 38.04
CA VAL E 218 -3.31 -7.54 36.62
C VAL E 218 -4.60 -7.66 35.83
N GLU E 219 -4.69 -6.88 34.76
CA GLU E 219 -5.78 -6.98 33.80
C GLU E 219 -5.42 -8.04 32.76
N PRO E 220 -6.30 -9.03 32.54
CA PRO E 220 -6.08 -10.05 31.51
C PRO E 220 -5.75 -9.46 30.14
N ILE E 221 -6.31 -8.29 29.84
CA ILE E 221 -5.94 -7.50 28.65
C ILE E 221 -5.94 -6.03 29.09
N GLN E 222 -4.79 -5.38 28.93
CA GLN E 222 -4.66 -3.98 29.33
C GLN E 222 -5.48 -3.08 28.42
N GLY E 223 -6.47 -2.40 29.00
CA GLY E 223 -7.45 -1.62 28.25
C GLY E 223 -7.01 -0.20 27.91
N GLU E 224 -6.88 0.64 28.93
CA GLU E 224 -6.60 2.05 28.69
C GLU E 224 -5.13 2.33 28.38
N ALA E 225 -4.37 1.25 28.24
CA ALA E 225 -3.04 1.32 27.64
C ALA E 225 -3.15 1.15 26.12
N GLY E 226 -4.34 0.79 25.65
CA GLY E 226 -4.60 0.58 24.21
C GLY E 226 -4.71 -0.90 23.88
N VAL E 227 -5.61 -1.60 24.57
CA VAL E 227 -5.93 -3.02 24.32
C VAL E 227 -4.69 -3.90 24.07
N ILE E 228 -3.86 -4.04 25.10
CA ILE E 228 -2.67 -4.87 25.03
C ILE E 228 -3.01 -6.30 25.41
N VAL E 229 -3.06 -7.16 24.40
CA VAL E 229 -3.24 -8.58 24.62
C VAL E 229 -1.86 -9.16 24.95
N PRO E 230 -1.75 -9.86 26.09
CA PRO E 230 -0.49 -10.50 26.47
C PRO E 230 -0.31 -11.82 25.75
N SER E 231 0.91 -12.36 25.84
CA SER E 231 1.23 -13.64 25.21
C SER E 231 0.38 -14.75 25.82
N ASP E 232 0.14 -15.81 25.04
CA ASP E 232 -0.37 -17.05 25.60
C ASP E 232 0.66 -17.51 26.62
N ASN E 233 0.22 -18.21 27.65
CA ASN E 233 1.12 -18.64 28.75
C ASN E 233 1.62 -17.52 29.68
N TYR E 234 1.31 -16.26 29.36
CA TYR E 234 1.57 -15.18 30.33
C TYR E 234 0.79 -15.41 31.62
N LEU E 235 -0.52 -15.63 31.48
CA LEU E 235 -1.42 -15.74 32.64
C LEU E 235 -1.29 -17.05 33.41
N GLN E 236 -1.00 -18.13 32.69
CA GLN E 236 -0.62 -19.40 33.30
C GLN E 236 0.69 -19.19 34.05
N GLY E 237 1.55 -18.35 33.46
CA GLY E 237 2.81 -17.94 34.06
C GLY E 237 2.64 -17.15 35.34
N VAL E 238 1.72 -16.18 35.36
CA VAL E 238 1.47 -15.43 36.61
C VAL E 238 0.87 -16.30 37.74
N TYR E 239 -0.01 -17.23 37.38
CA TYR E 239 -0.57 -18.18 38.32
C TYR E 239 0.52 -18.97 39.06
N ASP E 240 1.40 -19.60 38.27
CA ASP E 240 2.53 -20.39 38.80
C ASP E 240 3.39 -19.59 39.75
N ILE E 241 3.86 -18.42 39.29
CA ILE E 241 4.71 -17.54 40.09
C ILE E 241 4.01 -17.12 41.38
N CYS E 242 2.72 -16.76 41.27
CA CYS E 242 1.93 -16.33 42.42
C CYS E 242 1.74 -17.45 43.44
N LYS E 243 1.47 -18.66 42.94
CA LYS E 243 1.40 -19.88 43.75
C LYS E 243 2.75 -20.19 44.40
N LYS E 244 3.83 -20.09 43.63
CA LYS E 244 5.20 -20.30 44.14
C LYS E 244 5.55 -19.44 45.36
N TYR E 245 5.40 -18.12 45.24
CA TYR E 245 5.84 -17.20 46.29
C TYR E 245 4.74 -16.80 47.27
N ASN E 246 3.63 -17.53 47.25
CA ASN E 246 2.50 -17.33 48.16
C ASN E 246 1.94 -15.90 48.06
N VAL E 247 1.61 -15.49 46.83
CA VAL E 247 1.15 -14.14 46.53
C VAL E 247 -0.25 -14.21 45.91
N LEU E 248 -1.19 -13.44 46.44
CA LEU E 248 -2.56 -13.42 45.92
C LEU E 248 -2.54 -12.96 44.50
N PHE E 249 -3.10 -13.77 43.61
CA PHE E 249 -3.27 -13.44 42.22
C PHE E 249 -4.66 -12.82 42.04
N VAL E 250 -4.66 -11.50 41.81
CA VAL E 250 -5.90 -10.74 41.60
C VAL E 250 -6.07 -10.39 40.13
N ALA E 251 -7.16 -10.87 39.53
CA ALA E 251 -7.48 -10.53 38.13
C ALA E 251 -8.52 -9.39 38.03
N ASP E 252 -8.12 -8.27 37.40
CA ASP E 252 -9.05 -7.17 37.15
C ASP E 252 -9.88 -7.45 35.91
N GLU E 253 -11.11 -7.91 36.11
CA GLU E 253 -12.01 -8.24 34.97
C GLU E 253 -13.14 -7.21 34.82
N VAL E 254 -12.93 -6.00 35.32
CA VAL E 254 -13.95 -4.94 35.21
C VAL E 254 -14.28 -4.64 33.75
N GLN E 255 -13.26 -4.63 32.89
CA GLN E 255 -13.47 -4.36 31.44
C GLN E 255 -13.59 -5.64 30.61
N THR E 256 -12.79 -6.64 30.96
CA THR E 256 -12.60 -7.83 30.12
C THR E 256 -13.62 -8.94 30.35
N GLY E 257 -14.27 -8.94 31.52
CA GLY E 257 -15.22 -9.99 31.88
C GLY E 257 -16.58 -9.87 31.21
N LEU E 258 -17.48 -10.76 31.60
CA LEU E 258 -18.89 -10.74 31.22
C LEU E 258 -19.09 -10.72 29.68
N GLY E 259 -18.32 -11.56 28.97
CA GLY E 259 -18.52 -11.77 27.53
C GLY E 259 -17.75 -10.91 26.54
N ARG E 260 -17.25 -9.75 26.99
CA ARG E 260 -16.49 -8.84 26.12
C ARG E 260 -15.42 -9.56 25.26
N THR E 261 -14.76 -10.56 25.86
CA THR E 261 -13.77 -11.36 25.10
C THR E 261 -14.27 -12.75 24.73
N GLY E 262 -15.56 -13.01 24.92
CA GLY E 262 -16.14 -14.30 24.55
C GLY E 262 -16.39 -15.26 25.68
N LYS E 263 -15.91 -14.91 26.89
CA LYS E 263 -16.02 -15.75 28.08
C LYS E 263 -16.57 -14.93 29.26
N LEU E 264 -17.11 -15.60 30.29
CA LEU E 264 -17.59 -14.92 31.50
C LEU E 264 -16.46 -14.17 32.17
N LEU E 265 -15.27 -14.76 32.12
CA LEU E 265 -14.04 -14.11 32.54
C LEU E 265 -13.01 -14.41 31.49
N CYS E 266 -12.30 -13.37 31.05
CA CYS E 266 -11.24 -13.50 30.05
C CYS E 266 -10.27 -14.61 30.43
N VAL E 267 -10.04 -14.71 31.74
CA VAL E 267 -9.13 -15.65 32.37
C VAL E 267 -9.52 -17.13 32.13
N HIS E 268 -10.81 -17.37 31.82
CA HIS E 268 -11.27 -18.70 31.41
C HIS E 268 -10.67 -19.14 30.07
N HIS E 269 -10.11 -18.20 29.31
CA HIS E 269 -9.40 -18.51 28.04
C HIS E 269 -8.11 -19.30 28.27
N TYR E 270 -7.54 -19.18 29.48
CA TYR E 270 -6.23 -19.76 29.78
C TYR E 270 -6.31 -20.77 30.92
N ASN E 271 -7.52 -21.24 31.19
CA ASN E 271 -7.82 -22.09 32.34
C ASN E 271 -6.96 -21.80 33.58
N VAL E 272 -7.01 -20.56 34.03
CA VAL E 272 -6.38 -20.20 35.29
C VAL E 272 -7.42 -19.69 36.27
N LYS E 273 -7.19 -19.94 37.54
CA LYS E 273 -8.13 -19.55 38.58
C LYS E 273 -7.43 -18.57 39.51
N PRO E 274 -7.65 -17.25 39.28
CA PRO E 274 -7.17 -16.24 40.18
C PRO E 274 -7.74 -16.42 41.58
N ASP E 275 -7.04 -15.89 42.58
CA ASP E 275 -7.52 -15.93 43.94
C ASP E 275 -8.65 -14.93 44.18
N VAL E 276 -8.60 -13.80 43.46
CA VAL E 276 -9.55 -12.71 43.62
C VAL E 276 -9.95 -12.21 42.23
N ILE E 277 -11.25 -11.93 42.05
CA ILE E 277 -11.78 -11.35 40.81
C ILE E 277 -12.48 -10.01 41.07
N LEU E 278 -12.22 -9.04 40.21
CA LEU E 278 -12.87 -7.73 40.29
C LEU E 278 -13.77 -7.63 39.09
N LEU E 279 -15.06 -7.37 39.33
CA LEU E 279 -16.04 -7.23 38.28
C LEU E 279 -16.71 -5.86 38.36
N GLY E 280 -17.30 -5.41 37.26
CA GLY E 280 -17.97 -4.13 37.20
C GLY E 280 -18.66 -3.95 35.86
N LYS E 281 -18.86 -2.70 35.47
CA LYS E 281 -19.48 -2.33 34.21
C LYS E 281 -20.74 -3.14 33.90
N ALA E 282 -20.59 -4.19 33.08
CA ALA E 282 -21.74 -4.93 32.54
C ALA E 282 -22.57 -5.70 33.58
N LEU E 283 -22.04 -5.83 34.80
CA LEU E 283 -22.84 -6.28 35.95
C LEU E 283 -24.24 -5.64 35.99
N SER E 284 -24.40 -4.46 35.41
CA SER E 284 -25.67 -3.73 35.49
C SER E 284 -26.39 -3.56 34.18
N GLY E 285 -25.74 -3.90 33.07
CA GLY E 285 -26.24 -3.51 31.75
C GLY E 285 -26.40 -2.01 31.54
N GLY E 286 -25.64 -1.22 32.30
CA GLY E 286 -25.69 0.24 32.15
C GLY E 286 -26.81 0.95 32.91
N HIS E 287 -27.62 0.18 33.64
CA HIS E 287 -28.75 0.73 34.40
C HIS E 287 -28.41 1.24 35.81
N TYR E 288 -27.19 0.98 36.28
CA TYR E 288 -26.81 1.29 37.66
C TYR E 288 -25.30 1.09 37.83
N PRO E 289 -24.59 1.95 38.61
CA PRO E 289 -23.19 1.54 38.82
C PRO E 289 -23.13 0.41 39.83
N ILE E 290 -22.60 -0.73 39.40
CA ILE E 290 -22.54 -1.93 40.24
C ILE E 290 -21.16 -2.52 40.00
N SER E 291 -20.45 -2.88 41.08
CA SER E 291 -19.17 -3.56 40.98
C SER E 291 -19.08 -4.64 42.06
N ALA E 292 -18.07 -5.51 41.97
CA ALA E 292 -17.98 -6.66 42.86
C ALA E 292 -16.56 -7.22 43.02
N VAL E 293 -16.24 -7.68 44.22
CA VAL E 293 -15.01 -8.42 44.51
C VAL E 293 -15.44 -9.83 44.90
N LEU E 294 -14.92 -10.85 44.21
CA LEU E 294 -15.15 -12.27 44.54
C LEU E 294 -13.86 -12.95 45.01
N ALA E 295 -14.00 -13.82 46.01
CA ALA E 295 -12.90 -14.62 46.54
C ALA E 295 -13.46 -15.77 47.38
N ASN E 296 -12.62 -16.77 47.62
CA ASN E 296 -12.99 -17.87 48.49
C ASN E 296 -12.89 -17.50 49.97
N ASP E 297 -13.61 -18.26 50.79
CA ASP E 297 -13.66 -18.08 52.23
C ASP E 297 -12.30 -17.84 52.89
N ASP E 298 -11.29 -18.59 52.47
CA ASP E 298 -9.95 -18.47 53.04
C ASP E 298 -9.31 -17.08 52.86
N ILE E 299 -9.75 -16.37 51.83
CA ILE E 299 -9.30 -14.99 51.60
C ILE E 299 -10.35 -13.98 52.11
N MET E 300 -11.62 -14.17 51.78
CA MET E 300 -12.66 -13.18 52.11
C MET E 300 -12.88 -12.97 53.61
N LEU E 301 -12.75 -14.04 54.38
CA LEU E 301 -13.06 -14.00 55.80
C LEU E 301 -12.04 -13.23 56.65
N VAL E 302 -10.97 -12.77 56.01
CA VAL E 302 -10.07 -11.76 56.56
C VAL E 302 -10.84 -10.39 56.82
N ILE E 303 -11.84 -10.09 56.00
CA ILE E 303 -12.64 -8.87 56.20
C ILE E 303 -13.62 -9.02 57.36
N LYS E 304 -13.57 -8.04 58.26
CA LYS E 304 -14.43 -7.97 59.43
C LYS E 304 -15.37 -6.74 59.38
N PRO E 305 -16.53 -6.85 60.06
CA PRO E 305 -17.53 -5.80 60.05
C PRO E 305 -17.08 -4.45 60.60
N GLY E 306 -17.87 -3.42 60.33
CA GLY E 306 -17.86 -2.22 61.14
C GLY E 306 -16.99 -1.06 60.67
N GLU E 307 -17.24 0.10 61.28
CA GLU E 307 -16.56 1.35 60.97
C GLU E 307 -16.48 1.64 59.48
N HIS E 308 -17.60 2.09 58.90
CA HIS E 308 -17.58 2.73 57.59
C HIS E 308 -18.81 3.60 57.37
N GLY E 309 -18.66 4.59 56.47
CA GLY E 309 -19.74 5.51 56.13
C GLY E 309 -20.86 4.88 55.34
N SER E 310 -22.04 5.47 55.46
CA SER E 310 -23.21 5.21 54.62
C SER E 310 -22.85 4.98 53.15
N THR E 311 -23.59 4.09 52.48
CA THR E 311 -23.23 3.62 51.15
C THR E 311 -24.43 3.04 50.35
N TYR E 312 -24.31 3.14 49.05
CA TYR E 312 -25.20 2.48 48.12
C TYR E 312 -24.69 1.06 47.79
N GLY E 313 -23.53 0.70 48.33
CA GLY E 313 -22.96 -0.66 48.16
C GLY E 313 -23.91 -1.76 48.60
N GLY E 314 -24.31 -2.63 47.68
CA GLY E 314 -25.17 -3.78 48.03
C GLY E 314 -26.64 -3.42 48.20
N ASN E 315 -27.07 -2.31 47.61
CA ASN E 315 -28.47 -1.88 47.81
C ASN E 315 -29.40 -2.83 47.07
N PRO E 316 -30.65 -3.00 47.54
CA PRO E 316 -31.59 -3.92 46.92
C PRO E 316 -31.83 -3.72 45.41
N LEU E 317 -31.90 -2.46 44.97
CA LEU E 317 -32.12 -2.13 43.57
C LEU E 317 -30.99 -2.67 42.71
N ALA E 318 -29.74 -2.31 43.02
CA ALA E 318 -28.59 -2.84 42.29
C ALA E 318 -28.55 -4.37 42.28
N ALA E 319 -28.86 -4.97 43.42
CA ALA E 319 -28.86 -6.40 43.59
C ALA E 319 -29.80 -7.11 42.59
N SER E 320 -30.99 -6.54 42.38
CA SER E 320 -31.99 -7.12 41.46
C SER E 320 -31.67 -6.85 39.99
N ILE E 321 -31.21 -5.64 39.70
CA ILE E 321 -30.75 -5.29 38.36
C ILE E 321 -29.61 -6.22 37.94
N CYS E 322 -28.67 -6.46 38.86
CA CYS E 322 -27.48 -7.28 38.61
C CYS E 322 -27.81 -8.72 38.20
N VAL E 323 -28.68 -9.37 38.98
CA VAL E 323 -29.12 -10.73 38.65
C VAL E 323 -29.76 -10.77 37.26
N GLU E 324 -30.59 -9.79 36.91
CA GLU E 324 -31.21 -9.81 35.58
C GLU E 324 -30.24 -9.51 34.45
N ALA E 325 -29.31 -8.59 34.68
CA ALA E 325 -28.28 -8.26 33.72
C ALA E 325 -27.42 -9.49 33.36
N LEU E 326 -27.12 -10.34 34.33
CA LEU E 326 -26.32 -11.54 34.04
C LEU E 326 -27.20 -12.62 33.37
N ASN E 327 -28.43 -12.76 33.84
CA ASN E 327 -29.42 -13.60 33.16
C ASN E 327 -29.49 -13.30 31.66
N VAL E 328 -29.58 -12.02 31.31
CA VAL E 328 -29.60 -11.63 29.90
C VAL E 328 -28.35 -12.11 29.14
N LEU E 329 -27.16 -11.77 29.66
CA LEU E 329 -25.88 -12.26 29.14
C LEU E 329 -25.84 -13.77 28.85
N ILE E 330 -26.27 -14.54 29.83
CA ILE E 330 -26.24 -15.99 29.75
C ILE E 330 -27.31 -16.49 28.77
N ASN E 331 -28.57 -16.11 29.01
CA ASN E 331 -29.70 -16.53 28.18
C ASN E 331 -29.60 -16.20 26.69
N GLU E 332 -29.07 -15.03 26.35
CA GLU E 332 -28.89 -14.64 24.95
C GLU E 332 -27.55 -15.12 24.41
N LYS E 333 -26.80 -15.89 25.20
CA LYS E 333 -25.59 -16.53 24.71
C LYS E 333 -24.59 -15.50 24.16
N LEU E 334 -24.50 -14.36 24.84
CA LEU E 334 -23.74 -13.22 24.31
C LEU E 334 -22.23 -13.44 24.31
N CYS E 335 -21.76 -14.17 25.32
CA CYS E 335 -20.37 -14.59 25.38
C CYS E 335 -20.02 -15.36 24.12
N GLU E 336 -20.95 -16.23 23.72
CA GLU E 336 -20.82 -17.09 22.55
C GLU E 336 -20.81 -16.23 21.29
N ASN E 337 -21.76 -15.29 21.19
CA ASN E 337 -21.80 -14.36 20.06
C ASN E 337 -20.49 -13.62 19.91
N ALA E 338 -20.02 -13.04 21.01
CA ALA E 338 -18.72 -12.37 21.04
C ALA E 338 -17.60 -13.29 20.55
N GLU E 339 -17.49 -14.46 21.16
CA GLU E 339 -16.48 -15.47 20.79
C GLU E 339 -16.54 -15.79 19.30
N LYS E 340 -17.73 -16.17 18.82
CA LYS E 340 -17.94 -16.52 17.41
C LYS E 340 -17.52 -15.41 16.42
N LEU E 341 -18.01 -14.19 16.63
CA LEU E 341 -17.88 -13.09 15.66
C LEU E 341 -16.62 -12.23 15.78
N GLY E 342 -15.93 -12.33 16.92
CA GLY E 342 -14.75 -11.49 17.19
C GLY E 342 -13.52 -11.77 16.34
N GLY E 343 -13.11 -13.04 16.30
CA GLY E 343 -12.01 -13.49 15.44
C GLY E 343 -12.11 -13.02 13.99
N PRO E 344 -13.15 -13.48 13.26
CA PRO E 344 -13.36 -13.04 11.87
C PRO E 344 -13.37 -11.52 11.68
N PHE E 345 -13.91 -10.80 12.66
CA PHE E 345 -13.97 -9.35 12.59
C PHE E 345 -12.57 -8.77 12.64
N LEU E 346 -11.76 -9.27 13.58
CA LEU E 346 -10.37 -8.85 13.73
C LEU E 346 -9.53 -9.18 12.48
N GLU E 347 -9.73 -10.39 11.93
CA GLU E 347 -8.98 -10.85 10.73
C GLU E 347 -9.21 -9.93 9.54
N ASN E 348 -10.46 -9.69 9.20
CA ASN E 348 -10.80 -8.74 8.12
C ASN E 348 -10.09 -7.42 8.26
N LEU E 349 -10.19 -6.81 9.44
CA LEU E 349 -9.52 -5.54 9.74
C LEU E 349 -8.01 -5.64 9.55
N LYS E 350 -7.41 -6.70 10.08
CA LYS E 350 -5.98 -6.94 9.86
C LYS E 350 -5.64 -6.94 8.37
N ARG E 351 -6.43 -7.65 7.57
CA ARG E 351 -6.13 -7.80 6.13
C ARG E 351 -6.52 -6.60 5.25
N GLU E 352 -7.67 -5.98 5.51
CA GLU E 352 -8.10 -4.81 4.72
C GLU E 352 -7.33 -3.53 5.06
N LEU E 353 -6.44 -3.62 6.04
CA LEU E 353 -5.62 -2.48 6.46
C LEU E 353 -4.13 -2.85 6.57
N LYS E 354 -3.71 -3.87 5.82
CA LYS E 354 -2.30 -4.24 5.74
C LYS E 354 -1.49 -3.15 5.06
N ASP E 355 -1.97 -2.70 3.89
CA ASP E 355 -1.30 -1.66 3.11
C ASP E 355 -1.87 -0.28 3.44
N SER E 356 -1.74 0.10 4.71
CA SER E 356 -2.08 1.45 5.17
C SER E 356 -0.86 2.06 5.84
N LYS E 357 -0.45 3.22 5.34
CA LYS E 357 0.75 3.88 5.82
C LYS E 357 0.56 4.44 7.23
N ILE E 358 -0.69 4.64 7.62
CA ILE E 358 -1.02 5.25 8.92
C ILE E 358 -1.39 4.26 10.04
N VAL E 359 -1.38 2.96 9.76
CA VAL E 359 -1.78 1.93 10.74
C VAL E 359 -0.59 1.13 11.27
N ARG E 360 -0.39 1.17 12.59
CA ARG E 360 0.75 0.50 13.24
C ARG E 360 0.39 -0.92 13.69
N ASP E 361 -0.83 -1.09 14.21
CA ASP E 361 -1.29 -2.39 14.70
C ASP E 361 -2.82 -2.46 14.80
N VAL E 362 -3.37 -3.61 14.41
CA VAL E 362 -4.78 -3.94 14.64
C VAL E 362 -4.82 -5.19 15.53
N ARG E 363 -5.29 -5.02 16.76
CA ARG E 363 -5.24 -6.08 17.78
C ARG E 363 -6.58 -6.24 18.50
N GLY E 364 -6.67 -7.26 19.35
CA GLY E 364 -7.89 -7.50 20.12
C GLY E 364 -8.09 -8.95 20.54
N LYS E 365 -9.27 -9.22 21.09
CA LYS E 365 -9.71 -10.57 21.46
C LYS E 365 -11.21 -10.51 21.72
N GLY E 366 -11.97 -11.39 21.06
CA GLY E 366 -13.42 -11.33 21.07
C GLY E 366 -13.87 -9.99 20.52
N LEU E 367 -14.76 -9.31 21.23
CA LEU E 367 -15.21 -7.99 20.79
C LEU E 367 -14.53 -6.87 21.55
N LEU E 368 -13.34 -7.16 22.06
CA LEU E 368 -12.47 -6.15 22.63
C LEU E 368 -11.33 -5.91 21.65
N CYS E 369 -11.52 -4.94 20.76
CA CYS E 369 -10.58 -4.67 19.68
C CYS E 369 -10.11 -3.23 19.64
N ALA E 370 -8.97 -3.00 18.98
CA ALA E 370 -8.39 -1.68 18.85
C ALA E 370 -7.61 -1.58 17.55
N ILE E 371 -7.47 -0.37 17.04
CA ILE E 371 -6.53 -0.07 15.96
C ILE E 371 -5.60 1.02 16.43
N GLU E 372 -4.31 0.74 16.42
CA GLU E 372 -3.29 1.75 16.73
C GLU E 372 -2.82 2.39 15.43
N PHE E 373 -2.75 3.72 15.45
CA PHE E 373 -2.27 4.50 14.32
C PHE E 373 -0.89 5.10 14.58
N LYS E 374 -0.19 5.41 13.48
CA LYS E 374 1.07 6.14 13.56
C LYS E 374 0.70 7.61 13.61
N ASN E 375 0.62 8.15 14.82
CA ASN E 375 0.09 9.50 15.04
C ASN E 375 1.05 10.63 14.63
N GLU E 376 2.26 10.28 14.24
CA GLU E 376 3.20 11.23 13.64
C GLU E 376 2.73 11.55 12.22
N LEU E 377 1.92 10.65 11.66
CA LEU E 377 1.40 10.81 10.30
C LEU E 377 -0.05 11.31 10.25
N VAL E 378 -0.84 11.00 11.29
CA VAL E 378 -2.26 11.43 11.34
C VAL E 378 -2.72 11.92 12.71
N ASN E 379 -3.67 12.85 12.68
CA ASN E 379 -4.43 13.23 13.87
C ASN E 379 -5.57 12.23 14.13
N VAL E 380 -5.37 11.38 15.13
CA VAL E 380 -6.31 10.31 15.48
C VAL E 380 -7.68 10.83 15.97
N LEU E 381 -7.70 11.96 16.68
CA LEU E 381 -8.98 12.60 17.02
C LEU E 381 -9.80 12.94 15.76
N ASP E 382 -9.13 13.39 14.71
CA ASP E 382 -9.80 13.63 13.41
C ASP E 382 -10.38 12.35 12.82
N ILE E 383 -9.74 11.21 13.07
CA ILE E 383 -10.26 9.89 12.63
C ILE E 383 -11.56 9.57 13.36
N CYS E 384 -11.58 9.83 14.67
CA CYS E 384 -12.81 9.64 15.46
C CYS E 384 -13.96 10.50 14.93
N LEU E 385 -13.68 11.76 14.62
CA LEU E 385 -14.70 12.68 14.12
C LEU E 385 -15.25 12.28 12.75
N LYS E 386 -14.38 11.79 11.86
CA LYS E 386 -14.79 11.25 10.56
C LYS E 386 -15.62 9.96 10.71
N LEU E 387 -15.13 9.00 11.51
CA LEU E 387 -15.93 7.85 11.97
C LEU E 387 -17.34 8.29 12.38
N LYS E 388 -17.43 9.32 13.23
CA LYS E 388 -18.70 9.90 13.68
C LYS E 388 -19.60 10.33 12.51
N GLU E 389 -19.06 11.18 11.63
CA GLU E 389 -19.77 11.62 10.41
C GLU E 389 -20.22 10.38 9.63
N ASN E 390 -19.38 9.35 9.62
CA ASN E 390 -19.68 8.10 8.91
C ASN E 390 -20.59 7.12 9.67
N GLY E 391 -21.11 7.53 10.83
CA GLY E 391 -22.12 6.75 11.56
C GLY E 391 -21.62 5.69 12.54
N LEU E 392 -20.43 5.89 13.09
CA LEU E 392 -19.90 5.02 14.14
C LEU E 392 -19.15 5.88 15.15
N ILE E 393 -19.52 5.74 16.43
CA ILE E 393 -18.88 6.54 17.50
C ILE E 393 -17.94 5.71 18.39
N THR E 394 -16.72 6.21 18.56
CA THR E 394 -15.76 5.75 19.56
C THR E 394 -14.94 6.90 20.08
N ARG E 395 -13.89 6.56 20.82
CA ARG E 395 -12.93 7.55 21.32
C ARG E 395 -11.52 6.98 21.19
N ASP E 396 -10.52 7.84 21.22
CA ASP E 396 -9.13 7.39 21.10
C ASP E 396 -8.40 7.36 22.44
N VAL E 397 -7.38 6.50 22.49
CA VAL E 397 -6.59 6.21 23.67
C VAL E 397 -5.16 6.66 23.38
N HIS E 398 -4.54 7.36 24.34
CA HIS E 398 -3.11 7.75 24.25
C HIS E 398 -2.74 8.59 23.02
N ASP E 399 -3.74 9.19 22.37
CA ASP E 399 -3.57 9.89 21.08
C ASP E 399 -3.24 8.95 19.90
N LYS E 400 -3.21 7.65 20.15
CA LYS E 400 -2.65 6.68 19.21
C LYS E 400 -3.67 5.65 18.73
N THR E 401 -4.54 5.23 19.63
CA THR E 401 -5.33 4.03 19.42
C THR E 401 -6.83 4.31 19.47
N ILE E 402 -7.58 3.67 18.59
CA ILE E 402 -9.04 3.80 18.58
C ILE E 402 -9.63 2.49 19.07
N ARG E 403 -10.45 2.59 20.12
CA ARG E 403 -11.17 1.44 20.70
C ARG E 403 -12.28 0.97 19.77
N LEU E 404 -12.39 -0.34 19.61
CA LEU E 404 -13.49 -0.91 18.83
C LEU E 404 -14.15 -1.97 19.69
N THR E 405 -15.22 -1.56 20.39
CA THR E 405 -15.85 -2.42 21.37
C THR E 405 -17.37 -2.16 21.31
N PRO E 406 -18.05 -2.80 20.36
CA PRO E 406 -19.51 -2.65 20.17
C PRO E 406 -20.23 -3.54 21.19
N PRO E 407 -21.53 -3.28 21.43
CA PRO E 407 -22.29 -4.19 22.28
C PRO E 407 -22.24 -5.62 21.73
N LEU E 408 -22.42 -6.59 22.62
CA LEU E 408 -22.20 -8.00 22.29
C LEU E 408 -23.35 -8.63 21.51
N CYS E 409 -24.50 -7.94 21.48
CA CYS E 409 -25.64 -8.40 20.69
C CYS E 409 -25.56 -8.00 19.20
N ILE E 410 -24.38 -7.56 18.77
CA ILE E 410 -24.19 -7.14 17.38
C ILE E 410 -24.21 -8.36 16.44
N THR E 411 -24.72 -8.14 15.22
CA THR E 411 -24.84 -9.16 14.17
C THR E 411 -23.57 -9.20 13.29
N LYS E 412 -23.36 -10.31 12.57
CA LYS E 412 -22.30 -10.38 11.57
C LYS E 412 -22.49 -9.32 10.50
N GLU E 413 -23.75 -9.17 10.05
CA GLU E 413 -24.12 -8.20 9.03
C GLU E 413 -23.80 -6.77 9.46
N GLN E 414 -24.17 -6.44 10.70
CA GLN E 414 -23.85 -5.13 11.29
C GLN E 414 -22.34 -4.95 11.42
N LEU E 415 -21.66 -6.02 11.85
CA LEU E 415 -20.22 -6.02 12.03
C LEU E 415 -19.48 -5.74 10.71
N ASP E 416 -20.04 -6.24 9.61
CA ASP E 416 -19.48 -5.99 8.28
C ASP E 416 -19.78 -4.60 7.76
N GLU E 417 -20.98 -4.08 8.05
CA GLU E 417 -21.29 -2.68 7.75
C GLU E 417 -20.32 -1.73 8.45
N CYS E 418 -19.93 -2.09 9.68
CA CYS E 418 -19.03 -1.27 10.51
C CYS E 418 -17.58 -1.37 10.05
N THR E 419 -17.16 -2.56 9.63
CA THR E 419 -15.81 -2.75 9.07
C THR E 419 -15.60 -1.88 7.82
N GLU E 420 -16.61 -1.84 6.96
CA GLU E 420 -16.62 -0.94 5.80
C GLU E 420 -16.53 0.53 6.22
N ILE E 421 -17.37 0.92 7.19
CA ILE E 421 -17.33 2.28 7.74
C ILE E 421 -15.93 2.59 8.26
N ILE E 422 -15.29 1.60 8.89
CA ILE E 422 -13.94 1.77 9.43
C ILE E 422 -12.89 1.86 8.31
N VAL E 423 -13.00 0.97 7.32
CA VAL E 423 -12.02 0.87 6.23
C VAL E 423 -12.03 2.12 5.34
N LYS E 424 -13.23 2.56 4.95
CA LYS E 424 -13.40 3.81 4.22
C LYS E 424 -12.81 5.02 4.95
N THR E 425 -13.04 5.09 6.27
CA THR E 425 -12.61 6.24 7.06
C THR E 425 -11.08 6.34 7.13
N VAL E 426 -10.41 5.18 7.30
CA VAL E 426 -8.96 5.13 7.39
C VAL E 426 -8.32 5.46 6.04
N LYS E 427 -8.99 5.11 4.95
CA LYS E 427 -8.53 5.43 3.60
C LYS E 427 -8.61 6.93 3.30
N PHE E 428 -9.56 7.62 3.94
CA PHE E 428 -9.72 9.06 3.79
C PHE E 428 -8.48 9.83 4.27
N PHE E 429 -7.74 9.23 5.20
CA PHE E 429 -6.56 9.85 5.78
C PHE E 429 -5.27 9.21 5.24
N ASP E 430 -5.42 8.21 4.38
CA ASP E 430 -4.29 7.55 3.71
C ASP E 430 -3.72 8.43 2.59
N LYS F 27 -39.15 -17.29 52.98
CA LYS F 27 -38.19 -17.77 54.00
C LYS F 27 -38.23 -16.89 55.24
N THR F 28 -37.53 -17.32 56.27
CA THR F 28 -37.50 -16.66 57.56
C THR F 28 -36.43 -15.56 57.57
N PRO F 29 -36.50 -14.59 58.51
CA PRO F 29 -35.40 -13.63 58.63
C PRO F 29 -34.03 -14.29 58.83
N GLU F 30 -33.95 -15.32 59.68
CA GLU F 30 -32.72 -16.10 59.87
C GLU F 30 -32.20 -16.74 58.57
N ASP F 31 -33.09 -17.27 57.74
CA ASP F 31 -32.72 -17.83 56.43
C ASP F 31 -31.93 -16.82 55.61
N TYR F 32 -32.50 -15.63 55.43
CA TYR F 32 -31.86 -14.57 54.66
C TYR F 32 -30.50 -14.15 55.26
N ILE F 33 -30.46 -13.95 56.56
CA ILE F 33 -29.24 -13.53 57.23
C ILE F 33 -28.16 -14.59 57.09
N ASN F 34 -28.50 -15.86 57.36
CA ASN F 34 -27.57 -16.97 57.20
C ASN F 34 -27.06 -17.09 55.78
N ASN F 35 -27.95 -16.93 54.81
CA ASN F 35 -27.60 -16.92 53.40
C ASN F 35 -26.57 -15.83 53.02
N GLU F 36 -26.72 -14.62 53.56
CA GLU F 36 -25.71 -13.57 53.31
C GLU F 36 -24.40 -13.93 53.99
N LEU F 37 -24.46 -14.47 55.20
CA LEU F 37 -23.25 -14.84 55.91
C LEU F 37 -22.48 -15.89 55.12
N LYS F 38 -23.21 -16.66 54.33
CA LYS F 38 -22.67 -17.73 53.50
C LYS F 38 -22.03 -17.20 52.22
N TYR F 39 -22.77 -16.40 51.47
CA TYR F 39 -22.33 -16.00 50.14
C TYR F 39 -21.78 -14.57 50.06
N GLY F 40 -21.87 -13.81 51.15
CA GLY F 40 -21.37 -12.46 51.15
C GLY F 40 -20.27 -12.20 52.16
N ALA F 41 -19.38 -11.26 51.82
CA ALA F 41 -18.33 -10.81 52.73
C ALA F 41 -18.96 -10.30 54.02
N HIS F 42 -18.21 -10.41 55.11
CA HIS F 42 -18.70 -10.00 56.42
C HIS F 42 -18.20 -8.59 56.71
N ASN F 43 -18.46 -7.66 55.80
CA ASN F 43 -18.05 -6.26 56.01
C ASN F 43 -19.05 -5.40 56.81
N TYR F 44 -20.25 -5.92 57.04
CA TYR F 44 -21.24 -5.24 57.89
C TYR F 44 -21.76 -6.13 59.00
N ASP F 45 -22.19 -5.51 60.10
CA ASP F 45 -22.99 -6.20 61.11
C ASP F 45 -24.33 -5.46 61.32
N PRO F 46 -25.31 -5.70 60.40
CA PRO F 46 -26.59 -4.97 60.41
C PRO F 46 -27.51 -5.31 61.58
N ILE F 47 -28.44 -4.40 61.91
CA ILE F 47 -29.56 -4.71 62.77
C ILE F 47 -30.29 -5.90 62.11
N PRO F 48 -30.58 -6.97 62.88
CA PRO F 48 -31.24 -8.12 62.26
C PRO F 48 -32.73 -7.92 61.89
N VAL F 49 -33.02 -6.95 61.01
CA VAL F 49 -34.34 -6.80 60.35
C VAL F 49 -34.09 -7.01 58.86
N VAL F 50 -34.95 -7.78 58.21
CA VAL F 50 -34.76 -8.11 56.80
C VAL F 50 -35.95 -7.52 56.03
N LEU F 51 -35.63 -6.46 55.28
CA LEU F 51 -36.61 -5.60 54.67
C LEU F 51 -36.93 -6.05 53.26
N LYS F 52 -38.20 -6.00 52.90
CA LYS F 52 -38.61 -6.34 51.53
C LYS F 52 -39.35 -5.24 50.80
N ARG F 53 -39.94 -4.30 51.52
CA ARG F 53 -40.76 -3.28 50.85
C ARG F 53 -40.73 -2.02 51.68
N ALA F 54 -40.98 -0.88 51.05
CA ALA F 54 -40.95 0.41 51.74
C ALA F 54 -41.81 1.46 51.02
N LYS F 55 -42.38 2.39 51.77
CA LYS F 55 -43.25 3.41 51.18
C LYS F 55 -43.32 4.62 52.10
N GLY F 56 -42.82 5.75 51.65
CA GLY F 56 -42.84 6.95 52.47
C GLY F 56 -42.06 6.79 53.76
N VAL F 57 -42.77 6.85 54.88
CA VAL F 57 -42.13 6.84 56.17
C VAL F 57 -41.89 5.40 56.68
N PHE F 58 -42.45 4.40 55.99
CA PHE F 58 -42.45 3.03 56.49
C PHE F 58 -41.60 2.05 55.69
N VAL F 59 -41.11 1.01 56.36
CA VAL F 59 -40.49 -0.15 55.73
C VAL F 59 -41.16 -1.39 56.30
N TYR F 60 -41.11 -2.48 55.54
CA TYR F 60 -41.83 -3.72 55.87
C TYR F 60 -40.87 -4.91 55.78
N ASP F 61 -40.79 -5.75 56.81
CA ASP F 61 -39.87 -6.90 56.77
C ASP F 61 -40.50 -8.14 56.15
N VAL F 62 -39.74 -9.23 56.06
CA VAL F 62 -40.23 -10.48 55.46
C VAL F 62 -41.44 -11.11 56.21
N ASN F 63 -41.66 -10.74 57.48
CA ASN F 63 -42.83 -11.18 58.26
C ASN F 63 -44.00 -10.21 58.15
N ASP F 64 -43.85 -9.20 57.30
CA ASP F 64 -44.85 -8.18 57.08
C ASP F 64 -45.06 -7.24 58.28
N LYS F 65 -44.07 -7.20 59.18
CA LYS F 65 -44.06 -6.20 60.24
C LYS F 65 -43.69 -4.84 59.66
N ARG F 66 -44.41 -3.80 60.10
CA ARG F 66 -44.17 -2.43 59.67
C ARG F 66 -43.35 -1.67 60.72
N TYR F 67 -42.33 -0.95 60.25
CA TYR F 67 -41.55 -0.06 61.11
C TYR F 67 -41.47 1.33 60.49
N TYR F 68 -41.43 2.33 61.35
CA TYR F 68 -40.99 3.68 61.01
C TYR F 68 -39.50 3.64 60.76
N ASP F 69 -39.10 4.19 59.61
CA ASP F 69 -37.69 4.28 59.28
C ASP F 69 -37.13 5.61 59.75
N PHE F 70 -36.32 5.55 60.80
CA PHE F 70 -35.73 6.75 61.39
C PHE F 70 -34.26 6.93 61.04
N LEU F 71 -33.85 6.21 60.01
CA LEU F 71 -32.53 6.38 59.42
C LEU F 71 -32.63 7.08 58.07
N SER F 72 -33.71 6.81 57.34
CA SER F 72 -33.95 7.36 55.99
C SER F 72 -32.79 7.05 55.04
N ALA F 73 -32.16 5.88 55.22
CA ALA F 73 -30.93 5.54 54.47
C ALA F 73 -29.91 6.68 54.55
N TYR F 74 -29.71 7.27 55.73
CA TYR F 74 -28.81 8.42 55.88
C TYR F 74 -29.17 9.61 54.96
N SER F 75 -30.46 9.92 54.93
CA SER F 75 -31.03 11.03 54.17
C SER F 75 -31.17 10.83 52.66
N SER F 76 -30.88 9.64 52.16
CA SER F 76 -31.18 9.33 50.76
C SER F 76 -32.66 9.36 50.47
N VAL F 77 -33.49 9.02 51.46
CA VAL F 77 -34.95 9.01 51.23
C VAL F 77 -35.69 10.13 51.99
N ASN F 78 -35.11 11.33 51.97
CA ASN F 78 -35.79 12.51 52.51
C ASN F 78 -37.20 12.63 51.95
N GLN F 79 -37.36 12.31 50.67
CA GLN F 79 -38.64 12.38 49.96
C GLN F 79 -39.59 11.26 50.36
N GLY F 80 -39.10 10.31 51.18
CA GLY F 80 -39.89 9.11 51.47
C GLY F 80 -39.45 8.00 50.55
N HIS F 81 -39.53 6.75 51.04
CA HIS F 81 -39.17 5.57 50.25
C HIS F 81 -40.07 5.42 49.06
N CYS F 82 -39.46 5.04 47.93
CA CYS F 82 -40.17 4.70 46.72
C CYS F 82 -41.22 5.74 46.26
N HIS F 83 -40.80 7.00 46.19
CA HIS F 83 -41.67 8.05 45.67
C HIS F 83 -42.04 7.83 44.20
N PRO F 84 -43.35 7.67 43.92
CA PRO F 84 -43.82 7.28 42.58
C PRO F 84 -43.46 8.27 41.47
N ASN F 85 -43.36 9.55 41.83
CA ASN F 85 -42.99 10.58 40.87
C ASN F 85 -41.53 10.39 40.47
N ILE F 86 -40.70 10.03 41.45
CA ILE F 86 -39.30 9.76 41.15
C ILE F 86 -39.17 8.48 40.31
N LEU F 87 -39.92 7.44 40.67
CA LEU F 87 -39.90 6.20 39.88
C LEU F 87 -40.33 6.45 38.43
N ASN F 88 -41.38 7.26 38.27
CA ASN F 88 -41.86 7.66 36.94
C ASN F 88 -40.78 8.33 36.10
N ALA F 89 -40.06 9.30 36.69
CA ALA F 89 -38.96 9.97 35.99
C ALA F 89 -37.88 8.98 35.55
N MET F 90 -37.58 8.02 36.43
CA MET F 90 -36.57 6.98 36.19
C MET F 90 -36.93 6.07 35.02
N ILE F 91 -38.17 5.59 35.02
CA ILE F 91 -38.71 4.75 33.94
C ILE F 91 -38.71 5.46 32.60
N ASN F 92 -39.19 6.71 32.59
CA ASN F 92 -39.25 7.52 31.38
C ASN F 92 -37.87 7.68 30.78
N GLN F 93 -36.88 7.96 31.62
CA GLN F 93 -35.52 8.13 31.12
C GLN F 93 -34.88 6.81 30.72
N ALA F 94 -35.04 5.79 31.58
CA ALA F 94 -34.41 4.48 31.35
C ALA F 94 -34.90 3.78 30.07
N LYS F 95 -36.15 4.05 29.69
CA LYS F 95 -36.68 3.59 28.39
C LYS F 95 -35.88 4.17 27.21
N ASN F 96 -35.27 5.34 27.42
CA ASN F 96 -34.58 6.07 26.35
C ASN F 96 -33.06 5.89 26.26
N LEU F 97 -32.38 6.11 27.40
CA LEU F 97 -30.92 6.16 27.47
C LEU F 97 -30.50 6.11 28.94
N THR F 98 -29.60 5.18 29.29
CA THR F 98 -29.16 5.04 30.70
C THR F 98 -27.71 5.42 30.89
N ILE F 99 -26.87 5.12 29.89
CA ILE F 99 -25.45 5.48 29.93
C ILE F 99 -24.85 5.50 28.52
N CYS F 100 -24.02 6.48 28.21
CA CYS F 100 -23.30 6.50 26.94
C CYS F 100 -21.83 6.75 27.19
N SER F 101 -21.51 7.07 28.45
CA SER F 101 -20.19 7.49 28.93
C SER F 101 -19.93 8.95 28.59
N ARG F 102 -18.94 9.52 29.28
CA ARG F 102 -18.54 10.89 29.13
C ARG F 102 -17.62 11.13 27.90
N ALA F 103 -17.40 10.07 27.13
CA ALA F 103 -16.85 10.17 25.78
C ALA F 103 -17.75 11.01 24.86
N PHE F 104 -19.05 11.02 25.17
CA PHE F 104 -20.07 11.74 24.39
C PHE F 104 -20.94 12.62 25.33
N PHE F 105 -21.76 13.49 24.75
CA PHE F 105 -22.71 14.30 25.50
C PHE F 105 -24.03 13.55 25.54
N SER F 106 -24.84 13.77 26.57
CA SER F 106 -26.23 13.31 26.59
C SER F 106 -27.11 14.51 26.89
N VAL F 107 -28.38 14.43 26.51
CA VAL F 107 -29.33 15.54 26.73
C VAL F 107 -29.58 15.87 28.21
N PRO F 108 -29.92 14.87 29.04
CA PRO F 108 -30.39 15.14 30.39
C PRO F 108 -29.35 15.80 31.31
N LEU F 109 -28.07 15.59 31.06
CA LEU F 109 -27.05 16.09 31.99
C LEU F 109 -27.10 17.62 32.12
N GLY F 110 -27.12 18.33 31.00
CA GLY F 110 -27.17 19.80 31.00
C GLY F 110 -28.39 20.42 31.64
N ILE F 111 -29.53 19.74 31.48
CA ILE F 111 -30.78 20.08 32.13
C ILE F 111 -30.63 20.00 33.65
N CYS F 112 -29.99 18.93 34.12
CA CYS F 112 -29.68 18.76 35.52
C CYS F 112 -28.74 19.85 36.02
N GLU F 113 -27.68 20.10 35.26
CA GLU F 113 -26.69 21.08 35.71
C GLU F 113 -27.30 22.48 35.77
N ARG F 114 -28.04 22.84 34.73
CA ARG F 114 -28.77 24.12 34.71
C ARG F 114 -29.73 24.22 35.90
N TYR F 115 -30.49 23.16 36.15
CA TYR F 115 -31.42 23.07 37.28
C TYR F 115 -30.73 23.28 38.62
N LEU F 116 -29.70 22.49 38.90
CA LEU F 116 -29.05 22.49 40.21
C LEU F 116 -28.36 23.80 40.52
N THR F 117 -27.67 24.34 39.53
CA THR F 117 -26.91 25.56 39.69
C THR F 117 -27.84 26.74 39.94
N ASN F 118 -28.93 26.79 39.21
CA ASN F 118 -29.92 27.85 39.35
C ASN F 118 -30.69 27.74 40.66
N LEU F 119 -30.92 26.51 41.11
CA LEU F 119 -31.62 26.27 42.36
C LEU F 119 -30.83 26.78 43.53
N LEU F 120 -29.52 26.54 43.50
CA LEU F 120 -28.69 26.81 44.68
C LEU F 120 -27.82 28.05 44.62
N GLY F 121 -27.69 28.65 43.43
CA GLY F 121 -26.98 29.93 43.31
C GLY F 121 -25.48 29.78 43.16
N TYR F 122 -25.07 28.80 42.36
CA TYR F 122 -23.65 28.59 42.02
C TYR F 122 -23.57 28.54 40.52
N ASP F 123 -22.49 29.06 39.96
CA ASP F 123 -22.27 29.00 38.52
C ASP F 123 -22.25 27.58 37.95
N LYS F 124 -21.49 26.68 38.56
CA LYS F 124 -21.31 25.33 37.97
C LYS F 124 -21.52 24.21 38.96
N VAL F 125 -21.73 23.02 38.41
CA VAL F 125 -21.81 21.81 39.18
C VAL F 125 -20.99 20.69 38.54
N LEU F 126 -20.46 19.80 39.37
CA LEU F 126 -19.75 18.60 38.90
C LEU F 126 -20.46 17.41 39.50
N MET F 127 -21.13 16.62 38.64
CA MET F 127 -21.96 15.48 39.01
C MET F 127 -21.12 14.20 39.14
N MET F 128 -21.29 13.50 40.27
CA MET F 128 -20.64 12.20 40.51
C MET F 128 -21.65 11.21 41.06
N ASN F 129 -21.14 10.09 41.57
CA ASN F 129 -21.98 9.02 42.09
C ASN F 129 -22.08 9.00 43.61
N THR F 130 -20.93 8.95 44.28
CA THR F 130 -20.89 8.71 45.74
C THR F 130 -20.43 9.93 46.53
N GLY F 131 -20.73 9.95 47.83
CA GLY F 131 -20.25 11.01 48.72
C GLY F 131 -18.74 11.04 48.81
N ALA F 132 -18.13 9.86 48.88
CA ALA F 132 -16.67 9.77 48.85
C ALA F 132 -16.08 10.43 47.59
N GLU F 133 -16.68 10.21 46.42
CA GLU F 133 -16.24 10.85 45.18
C GLU F 133 -16.36 12.37 45.21
N ALA F 134 -17.44 12.89 45.77
CA ALA F 134 -17.60 14.33 45.90
C ALA F 134 -16.48 14.88 46.82
N ASN F 135 -16.13 14.14 47.89
CA ASN F 135 -15.03 14.53 48.77
C ASN F 135 -13.71 14.56 48.03
N GLU F 136 -13.36 13.45 47.38
CA GLU F 136 -12.11 13.38 46.65
C GLU F 136 -12.06 14.49 45.60
N THR F 137 -13.15 14.67 44.89
CA THR F 137 -13.23 15.74 43.89
C THR F 137 -13.02 17.14 44.48
N ALA F 138 -13.66 17.42 45.61
CA ALA F 138 -13.49 18.68 46.28
C ALA F 138 -12.02 18.91 46.72
N TYR F 139 -11.35 17.87 47.25
CA TYR F 139 -9.94 17.99 47.64
C TYR F 139 -9.08 18.41 46.49
N LYS F 140 -9.29 17.81 45.32
CA LYS F 140 -8.52 18.11 44.12
C LYS F 140 -8.79 19.53 43.65
N LEU F 141 -10.06 19.91 43.62
CA LEU F 141 -10.46 21.26 43.25
C LEU F 141 -9.75 22.31 44.12
N CYS F 142 -9.78 22.12 45.44
CA CYS F 142 -9.24 23.09 46.38
C CYS F 142 -7.74 23.22 46.22
N ARG F 143 -7.06 22.08 46.10
CA ARG F 143 -5.62 22.09 45.88
C ARG F 143 -5.24 22.79 44.58
N LYS F 144 -5.95 22.51 43.49
CA LYS F 144 -5.69 23.16 42.22
C LYS F 144 -6.01 24.67 42.24
N TRP F 145 -7.07 25.07 42.96
CA TRP F 145 -7.35 26.49 43.17
C TRP F 145 -6.21 27.11 44.01
N GLY F 146 -5.76 26.37 45.03
CA GLY F 146 -4.61 26.78 45.86
C GLY F 146 -3.38 27.12 45.05
N TYR F 147 -3.02 26.26 44.10
CA TYR F 147 -1.89 26.51 43.20
C TYR F 147 -2.15 27.59 42.14
N GLU F 148 -3.26 27.46 41.41
CA GLU F 148 -3.54 28.29 40.24
C GLU F 148 -3.94 29.74 40.60
N VAL F 149 -4.70 29.90 41.69
CA VAL F 149 -5.19 31.21 42.09
C VAL F 149 -4.43 31.79 43.29
N LYS F 150 -4.35 31.04 44.39
CA LYS F 150 -3.71 31.55 45.60
C LYS F 150 -2.17 31.52 45.53
N LYS F 151 -1.61 30.74 44.60
CA LYS F 151 -0.16 30.65 44.31
C LYS F 151 0.65 30.00 45.44
N ILE F 152 0.07 29.00 46.07
CA ILE F 152 0.77 28.17 47.02
C ILE F 152 1.90 27.45 46.28
N PRO F 153 3.13 27.42 46.87
CA PRO F 153 4.24 26.69 46.25
C PRO F 153 3.85 25.27 45.87
N GLU F 154 4.29 24.81 44.70
CA GLU F 154 3.93 23.47 44.23
C GLU F 154 4.20 22.44 45.32
N ASN F 155 3.26 21.48 45.41
CA ASN F 155 3.25 20.34 46.36
C ASN F 155 2.85 20.68 47.79
N MET F 156 2.63 21.96 48.08
CA MET F 156 2.46 22.40 49.46
C MET F 156 1.02 22.65 49.90
N ALA F 157 0.04 22.54 48.99
CA ALA F 157 -1.34 22.88 49.36
C ALA F 157 -1.87 21.92 50.43
N LYS F 158 -2.42 22.51 51.49
CA LYS F 158 -2.87 21.79 52.67
C LYS F 158 -4.34 22.07 52.89
N ILE F 159 -5.10 21.02 53.19
CA ILE F 159 -6.54 21.11 53.47
C ILE F 159 -6.81 20.84 54.93
N VAL F 160 -7.62 21.68 55.55
CA VAL F 160 -7.95 21.57 56.96
C VAL F 160 -9.36 20.98 57.07
N VAL F 161 -9.51 19.96 57.92
CA VAL F 161 -10.85 19.44 58.21
C VAL F 161 -11.05 19.35 59.73
N CYS F 162 -12.22 18.88 60.15
CA CYS F 162 -12.52 18.68 61.56
C CYS F 162 -12.28 17.26 62.06
N LYS F 163 -11.75 17.17 63.29
CA LYS F 163 -11.61 15.89 64.01
C LYS F 163 -12.97 15.19 64.12
N PHE F 193 -3.14 17.36 54.54
CA PHE F 193 -4.26 17.52 55.48
C PHE F 193 -3.85 18.03 56.85
N SER F 194 -4.80 18.67 57.51
CA SER F 194 -4.61 19.24 58.83
C SER F 194 -5.94 19.13 59.58
N LYS F 195 -5.89 18.69 60.83
CA LYS F 195 -7.12 18.51 61.61
C LYS F 195 -7.29 19.59 62.67
N VAL F 196 -8.52 20.08 62.79
CA VAL F 196 -8.86 21.09 63.79
C VAL F 196 -10.11 20.62 64.56
N PRO F 197 -10.22 20.94 65.86
CA PRO F 197 -11.46 20.61 66.57
C PRO F 197 -12.64 21.39 66.03
N TYR F 198 -13.80 20.73 65.99
CA TYR F 198 -15.06 21.30 65.52
C TYR F 198 -15.58 22.35 66.50
N ASP F 199 -16.27 23.36 65.97
CA ASP F 199 -16.95 24.39 66.75
C ASP F 199 -15.97 25.24 67.59
N ASP F 200 -14.80 25.50 67.01
CA ASP F 200 -13.71 26.15 67.71
C ASP F 200 -13.02 27.15 66.77
N LEU F 201 -13.47 28.40 66.81
CA LEU F 201 -12.94 29.46 65.95
C LEU F 201 -11.46 29.78 66.21
N GLU F 202 -11.04 29.70 67.48
CA GLU F 202 -9.66 29.99 67.88
C GLU F 202 -8.68 29.04 67.19
N ALA F 203 -8.96 27.74 67.26
CA ALA F 203 -8.10 26.75 66.62
C ALA F 203 -8.11 26.95 65.10
N LEU F 204 -9.27 27.32 64.57
CA LEU F 204 -9.46 27.53 63.14
C LEU F 204 -8.52 28.64 62.67
N GLU F 205 -8.81 29.87 63.11
CA GLU F 205 -7.96 31.05 62.90
C GLU F 205 -6.48 30.69 62.83
N GLU F 206 -6.01 29.97 63.86
CA GLU F 206 -4.60 29.63 64.02
C GLU F 206 -4.07 28.73 62.91
N GLU F 207 -4.92 27.82 62.42
CA GLU F 207 -4.50 26.91 61.35
C GLU F 207 -4.46 27.60 59.99
N LEU F 208 -5.48 28.42 59.73
CA LEU F 208 -5.66 29.08 58.43
C LEU F 208 -4.66 30.22 58.24
N LYS F 209 -3.86 30.48 59.28
CA LYS F 209 -2.77 31.42 59.22
C LYS F 209 -1.63 30.89 58.36
N ASP F 210 -1.52 29.56 58.29
CA ASP F 210 -0.53 28.91 57.44
C ASP F 210 -0.90 29.26 55.99
N PRO F 211 0.01 29.95 55.27
CA PRO F 211 -0.24 30.37 53.88
C PRO F 211 -0.39 29.23 52.87
N ASN F 212 0.07 28.04 53.24
CA ASN F 212 -0.09 26.82 52.42
C ASN F 212 -1.47 26.17 52.48
N VAL F 213 -2.37 26.74 53.28
CA VAL F 213 -3.73 26.24 53.42
C VAL F 213 -4.58 26.76 52.27
N CYS F 214 -5.25 25.85 51.57
CA CYS F 214 -6.11 26.22 50.44
C CYS F 214 -7.62 26.17 50.74
N ALA F 215 -8.03 25.36 51.70
CA ALA F 215 -9.45 25.13 51.96
C ALA F 215 -9.66 24.59 53.35
N PHE F 216 -10.83 24.88 53.92
CA PHE F 216 -11.33 24.29 55.14
C PHE F 216 -12.64 23.59 54.77
N ILE F 217 -12.78 22.30 55.09
CA ILE F 217 -14.03 21.62 54.81
C ILE F 217 -14.73 21.17 56.09
N VAL F 218 -16.00 21.53 56.19
CA VAL F 218 -16.73 21.39 57.42
C VAL F 218 -18.19 21.04 57.15
N GLU F 219 -18.75 20.17 57.96
CA GLU F 219 -20.18 19.86 57.95
C GLU F 219 -20.92 20.86 58.83
N PRO F 220 -22.05 21.41 58.35
CA PRO F 220 -22.85 22.33 59.17
C PRO F 220 -23.35 21.72 60.48
N ILE F 221 -23.44 20.39 60.53
CA ILE F 221 -23.77 19.63 61.73
C ILE F 221 -23.02 18.32 61.54
N GLN F 222 -22.15 17.96 62.49
CA GLN F 222 -21.36 16.76 62.35
C GLN F 222 -22.23 15.50 62.49
N GLY F 223 -22.30 14.71 61.42
CA GLY F 223 -23.19 13.55 61.39
C GLY F 223 -22.63 12.41 62.19
N GLU F 224 -21.57 11.80 61.67
CA GLU F 224 -21.06 10.55 62.22
C GLU F 224 -20.35 10.77 63.56
N ALA F 225 -19.97 12.01 63.85
CA ALA F 225 -19.48 12.36 65.17
C ALA F 225 -20.61 12.26 66.19
N GLY F 226 -21.85 12.37 65.71
CA GLY F 226 -23.01 12.07 66.53
C GLY F 226 -24.01 13.19 66.56
N VAL F 227 -24.25 13.79 65.40
CA VAL F 227 -25.23 14.88 65.23
C VAL F 227 -24.86 16.04 66.15
N ILE F 228 -23.60 16.46 66.05
CA ILE F 228 -23.07 17.57 66.83
C ILE F 228 -23.40 18.92 66.16
N VAL F 229 -24.33 19.64 66.77
CA VAL F 229 -24.77 20.93 66.28
C VAL F 229 -23.86 22.04 66.85
N PRO F 230 -23.29 22.89 65.97
CA PRO F 230 -22.33 23.88 66.49
C PRO F 230 -23.10 25.07 67.06
N SER F 231 -22.41 25.95 67.79
CA SER F 231 -23.05 27.15 68.32
C SER F 231 -23.49 28.05 67.19
N ASP F 232 -24.51 28.86 67.43
CA ASP F 232 -24.83 29.96 66.52
C ASP F 232 -23.53 30.74 66.36
N ASN F 233 -23.34 31.34 65.19
CA ASN F 233 -22.15 32.15 64.90
C ASN F 233 -20.92 31.35 64.47
N TYR F 234 -20.93 30.02 64.64
CA TYR F 234 -19.77 29.20 64.23
C TYR F 234 -19.51 29.36 62.73
N LEU F 235 -20.56 29.12 61.94
CA LEU F 235 -20.48 29.17 60.48
C LEU F 235 -20.23 30.60 59.96
N GLN F 236 -20.77 31.60 60.65
CA GLN F 236 -20.41 33.00 60.36
C GLN F 236 -18.92 33.23 60.62
N GLY F 237 -18.41 32.65 61.70
CA GLY F 237 -17.01 32.77 62.04
C GLY F 237 -16.13 32.06 61.03
N VAL F 238 -16.58 30.90 60.55
CA VAL F 238 -15.84 30.13 59.55
C VAL F 238 -15.74 31.00 58.30
N TYR F 239 -16.88 31.48 57.85
CA TYR F 239 -17.01 32.42 56.76
C TYR F 239 -15.96 33.55 56.87
N ASP F 240 -16.01 34.31 57.97
CA ASP F 240 -15.15 35.48 58.16
C ASP F 240 -13.67 35.15 58.16
N ILE F 241 -13.29 34.09 58.88
CA ILE F 241 -11.91 33.65 58.93
C ILE F 241 -11.37 33.19 57.57
N CYS F 242 -12.18 32.44 56.82
CA CYS F 242 -11.79 31.94 55.49
C CYS F 242 -11.55 33.10 54.52
N LYS F 243 -12.49 34.05 54.54
CA LYS F 243 -12.38 35.28 53.76
C LYS F 243 -11.13 36.09 54.14
N LYS F 244 -10.86 36.23 55.43
CA LYS F 244 -9.70 36.99 55.93
C LYS F 244 -8.37 36.38 55.49
N TYR F 245 -8.31 35.05 55.45
CA TYR F 245 -7.07 34.39 55.11
C TYR F 245 -7.07 33.82 53.68
N ASN F 246 -8.10 34.15 52.90
CA ASN F 246 -8.25 33.70 51.51
C ASN F 246 -8.23 32.16 51.37
N VAL F 247 -9.10 31.52 52.14
CA VAL F 247 -9.19 30.07 52.21
C VAL F 247 -10.62 29.73 51.79
N LEU F 248 -10.75 28.76 50.90
CA LEU F 248 -12.06 28.31 50.41
C LEU F 248 -12.83 27.70 51.54
N PHE F 249 -14.06 28.15 51.69
CA PHE F 249 -15.01 27.60 52.63
C PHE F 249 -15.87 26.55 51.93
N VAL F 250 -15.59 25.29 52.25
CA VAL F 250 -16.29 24.14 51.65
C VAL F 250 -17.29 23.58 52.67
N ALA F 251 -18.57 23.75 52.38
CA ALA F 251 -19.63 23.15 53.18
C ALA F 251 -20.06 21.78 52.63
N ASP F 252 -19.90 20.76 53.46
CA ASP F 252 -20.29 19.41 53.13
C ASP F 252 -21.73 19.22 53.58
N GLU F 253 -22.65 19.22 52.63
CA GLU F 253 -24.08 19.21 52.90
C GLU F 253 -24.67 17.90 52.39
N VAL F 254 -23.82 16.88 52.28
CA VAL F 254 -24.26 15.54 51.78
C VAL F 254 -25.38 14.92 52.63
N GLN F 255 -25.31 15.11 53.95
CA GLN F 255 -26.34 14.67 54.91
C GLN F 255 -27.26 15.79 55.36
N THR F 256 -26.74 17.01 55.47
CA THR F 256 -27.48 18.12 56.09
C THR F 256 -28.36 18.87 55.11
N GLY F 257 -28.04 18.74 53.83
CA GLY F 257 -28.72 19.52 52.80
C GLY F 257 -30.05 18.95 52.44
N LEU F 258 -30.72 19.60 51.48
CA LEU F 258 -31.91 19.07 50.81
C LEU F 258 -33.08 18.77 51.77
N GLY F 259 -33.32 19.73 52.67
CA GLY F 259 -34.54 19.74 53.47
C GLY F 259 -34.37 19.17 54.88
N ARG F 260 -33.33 18.36 55.07
CA ARG F 260 -33.12 17.61 56.31
C ARG F 260 -33.16 18.44 57.59
N THR F 261 -32.55 19.62 57.57
CA THR F 261 -32.61 20.50 58.73
C THR F 261 -33.68 21.61 58.56
N GLY F 262 -34.55 21.46 57.58
CA GLY F 262 -35.58 22.45 57.30
C GLY F 262 -35.29 23.49 56.21
N LYS F 263 -34.10 23.43 55.60
CA LYS F 263 -33.68 24.33 54.51
C LYS F 263 -33.09 23.52 53.35
N LEU F 264 -33.00 24.12 52.17
CA LEU F 264 -32.34 23.47 51.02
C LEU F 264 -30.87 23.19 51.32
N LEU F 265 -30.24 24.08 52.08
CA LEU F 265 -28.92 23.84 52.64
C LEU F 265 -28.93 24.28 54.09
N CYS F 266 -28.36 23.46 54.97
CA CYS F 266 -28.27 23.81 56.39
C CYS F 266 -27.63 25.18 56.60
N VAL F 267 -26.71 25.51 55.69
CA VAL F 267 -25.95 26.73 55.76
C VAL F 267 -26.89 27.96 55.56
N HIS F 268 -28.03 27.75 54.88
CA HIS F 268 -29.09 28.75 54.73
C HIS F 268 -29.76 29.22 56.03
N HIS F 269 -29.60 28.48 57.13
CA HIS F 269 -30.12 28.93 58.43
C HIS F 269 -29.37 30.16 58.91
N TYR F 270 -28.09 30.23 58.52
CA TYR F 270 -27.15 31.20 59.04
C TYR F 270 -26.81 32.28 58.02
N ASN F 271 -27.52 32.27 56.88
CA ASN F 271 -27.22 33.11 55.71
C ASN F 271 -25.74 33.34 55.41
N VAL F 272 -25.01 32.24 55.38
CA VAL F 272 -23.62 32.23 55.00
C VAL F 272 -23.58 31.56 53.62
N LYS F 273 -22.64 32.01 52.78
CA LYS F 273 -22.42 31.42 51.46
C LYS F 273 -21.04 30.81 51.35
N PRO F 274 -20.98 29.47 51.43
CA PRO F 274 -19.71 28.79 51.19
C PRO F 274 -19.23 29.01 49.76
N ASP F 275 -17.92 28.93 49.57
CA ASP F 275 -17.30 28.97 48.24
C ASP F 275 -17.57 27.69 47.48
N VAL F 276 -17.64 26.57 48.20
CA VAL F 276 -17.95 25.26 47.56
C VAL F 276 -18.98 24.49 48.38
N ILE F 277 -19.93 23.85 47.69
CA ILE F 277 -20.95 23.00 48.29
C ILE F 277 -20.78 21.49 47.87
N LEU F 278 -20.84 20.58 48.84
CA LEU F 278 -20.96 19.13 48.54
C LEU F 278 -22.37 18.64 48.83
N LEU F 279 -22.97 18.01 47.82
CA LEU F 279 -24.32 17.41 47.89
C LEU F 279 -24.29 15.91 47.56
N GLY F 280 -25.28 15.18 48.08
CA GLY F 280 -25.43 13.75 47.79
C GLY F 280 -26.76 13.21 48.25
N LYS F 281 -26.78 11.92 48.59
CA LYS F 281 -27.94 11.26 49.23
C LYS F 281 -29.32 11.57 48.61
N ALA F 282 -30.05 12.52 49.18
CA ALA F 282 -31.42 12.83 48.74
C ALA F 282 -31.50 13.38 47.31
N LEU F 283 -30.35 13.71 46.73
CA LEU F 283 -30.25 14.06 45.30
C LEU F 283 -30.99 13.06 44.42
N SER F 284 -31.07 11.81 44.85
CA SER F 284 -31.71 10.76 44.05
C SER F 284 -33.04 10.25 44.61
N GLY F 285 -33.41 10.70 45.81
CA GLY F 285 -34.56 10.14 46.53
C GLY F 285 -34.35 8.65 46.73
N GLY F 286 -33.07 8.24 46.79
CA GLY F 286 -32.69 6.86 46.98
C GLY F 286 -32.71 5.94 45.78
N HIS F 287 -33.05 6.46 44.60
CA HIS F 287 -33.20 5.60 43.41
C HIS F 287 -31.90 5.33 42.66
N TYR F 288 -30.82 6.00 43.07
CA TYR F 288 -29.54 5.98 42.36
C TYR F 288 -28.44 6.64 43.21
N PRO F 289 -27.17 6.19 43.11
CA PRO F 289 -26.08 6.95 43.75
C PRO F 289 -25.77 8.25 43.02
N ILE F 290 -26.09 9.40 43.60
CA ILE F 290 -25.87 10.70 42.91
C ILE F 290 -25.18 11.64 43.91
N SER F 291 -24.07 12.26 43.49
CA SER F 291 -23.46 13.29 44.33
C SER F 291 -23.08 14.46 43.45
N ALA F 292 -22.63 15.55 44.05
CA ALA F 292 -22.40 16.79 43.31
C ALA F 292 -21.51 17.74 44.06
N VAL F 293 -20.68 18.46 43.31
CA VAL F 293 -19.88 19.56 43.86
C VAL F 293 -20.26 20.85 43.12
N LEU F 294 -20.62 21.89 43.88
CA LEU F 294 -20.98 23.21 43.31
C LEU F 294 -19.98 24.28 43.71
N ALA F 295 -19.63 25.14 42.75
CA ALA F 295 -18.77 26.27 43.01
C ALA F 295 -18.99 27.29 41.91
N ASN F 296 -18.67 28.55 42.21
CA ASN F 296 -18.67 29.55 41.16
C ASN F 296 -17.47 29.38 40.23
N ASP F 297 -17.56 30.02 39.07
CA ASP F 297 -16.56 29.91 38.00
C ASP F 297 -15.11 30.17 38.40
N ASP F 298 -14.85 31.18 39.23
CA ASP F 298 -13.45 31.51 39.56
C ASP F 298 -12.73 30.35 40.25
N ILE F 299 -13.52 29.48 40.86
CA ILE F 299 -13.00 28.25 41.47
C ILE F 299 -13.09 27.07 40.51
N MET F 300 -14.27 26.84 39.95
CA MET F 300 -14.53 25.62 39.17
C MET F 300 -13.68 25.56 37.90
N LEU F 301 -13.48 26.70 37.24
CA LEU F 301 -12.83 26.73 35.92
C LEU F 301 -11.37 26.25 35.97
N VAL F 302 -10.87 26.14 37.19
CA VAL F 302 -9.55 25.60 37.49
C VAL F 302 -9.47 24.11 37.05
N ILE F 303 -10.61 23.43 37.00
CA ILE F 303 -10.70 22.07 36.48
C ILE F 303 -10.60 22.06 34.94
N LYS F 304 -9.70 21.20 34.46
CA LYS F 304 -9.45 21.01 33.03
C LYS F 304 -9.83 19.59 32.61
N PRO F 305 -10.11 19.38 31.30
CA PRO F 305 -10.45 18.03 30.84
C PRO F 305 -9.28 17.04 30.99
N GLY F 306 -9.61 15.76 31.10
CA GLY F 306 -8.62 14.70 31.27
C GLY F 306 -8.43 14.43 32.75
N GLU F 307 -8.91 13.28 33.21
CA GLU F 307 -8.97 12.93 34.65
C GLU F 307 -9.37 11.47 34.88
N HIS F 308 -10.67 11.20 34.83
CA HIS F 308 -11.28 9.86 34.99
C HIS F 308 -11.52 9.42 36.44
N GLY F 309 -12.79 9.38 36.83
CA GLY F 309 -13.20 9.03 38.18
C GLY F 309 -14.58 8.38 38.21
N SER F 310 -14.73 7.38 37.35
CA SER F 310 -15.97 6.59 37.12
C SER F 310 -16.75 7.10 35.91
N THR F 311 -16.97 6.15 35.00
CA THR F 311 -17.69 6.39 33.78
C THR F 311 -19.15 6.74 34.08
N TYR F 312 -19.67 6.38 35.27
CA TYR F 312 -21.08 6.66 35.60
C TYR F 312 -21.39 8.10 36.04
N GLY F 313 -20.37 8.87 36.41
CA GLY F 313 -20.55 10.28 36.81
C GLY F 313 -21.30 11.04 35.73
N GLY F 314 -22.45 11.59 36.08
CA GLY F 314 -23.13 12.49 35.16
C GLY F 314 -23.88 11.75 34.06
N ASN F 315 -24.18 10.47 34.28
CA ASN F 315 -24.96 9.67 33.30
C ASN F 315 -26.39 10.22 33.15
N PRO F 316 -26.99 10.04 31.96
CA PRO F 316 -28.36 10.54 31.74
C PRO F 316 -29.43 9.97 32.67
N LEU F 317 -29.28 8.73 33.15
CA LEU F 317 -30.29 8.21 34.06
C LEU F 317 -30.23 8.95 35.38
N ALA F 318 -29.03 9.12 35.96
CA ALA F 318 -28.90 9.86 37.22
C ALA F 318 -29.39 11.30 37.04
N ALA F 319 -29.08 11.90 35.88
CA ALA F 319 -29.45 13.29 35.63
C ALA F 319 -30.96 13.57 35.66
N SER F 320 -31.73 12.68 35.04
CA SER F 320 -33.20 12.80 35.08
C SER F 320 -33.81 12.49 36.44
N ILE F 321 -33.27 11.48 37.11
CA ILE F 321 -33.71 11.14 38.45
C ILE F 321 -33.49 12.31 39.39
N CYS F 322 -32.32 12.94 39.33
CA CYS F 322 -31.96 14.05 40.19
C CYS F 322 -32.94 15.24 40.08
N VAL F 323 -33.25 15.66 38.84
CA VAL F 323 -34.20 16.78 38.57
C VAL F 323 -35.56 16.54 39.21
N GLU F 324 -36.11 15.34 39.03
CA GLU F 324 -37.40 15.01 39.64
C GLU F 324 -37.34 14.84 41.17
N ALA F 325 -36.23 14.31 41.68
CA ALA F 325 -36.06 14.15 43.14
C ALA F 325 -36.05 15.51 43.84
N LEU F 326 -35.43 16.50 43.21
CA LEU F 326 -35.44 17.86 43.74
C LEU F 326 -36.82 18.51 43.55
N ASN F 327 -37.47 18.23 42.41
CA ASN F 327 -38.85 18.69 42.14
C ASN F 327 -39.80 18.27 43.24
N VAL F 328 -39.74 17.00 43.62
CA VAL F 328 -40.54 16.46 44.73
C VAL F 328 -40.27 17.19 46.02
N LEU F 329 -38.99 17.40 46.35
CA LEU F 329 -38.63 18.09 47.59
C LEU F 329 -39.27 19.48 47.64
N ILE F 330 -39.13 20.20 46.53
CA ILE F 330 -39.56 21.59 46.45
C ILE F 330 -41.09 21.70 46.36
N ASN F 331 -41.70 21.00 45.39
CA ASN F 331 -43.16 21.02 45.23
C ASN F 331 -43.94 20.56 46.46
N GLU F 332 -43.42 19.55 47.17
CA GLU F 332 -44.10 19.05 48.34
C GLU F 332 -43.71 19.81 49.59
N LYS F 333 -42.87 20.83 49.43
CA LYS F 333 -42.46 21.69 50.53
C LYS F 333 -41.93 20.89 51.74
N LEU F 334 -41.10 19.88 51.46
CA LEU F 334 -40.53 19.04 52.52
C LEU F 334 -39.58 19.83 53.44
N CYS F 335 -38.84 20.80 52.91
CA CYS F 335 -38.03 21.67 53.79
C CYS F 335 -38.92 22.39 54.81
N GLU F 336 -40.07 22.86 54.35
CA GLU F 336 -40.98 23.62 55.19
C GLU F 336 -41.56 22.71 56.29
N ASN F 337 -41.92 21.49 55.91
CA ASN F 337 -42.42 20.49 56.86
C ASN F 337 -41.40 20.12 57.95
N ALA F 338 -40.17 19.86 57.56
CA ALA F 338 -39.10 19.56 58.55
C ALA F 338 -38.82 20.74 59.49
N GLU F 339 -38.77 21.94 58.91
CA GLU F 339 -38.63 23.21 59.62
C GLU F 339 -39.81 23.37 60.63
N LYS F 340 -41.02 23.15 60.15
CA LYS F 340 -42.21 23.21 61.00
C LYS F 340 -42.21 22.19 62.15
N LEU F 341 -41.95 20.92 61.82
CA LEU F 341 -42.17 19.81 62.74
C LEU F 341 -40.98 19.49 63.66
N GLY F 342 -39.80 19.96 63.30
CA GLY F 342 -38.57 19.57 64.00
C GLY F 342 -38.38 20.14 65.38
N GLY F 343 -38.61 21.44 65.51
CA GLY F 343 -38.38 22.16 66.76
C GLY F 343 -39.25 21.67 67.91
N PRO F 344 -40.58 21.62 67.71
CA PRO F 344 -41.48 21.06 68.72
C PRO F 344 -41.20 19.59 69.09
N PHE F 345 -40.94 18.75 68.09
CA PHE F 345 -40.55 17.36 68.32
C PHE F 345 -39.29 17.24 69.20
N LEU F 346 -38.26 18.00 68.87
CA LEU F 346 -37.08 18.06 69.72
C LEU F 346 -37.47 18.58 71.11
N GLU F 347 -38.22 19.68 71.19
CA GLU F 347 -38.60 20.26 72.49
C GLU F 347 -39.44 19.32 73.34
N ASN F 348 -40.45 18.70 72.71
CA ASN F 348 -41.25 17.68 73.35
C ASN F 348 -40.48 16.42 73.80
N LEU F 349 -39.35 16.11 73.14
CA LEU F 349 -38.51 14.96 73.50
C LEU F 349 -37.55 15.27 74.65
N LYS F 350 -36.97 16.46 74.62
CA LYS F 350 -36.11 16.91 75.72
C LYS F 350 -36.92 16.89 77.02
N ARG F 351 -38.20 17.22 76.89
CA ARG F 351 -39.13 17.33 78.03
C ARG F 351 -39.50 15.99 78.64
N GLU F 352 -39.97 15.06 77.79
CA GLU F 352 -40.41 13.76 78.27
C GLU F 352 -39.27 12.89 78.80
N LEU F 353 -38.05 13.16 78.34
CA LEU F 353 -36.88 12.41 78.75
C LEU F 353 -36.05 13.18 79.75
N LYS F 354 -36.66 14.23 80.31
CA LYS F 354 -36.01 15.13 81.26
C LYS F 354 -35.69 14.39 82.56
N ASP F 355 -36.65 13.58 83.02
CA ASP F 355 -36.47 12.73 84.19
C ASP F 355 -35.47 11.60 83.93
N SER F 356 -35.36 11.14 82.68
CA SER F 356 -34.51 9.98 82.34
C SER F 356 -33.05 10.11 82.77
N LYS F 357 -32.61 9.14 83.56
CA LYS F 357 -31.25 9.07 84.05
C LYS F 357 -30.25 8.75 82.95
N ILE F 358 -30.63 7.88 82.03
CA ILE F 358 -29.72 7.36 80.99
C ILE F 358 -29.47 8.31 79.80
N VAL F 359 -30.34 9.31 79.65
CA VAL F 359 -30.21 10.29 78.56
C VAL F 359 -29.23 11.42 78.92
N ARG F 360 -28.15 11.56 78.15
CA ARG F 360 -27.20 12.69 78.33
C ARG F 360 -27.64 13.99 77.62
N ASP F 361 -28.14 13.87 76.40
CA ASP F 361 -28.44 15.03 75.58
C ASP F 361 -29.45 14.69 74.50
N VAL F 362 -30.45 15.55 74.33
CA VAL F 362 -31.37 15.48 73.20
C VAL F 362 -31.17 16.75 72.34
N ARG F 363 -30.76 16.55 71.08
CA ARG F 363 -30.29 17.66 70.22
C ARG F 363 -30.67 17.48 68.75
N GLY F 364 -30.47 18.55 67.97
CA GLY F 364 -30.75 18.51 66.54
C GLY F 364 -31.33 19.78 65.95
N LYS F 365 -31.56 19.72 64.65
CA LYS F 365 -32.09 20.86 63.91
C LYS F 365 -32.97 20.30 62.80
N GLY F 366 -34.17 20.88 62.68
CA GLY F 366 -35.18 20.35 61.79
C GLY F 366 -35.38 18.88 62.10
N LEU F 367 -35.24 18.03 61.09
CA LEU F 367 -35.47 16.59 61.30
C LEU F 367 -34.14 15.80 61.34
N LEU F 368 -33.06 16.52 61.58
CA LEU F 368 -31.80 15.92 61.90
C LEU F 368 -31.67 15.94 63.41
N CYS F 369 -32.17 14.89 64.06
CA CYS F 369 -32.17 14.76 65.51
C CYS F 369 -31.39 13.54 66.05
N ALA F 370 -31.10 13.56 67.34
CA ALA F 370 -30.37 12.48 68.02
C ALA F 370 -30.61 12.47 69.52
N ILE F 371 -30.51 11.29 70.13
CA ILE F 371 -30.42 11.19 71.58
C ILE F 371 -29.08 10.58 71.93
N GLU F 372 -28.30 11.30 72.72
CA GLU F 372 -27.07 10.78 73.26
C GLU F 372 -27.42 10.18 74.61
N PHE F 373 -26.88 9.00 74.86
CA PHE F 373 -27.09 8.28 76.12
C PHE F 373 -25.85 8.19 76.97
N LYS F 374 -26.07 7.98 78.27
CA LYS F 374 -24.98 7.70 79.18
C LYS F 374 -24.54 6.27 78.94
N ASN F 375 -23.57 6.16 78.04
CA ASN F 375 -22.82 4.97 77.69
C ASN F 375 -22.53 4.01 78.86
N GLU F 376 -22.43 4.57 80.07
CA GLU F 376 -22.12 3.81 81.28
C GLU F 376 -23.35 3.14 81.87
N LEU F 377 -24.51 3.74 81.62
CA LEU F 377 -25.76 3.33 82.26
C LEU F 377 -26.71 2.53 81.36
N VAL F 378 -26.40 2.48 80.06
CA VAL F 378 -27.18 1.70 79.10
C VAL F 378 -26.33 1.15 77.98
N ASN F 379 -26.78 0.03 77.43
CA ASN F 379 -26.26 -0.43 76.14
C ASN F 379 -27.13 0.14 75.03
N VAL F 380 -26.51 1.00 74.21
CA VAL F 380 -27.21 1.73 73.17
C VAL F 380 -27.63 0.82 72.00
N LEU F 381 -26.82 -0.18 71.67
CA LEU F 381 -27.26 -1.21 70.71
C LEU F 381 -28.55 -1.92 71.14
N ASP F 382 -28.66 -2.28 72.43
CA ASP F 382 -29.89 -2.86 72.99
C ASP F 382 -31.10 -1.94 72.87
N ILE F 383 -30.91 -0.63 73.06
CA ILE F 383 -32.01 0.32 72.83
C ILE F 383 -32.47 0.32 71.37
N CYS F 384 -31.52 0.31 70.44
CA CYS F 384 -31.86 0.19 69.02
C CYS F 384 -32.67 -1.05 68.74
N LEU F 385 -32.29 -2.17 69.37
CA LEU F 385 -33.02 -3.43 69.18
C LEU F 385 -34.42 -3.40 69.77
N LYS F 386 -34.58 -2.74 70.92
CA LYS F 386 -35.91 -2.63 71.55
C LYS F 386 -36.77 -1.65 70.79
N LEU F 387 -36.14 -0.63 70.25
CA LEU F 387 -36.84 0.34 69.39
C LEU F 387 -37.42 -0.42 68.18
N LYS F 388 -36.62 -1.31 67.58
CA LYS F 388 -37.05 -2.17 66.47
C LYS F 388 -38.29 -3.00 66.81
N GLU F 389 -38.24 -3.63 67.98
CA GLU F 389 -39.34 -4.43 68.51
C GLU F 389 -40.57 -3.54 68.64
N ASN F 390 -40.38 -2.31 69.10
CA ASN F 390 -41.50 -1.39 69.22
C ASN F 390 -41.91 -0.68 67.93
N GLY F 391 -41.30 -1.02 66.80
CA GLY F 391 -41.79 -0.55 65.50
C GLY F 391 -41.11 0.68 64.94
N LEU F 392 -39.91 0.97 65.41
CA LEU F 392 -39.10 2.09 64.90
C LEU F 392 -37.66 1.63 64.68
N ILE F 393 -37.14 1.77 63.45
CA ILE F 393 -35.74 1.37 63.21
C ILE F 393 -34.76 2.52 63.05
N THR F 394 -33.61 2.37 63.71
CA THR F 394 -32.46 3.26 63.55
C THR F 394 -31.14 2.57 63.88
N ARG F 395 -30.08 3.37 63.93
CA ARG F 395 -28.70 2.95 64.20
C ARG F 395 -28.09 3.91 65.23
N ASP F 396 -27.21 3.38 66.04
CA ASP F 396 -26.45 4.17 67.00
C ASP F 396 -25.11 4.58 66.43
N VAL F 397 -24.59 5.71 66.91
CA VAL F 397 -23.29 6.22 66.53
C VAL F 397 -22.33 6.07 67.71
N HIS F 398 -21.12 5.56 67.45
CA HIS F 398 -20.04 5.49 68.46
C HIS F 398 -20.49 4.79 69.75
N ASP F 399 -21.43 3.87 69.61
CA ASP F 399 -22.26 3.32 70.71
C ASP F 399 -22.71 4.27 71.83
N LYS F 400 -23.03 5.51 71.48
CA LYS F 400 -23.61 6.43 72.47
C LYS F 400 -24.85 7.21 72.02
N THR F 401 -24.97 7.45 70.72
CA THR F 401 -26.01 8.35 70.20
C THR F 401 -26.89 7.66 69.16
N ILE F 402 -28.20 7.81 69.29
CA ILE F 402 -29.15 7.26 68.33
C ILE F 402 -29.64 8.33 67.35
N ARG F 403 -29.39 8.13 66.07
CA ARG F 403 -29.95 8.99 65.01
C ARG F 403 -31.48 8.94 65.00
N LEU F 404 -32.12 10.10 64.92
CA LEU F 404 -33.57 10.16 64.72
C LEU F 404 -33.81 11.01 63.48
N THR F 405 -33.95 10.32 62.34
CA THR F 405 -33.84 10.94 61.03
C THR F 405 -34.88 10.35 60.06
N PRO F 406 -36.17 10.64 60.30
CA PRO F 406 -37.25 10.10 59.47
C PRO F 406 -37.35 10.83 58.13
N PRO F 407 -38.01 10.20 57.14
CA PRO F 407 -38.30 10.91 55.91
C PRO F 407 -39.04 12.22 56.19
N LEU F 408 -38.84 13.21 55.33
CA LEU F 408 -39.34 14.57 55.59
C LEU F 408 -40.84 14.74 55.34
N CYS F 409 -41.47 13.69 54.83
CA CYS F 409 -42.91 13.69 54.60
C CYS F 409 -43.69 13.12 55.81
N ILE F 410 -42.99 12.92 56.94
CA ILE F 410 -43.62 12.47 58.17
C ILE F 410 -44.62 13.53 58.69
N THR F 411 -45.75 13.05 59.21
CA THR F 411 -46.81 13.93 59.74
C THR F 411 -46.63 14.26 61.22
N LYS F 412 -47.30 15.33 61.69
CA LYS F 412 -47.23 15.72 63.10
C LYS F 412 -47.66 14.54 63.97
N GLU F 413 -48.69 13.84 63.52
CA GLU F 413 -49.29 12.72 64.21
C GLU F 413 -48.38 11.50 64.29
N GLN F 414 -47.81 11.13 63.15
CA GLN F 414 -46.80 10.09 63.08
C GLN F 414 -45.61 10.41 64.01
N LEU F 415 -45.13 11.64 63.96
CA LEU F 415 -44.09 12.12 64.85
C LEU F 415 -44.50 12.01 66.34
N ASP F 416 -45.78 12.28 66.63
CA ASP F 416 -46.38 12.06 67.97
C ASP F 416 -46.28 10.58 68.40
N GLU F 417 -46.73 9.68 67.53
CA GLU F 417 -46.61 8.25 67.76
C GLU F 417 -45.17 7.85 68.04
N CYS F 418 -44.26 8.31 67.19
CA CYS F 418 -42.85 7.95 67.29
C CYS F 418 -42.25 8.44 68.60
N THR F 419 -42.64 9.65 69.01
CA THR F 419 -42.27 10.15 70.34
C THR F 419 -42.67 9.18 71.45
N GLU F 420 -43.90 8.67 71.41
CA GLU F 420 -44.35 7.68 72.40
C GLU F 420 -43.58 6.33 72.33
N ILE F 421 -43.25 5.88 71.11
CA ILE F 421 -42.38 4.71 70.94
C ILE F 421 -41.01 4.94 71.60
N ILE F 422 -40.41 6.07 71.28
CA ILE F 422 -39.08 6.39 71.80
C ILE F 422 -39.06 6.55 73.34
N VAL F 423 -40.10 7.17 73.88
CA VAL F 423 -40.17 7.39 75.32
C VAL F 423 -40.42 6.07 76.07
N LYS F 424 -41.37 5.28 75.58
CA LYS F 424 -41.61 3.92 76.08
C LYS F 424 -40.30 3.13 76.10
N THR F 425 -39.53 3.21 75.00
CA THR F 425 -38.34 2.38 74.88
C THR F 425 -37.27 2.82 75.86
N VAL F 426 -37.05 4.11 75.99
CA VAL F 426 -36.02 4.62 76.90
C VAL F 426 -36.35 4.27 78.36
N LYS F 427 -37.63 4.30 78.70
CA LYS F 427 -38.08 4.00 80.06
C LYS F 427 -38.03 2.52 80.38
N PHE F 428 -37.97 1.67 79.35
CA PHE F 428 -37.66 0.27 79.53
C PHE F 428 -36.30 0.16 80.20
N PHE F 429 -35.39 1.06 79.83
CA PHE F 429 -34.00 0.95 80.26
C PHE F 429 -33.67 1.76 81.52
N ASP F 430 -34.69 2.39 82.11
CA ASP F 430 -34.55 2.98 83.45
C ASP F 430 -35.78 2.73 84.34
#